data_1RCI
# 
_entry.id   1RCI 
# 
_audit_conform.dict_name       mmcif_pdbx.dic 
_audit_conform.dict_version    5.381 
_audit_conform.dict_location   http://mmcif.pdb.org/dictionaries/ascii/mmcif_pdbx.dic 
# 
loop_
_database_2.database_id 
_database_2.database_code 
_database_2.pdbx_database_accession 
_database_2.pdbx_DOI 
PDB   1RCI         pdb_00001rci 10.2210/pdb1rci/pdb 
WWPDB D_1000176017 ?            ?                   
# 
_pdbx_database_status.status_code                     REL 
_pdbx_database_status.entry_id                        1RCI 
_pdbx_database_status.recvd_initial_deposition_date   1995-08-04 
_pdbx_database_status.deposit_site                    ? 
_pdbx_database_status.process_site                    BNL 
_pdbx_database_status.SG_entry                        . 
_pdbx_database_status.pdb_format_compatible           Y 
_pdbx_database_status.status_code_mr                  ? 
_pdbx_database_status.status_code_sf                  ? 
_pdbx_database_status.status_code_cs                  ? 
_pdbx_database_status.status_code_nmr_data            ? 
_pdbx_database_status.methods_development_category    ? 
# 
loop_
_audit_author.name 
_audit_author.pdbx_ordinal 
'Trikha, J.'     1 
'Theil, E.C.'    2 
'Allewell, N.M.' 3 
# 
loop_
_citation.id 
_citation.title 
_citation.journal_abbrev 
_citation.journal_volume 
_citation.page_first 
_citation.page_last 
_citation.year 
_citation.journal_id_ASTM 
_citation.country 
_citation.journal_id_ISSN 
_citation.journal_id_CSD 
_citation.book_publisher 
_citation.pdbx_database_id_PubMed 
_citation.pdbx_database_id_DOI 
primary 
;High resolution crystal structures of amphibian red-cell L ferritin: potential roles for structural plasticity and solvation in function.
;
J.Mol.Biol. 248 949 967 1995 JMOBAK UK 0022-2836 0070 ? 7760335 10.1006/jmbi.1995.0274 
1       'Crystallization and Structural Analysis of Bullfrog Red Cell L-Subunit Ferritins' Proteins    18  107 ?   1994 PSFGEY US 
0887-3585 0867 ? ?       ?                      
# 
loop_
_citation_author.citation_id 
_citation_author.name 
_citation_author.ordinal 
_citation_author.identifier_ORCID 
primary 'Trikha, J.'        1  ? 
primary 'Theil, E.C.'       2  ? 
primary 'Allewell, N.M.'    3  ? 
1       'Trikha, J.'        4  ? 
1       'Waldo, G.S.'       5  ? 
1       'Lewandowski, F.A.' 6  ? 
1       'Ha, Y.'            7  ? 
1       'Theil, E.C.'       8  ? 
1       'Weber, P.C.'       9  ? 
1       'Allewell, N.M.'    10 ? 
# 
_cell.entry_id           1RCI 
_cell.length_a           181.446 
_cell.length_b           181.446 
_cell.length_c           181.446 
_cell.angle_alpha        90.00 
_cell.angle_beta         90.00 
_cell.angle_gamma        90.00 
_cell.Z_PDB              96 
_cell.pdbx_unique_axis   ? 
# 
_symmetry.entry_id                         1RCI 
_symmetry.space_group_name_H-M             'F 4 3 2' 
_symmetry.pdbx_full_space_group_name_H-M   ? 
_symmetry.cell_setting                     ? 
_symmetry.Int_Tables_number                209 
# 
loop_
_entity.id 
_entity.type 
_entity.src_method 
_entity.pdbx_description 
_entity.formula_weight 
_entity.pdbx_number_of_molecules 
_entity.pdbx_ec 
_entity.pdbx_mutation 
_entity.pdbx_fragment 
_entity.details 
1 polymer     man 'L FERRITIN'        19992.359 1  ? H25Y ? ? 
2 non-polymer syn 'TRIMETHYL GLYCINE' 118.154   1  ? ?    ? ? 
3 water       nat water               18.015    31 ? ?    ? ? 
# 
_entity_poly.entity_id                      1 
_entity_poly.type                           'polypeptide(L)' 
_entity_poly.nstd_linkage                   no 
_entity_poly.nstd_monomer                   no 
_entity_poly.pdbx_seq_one_letter_code       
;MESQVRQNFHQDCEAGLNRTVNLKFYSSYVYLSMASYFNRDDVALSNFAKFFRERSEEEKEHAEKLIEYQNQRGGRVFLQ
SVEKPERDDWANGLEALQTALKLQKSVNQALLDLHAVAADKSDPHMTDFLESPYLSESVETIKKLGDHITSLKKLWSSHP
GMAEYLFNKHTLG
;
_entity_poly.pdbx_seq_one_letter_code_can   
;MESQVRQNFHQDCEAGLNRTVNLKFYSSYVYLSMASYFNRDDVALSNFAKFFRERSEEEKEHAEKLIEYQNQRGGRVFLQ
SVEKPERDDWANGLEALQTALKLQKSVNQALLDLHAVAADKSDPHMTDFLESPYLSESVETIKKLGDHITSLKKLWSSHP
GMAEYLFNKHTLG
;
_entity_poly.pdbx_strand_id                 A 
_entity_poly.pdbx_target_identifier         ? 
# 
loop_
_entity_poly_seq.entity_id 
_entity_poly_seq.num 
_entity_poly_seq.mon_id 
_entity_poly_seq.hetero 
1 1   MET n 
1 2   GLU n 
1 3   SER n 
1 4   GLN n 
1 5   VAL n 
1 6   ARG n 
1 7   GLN n 
1 8   ASN n 
1 9   PHE n 
1 10  HIS n 
1 11  GLN n 
1 12  ASP n 
1 13  CYS n 
1 14  GLU n 
1 15  ALA n 
1 16  GLY n 
1 17  LEU n 
1 18  ASN n 
1 19  ARG n 
1 20  THR n 
1 21  VAL n 
1 22  ASN n 
1 23  LEU n 
1 24  LYS n 
1 25  PHE n 
1 26  TYR n 
1 27  SER n 
1 28  SER n 
1 29  TYR n 
1 30  VAL n 
1 31  TYR n 
1 32  LEU n 
1 33  SER n 
1 34  MET n 
1 35  ALA n 
1 36  SER n 
1 37  TYR n 
1 38  PHE n 
1 39  ASN n 
1 40  ARG n 
1 41  ASP n 
1 42  ASP n 
1 43  VAL n 
1 44  ALA n 
1 45  LEU n 
1 46  SER n 
1 47  ASN n 
1 48  PHE n 
1 49  ALA n 
1 50  LYS n 
1 51  PHE n 
1 52  PHE n 
1 53  ARG n 
1 54  GLU n 
1 55  ARG n 
1 56  SER n 
1 57  GLU n 
1 58  GLU n 
1 59  GLU n 
1 60  LYS n 
1 61  GLU n 
1 62  HIS n 
1 63  ALA n 
1 64  GLU n 
1 65  LYS n 
1 66  LEU n 
1 67  ILE n 
1 68  GLU n 
1 69  TYR n 
1 70  GLN n 
1 71  ASN n 
1 72  GLN n 
1 73  ARG n 
1 74  GLY n 
1 75  GLY n 
1 76  ARG n 
1 77  VAL n 
1 78  PHE n 
1 79  LEU n 
1 80  GLN n 
1 81  SER n 
1 82  VAL n 
1 83  GLU n 
1 84  LYS n 
1 85  PRO n 
1 86  GLU n 
1 87  ARG n 
1 88  ASP n 
1 89  ASP n 
1 90  TRP n 
1 91  ALA n 
1 92  ASN n 
1 93  GLY n 
1 94  LEU n 
1 95  GLU n 
1 96  ALA n 
1 97  LEU n 
1 98  GLN n 
1 99  THR n 
1 100 ALA n 
1 101 LEU n 
1 102 LYS n 
1 103 LEU n 
1 104 GLN n 
1 105 LYS n 
1 106 SER n 
1 107 VAL n 
1 108 ASN n 
1 109 GLN n 
1 110 ALA n 
1 111 LEU n 
1 112 LEU n 
1 113 ASP n 
1 114 LEU n 
1 115 HIS n 
1 116 ALA n 
1 117 VAL n 
1 118 ALA n 
1 119 ALA n 
1 120 ASP n 
1 121 LYS n 
1 122 SER n 
1 123 ASP n 
1 124 PRO n 
1 125 HIS n 
1 126 MET n 
1 127 THR n 
1 128 ASP n 
1 129 PHE n 
1 130 LEU n 
1 131 GLU n 
1 132 SER n 
1 133 PRO n 
1 134 TYR n 
1 135 LEU n 
1 136 SER n 
1 137 GLU n 
1 138 SER n 
1 139 VAL n 
1 140 GLU n 
1 141 THR n 
1 142 ILE n 
1 143 LYS n 
1 144 LYS n 
1 145 LEU n 
1 146 GLY n 
1 147 ASP n 
1 148 HIS n 
1 149 ILE n 
1 150 THR n 
1 151 SER n 
1 152 LEU n 
1 153 LYS n 
1 154 LYS n 
1 155 LEU n 
1 156 TRP n 
1 157 SER n 
1 158 SER n 
1 159 HIS n 
1 160 PRO n 
1 161 GLY n 
1 162 MET n 
1 163 ALA n 
1 164 GLU n 
1 165 TYR n 
1 166 LEU n 
1 167 PHE n 
1 168 ASN n 
1 169 LYS n 
1 170 HIS n 
1 171 THR n 
1 172 LEU n 
1 173 GLY n 
# 
_entity_src_gen.entity_id                          1 
_entity_src_gen.pdbx_src_id                        1 
_entity_src_gen.pdbx_alt_source_flag               sample 
_entity_src_gen.pdbx_seq_type                      ? 
_entity_src_gen.pdbx_beg_seq_num                   ? 
_entity_src_gen.pdbx_end_seq_num                   ? 
_entity_src_gen.gene_src_common_name               bullfrog 
_entity_src_gen.gene_src_genus                     Rana 
_entity_src_gen.pdbx_gene_src_gene                 CDNA 
_entity_src_gen.gene_src_species                   ? 
_entity_src_gen.gene_src_strain                    ? 
_entity_src_gen.gene_src_tissue                    ? 
_entity_src_gen.gene_src_tissue_fraction           ? 
_entity_src_gen.gene_src_details                   ? 
_entity_src_gen.pdbx_gene_src_fragment             ? 
_entity_src_gen.pdbx_gene_src_scientific_name      'Rana catesbeiana' 
_entity_src_gen.pdbx_gene_src_ncbi_taxonomy_id     8400 
_entity_src_gen.pdbx_gene_src_variant              ? 
_entity_src_gen.pdbx_gene_src_cell_line            ? 
_entity_src_gen.pdbx_gene_src_atcc                 ? 
_entity_src_gen.pdbx_gene_src_organ                ? 
_entity_src_gen.pdbx_gene_src_organelle            ? 
_entity_src_gen.pdbx_gene_src_cell                 'RED CELL' 
_entity_src_gen.pdbx_gene_src_cellular_location    ? 
_entity_src_gen.host_org_common_name               ? 
_entity_src_gen.pdbx_host_org_scientific_name      'Escherichia coli' 
_entity_src_gen.pdbx_host_org_ncbi_taxonomy_id     562 
_entity_src_gen.host_org_genus                     Escherichia 
_entity_src_gen.pdbx_host_org_gene                 CDNA 
_entity_src_gen.pdbx_host_org_organ                ? 
_entity_src_gen.host_org_species                   ? 
_entity_src_gen.pdbx_host_org_tissue               ? 
_entity_src_gen.pdbx_host_org_tissue_fraction      ? 
_entity_src_gen.pdbx_host_org_strain               PET 
_entity_src_gen.pdbx_host_org_variant              ? 
_entity_src_gen.pdbx_host_org_cell_line            ? 
_entity_src_gen.pdbx_host_org_atcc                 ? 
_entity_src_gen.pdbx_host_org_culture_collection   ? 
_entity_src_gen.pdbx_host_org_cell                 ? 
_entity_src_gen.pdbx_host_org_organelle            ? 
_entity_src_gen.pdbx_host_org_cellular_location    ? 
_entity_src_gen.pdbx_host_org_vector_type          PET 
_entity_src_gen.pdbx_host_org_vector               ? 
_entity_src_gen.host_org_details                   ? 
_entity_src_gen.expression_system_id               ? 
_entity_src_gen.plasmid_name                       'PET 3A' 
_entity_src_gen.plasmid_details                    ? 
_entity_src_gen.pdbx_description                   ? 
# 
_struct_ref.id                         1 
_struct_ref.db_name                    UNP 
_struct_ref.db_code                    FRI3_RANCA 
_struct_ref.entity_id                  1 
_struct_ref.pdbx_db_accession          P07797 
_struct_ref.pdbx_align_begin           1 
_struct_ref.pdbx_seq_one_letter_code   
;MESQVRQNFHQDCEAGLNRTVNLKFHSSYVYLSMASYFNRDDVALSNFAKFFRERSEEEKEHAEKLIEYQNQRGGRVFLQ
SVEKPERDDWANGLEALQTALKLQKSVNQALLDLHAVAADKSDPHMTDFLESPYLSESVETIKKLGDHITSLKKLWSSHP
GMAEYLFNKHTLG
;
_struct_ref.pdbx_db_isoform            ? 
# 
_struct_ref_seq.align_id                      1 
_struct_ref_seq.ref_id                        1 
_struct_ref_seq.pdbx_PDB_id_code              1RCI 
_struct_ref_seq.pdbx_strand_id                A 
_struct_ref_seq.seq_align_beg                 1 
_struct_ref_seq.pdbx_seq_align_beg_ins_code   ? 
_struct_ref_seq.seq_align_end                 173 
_struct_ref_seq.pdbx_seq_align_end_ins_code   ? 
_struct_ref_seq.pdbx_db_accession             P07797 
_struct_ref_seq.db_align_beg                  1 
_struct_ref_seq.pdbx_db_align_beg_ins_code    ? 
_struct_ref_seq.db_align_end                  173 
_struct_ref_seq.pdbx_db_align_end_ins_code    ? 
_struct_ref_seq.pdbx_auth_seq_align_beg       0 
_struct_ref_seq.pdbx_auth_seq_align_end       172 
# 
_struct_ref_seq_dif.align_id                     1 
_struct_ref_seq_dif.pdbx_pdb_id_code             1RCI 
_struct_ref_seq_dif.mon_id                       TYR 
_struct_ref_seq_dif.pdbx_pdb_strand_id           A 
_struct_ref_seq_dif.seq_num                      26 
_struct_ref_seq_dif.pdbx_pdb_ins_code            ? 
_struct_ref_seq_dif.pdbx_seq_db_name             UNP 
_struct_ref_seq_dif.pdbx_seq_db_accession_code   P07797 
_struct_ref_seq_dif.db_mon_id                    HIS 
_struct_ref_seq_dif.pdbx_seq_db_seq_num          26 
_struct_ref_seq_dif.details                      'engineered mutation' 
_struct_ref_seq_dif.pdbx_auth_seq_num            25 
_struct_ref_seq_dif.pdbx_ordinal                 1 
# 
loop_
_chem_comp.id 
_chem_comp.type 
_chem_comp.mon_nstd_flag 
_chem_comp.name 
_chem_comp.pdbx_synonyms 
_chem_comp.formula 
_chem_comp.formula_weight 
ALA 'L-peptide linking' y ALANINE             ? 'C3 H7 N O2'     89.093  
ARG 'L-peptide linking' y ARGININE            ? 'C6 H15 N4 O2 1' 175.209 
ASN 'L-peptide linking' y ASPARAGINE          ? 'C4 H8 N2 O3'    132.118 
ASP 'L-peptide linking' y 'ASPARTIC ACID'     ? 'C4 H7 N O4'     133.103 
BET non-polymer         . 'TRIMETHYL GLYCINE' ? 'C5 H12 N O2 1'  118.154 
CYS 'L-peptide linking' y CYSTEINE            ? 'C3 H7 N O2 S'   121.158 
GLN 'L-peptide linking' y GLUTAMINE           ? 'C5 H10 N2 O3'   146.144 
GLU 'L-peptide linking' y 'GLUTAMIC ACID'     ? 'C5 H9 N O4'     147.129 
GLY 'peptide linking'   y GLYCINE             ? 'C2 H5 N O2'     75.067  
HIS 'L-peptide linking' y HISTIDINE           ? 'C6 H10 N3 O2 1' 156.162 
HOH non-polymer         . WATER               ? 'H2 O'           18.015  
ILE 'L-peptide linking' y ISOLEUCINE          ? 'C6 H13 N O2'    131.173 
LEU 'L-peptide linking' y LEUCINE             ? 'C6 H13 N O2'    131.173 
LYS 'L-peptide linking' y LYSINE              ? 'C6 H15 N2 O2 1' 147.195 
MET 'L-peptide linking' y METHIONINE          ? 'C5 H11 N O2 S'  149.211 
PHE 'L-peptide linking' y PHENYLALANINE       ? 'C9 H11 N O2'    165.189 
PRO 'L-peptide linking' y PROLINE             ? 'C5 H9 N O2'     115.130 
SER 'L-peptide linking' y SERINE              ? 'C3 H7 N O3'     105.093 
THR 'L-peptide linking' y THREONINE           ? 'C4 H9 N O3'     119.119 
TRP 'L-peptide linking' y TRYPTOPHAN          ? 'C11 H12 N2 O2'  204.225 
TYR 'L-peptide linking' y TYROSINE            ? 'C9 H11 N O3'    181.189 
VAL 'L-peptide linking' y VALINE              ? 'C5 H11 N O2'    117.146 
# 
_exptl.entry_id          1RCI 
_exptl.method            'X-RAY DIFFRACTION' 
_exptl.crystals_number   1 
# 
_exptl_crystal.id                    1 
_exptl_crystal.density_meas          ? 
_exptl_crystal.density_Matthews      3.11 
_exptl_crystal.density_percent_sol   60.47 
_exptl_crystal.description           ? 
# 
_exptl_crystal_grow.crystal_id      1 
_exptl_crystal_grow.method          ? 
_exptl_crystal_grow.temp            ? 
_exptl_crystal_grow.temp_details    ? 
_exptl_crystal_grow.pH              5.5 
_exptl_crystal_grow.pdbx_pH_range   ? 
_exptl_crystal_grow.pdbx_details    'pH 5.5' 
# 
_diffrn.id                     1 
_diffrn.ambient_temp           ? 
_diffrn.ambient_temp_details   ? 
_diffrn.crystal_id             1 
# 
_diffrn_detector.diffrn_id              1 
_diffrn_detector.detector               'AREA DETECTOR' 
_diffrn_detector.type                   NICOLET 
_diffrn_detector.pdbx_collection_date   1992-06-15 
_diffrn_detector.details                ? 
# 
_diffrn_radiation.diffrn_id                        1 
_diffrn_radiation.wavelength_id                    1 
_diffrn_radiation.pdbx_monochromatic_or_laue_m_l   M 
_diffrn_radiation.monochromator                    ? 
_diffrn_radiation.pdbx_diffrn_protocol             ? 
_diffrn_radiation.pdbx_scattering_type             x-ray 
# 
_diffrn_radiation_wavelength.id           1 
_diffrn_radiation_wavelength.wavelength   1.5418 
_diffrn_radiation_wavelength.wt           1.0 
# 
_diffrn_source.diffrn_id                   1 
_diffrn_source.source                      ? 
_diffrn_source.type                        ? 
_diffrn_source.pdbx_synchrotron_site       ? 
_diffrn_source.pdbx_synchrotron_beamline   ? 
_diffrn_source.pdbx_wavelength             ? 
_diffrn_source.pdbx_wavelength_list        1.5418 
# 
_reflns.entry_id                     1RCI 
_reflns.observed_criterion_sigma_I   2. 
_reflns.observed_criterion_sigma_F   ? 
_reflns.d_resolution_low             10.0 
_reflns.d_resolution_high            2.0 
_reflns.number_obs                   14234 
_reflns.number_all                   ? 
_reflns.percent_possible_obs         95.5 
_reflns.pdbx_Rmerge_I_obs            0.124 
_reflns.pdbx_Rsym_value              ? 
_reflns.pdbx_netI_over_sigmaI        ? 
_reflns.B_iso_Wilson_estimate        ? 
_reflns.pdbx_redundancy              2. 
_reflns.pdbx_ordinal                 1 
_reflns.pdbx_diffrn_id               1 
# 
_refine.entry_id                                 1RCI 
_refine.ls_number_reflns_obs                     14060 
_refine.ls_number_reflns_all                     ? 
_refine.pdbx_ls_sigma_I                          ? 
_refine.pdbx_ls_sigma_F                          2. 
_refine.pdbx_data_cutoff_high_absF               ? 
_refine.pdbx_data_cutoff_low_absF                ? 
_refine.pdbx_data_cutoff_high_rms_absF           ? 
_refine.ls_d_res_low                             10.0 
_refine.ls_d_res_high                            2.0 
_refine.ls_percent_reflns_obs                    ? 
_refine.ls_R_factor_obs                          0.186 
_refine.ls_R_factor_all                          ? 
_refine.ls_R_factor_R_work                       0.186 
_refine.ls_R_factor_R_free                       0.274 
_refine.ls_R_factor_R_free_error                 ? 
_refine.ls_R_factor_R_free_error_details         ? 
_refine.ls_percent_reflns_R_free                 ? 
_refine.ls_number_reflns_R_free                  ? 
_refine.ls_number_parameters                     ? 
_refine.ls_number_restraints                     ? 
_refine.occupancy_min                            ? 
_refine.occupancy_max                            ? 
_refine.B_iso_mean                               7.03 
_refine.aniso_B[1][1]                            ? 
_refine.aniso_B[2][2]                            ? 
_refine.aniso_B[3][3]                            ? 
_refine.aniso_B[1][2]                            ? 
_refine.aniso_B[1][3]                            ? 
_refine.aniso_B[2][3]                            ? 
_refine.solvent_model_details                    ? 
_refine.solvent_model_param_ksol                 ? 
_refine.solvent_model_param_bsol                 ? 
_refine.pdbx_ls_cross_valid_method               ? 
_refine.details                                  ? 
_refine.pdbx_starting_model                      ? 
_refine.pdbx_method_to_determine_struct          ? 
_refine.pdbx_isotropic_thermal_model             ? 
_refine.pdbx_stereochemistry_target_values       ? 
_refine.pdbx_stereochem_target_val_spec_case     ? 
_refine.pdbx_R_Free_selection_details            ? 
_refine.pdbx_overall_ESU_R                       ? 
_refine.pdbx_overall_ESU_R_Free                  ? 
_refine.overall_SU_ML                            ? 
_refine.overall_SU_B                             ? 
_refine.pdbx_refine_id                           'X-RAY DIFFRACTION' 
_refine.pdbx_diffrn_id                           1 
_refine.pdbx_TLS_residual_ADP_flag               ? 
_refine.correlation_coeff_Fo_to_Fc               ? 
_refine.correlation_coeff_Fo_to_Fc_free          ? 
_refine.pdbx_solvent_vdw_probe_radii             ? 
_refine.pdbx_solvent_ion_probe_radii             ? 
_refine.pdbx_solvent_shrinkage_radii             ? 
_refine.pdbx_overall_phase_error                 ? 
_refine.overall_SU_R_Cruickshank_DPI             ? 
_refine.pdbx_overall_SU_R_free_Cruickshank_DPI   ? 
_refine.pdbx_overall_SU_R_Blow_DPI               ? 
_refine.pdbx_overall_SU_R_free_Blow_DPI          ? 
# 
_refine_analyze.entry_id                        1RCI 
_refine_analyze.Luzzati_coordinate_error_obs    0.15 
_refine_analyze.Luzzati_sigma_a_obs             ? 
_refine_analyze.Luzzati_d_res_low_obs           ? 
_refine_analyze.Luzzati_coordinate_error_free   ? 
_refine_analyze.Luzzati_sigma_a_free            ? 
_refine_analyze.Luzzati_d_res_low_free          ? 
_refine_analyze.number_disordered_residues      ? 
_refine_analyze.occupancy_sum_hydrogen          ? 
_refine_analyze.occupancy_sum_non_hydrogen      ? 
_refine_analyze.pdbx_refine_id                  'X-RAY DIFFRACTION' 
# 
_refine_hist.pdbx_refine_id                   'X-RAY DIFFRACTION' 
_refine_hist.cycle_id                         LAST 
_refine_hist.pdbx_number_atoms_protein        1391 
_refine_hist.pdbx_number_atoms_nucleic_acid   0 
_refine_hist.pdbx_number_atoms_ligand         8 
_refine_hist.number_atoms_solvent             31 
_refine_hist.number_atoms_total               1430 
_refine_hist.d_res_high                       2.0 
_refine_hist.d_res_low                        10.0 
# 
loop_
_refine_ls_restr.type 
_refine_ls_restr.dev_ideal 
_refine_ls_restr.dev_ideal_target 
_refine_ls_restr.weight 
_refine_ls_restr.number 
_refine_ls_restr.pdbx_refine_id 
_refine_ls_restr.pdbx_restraint_function 
x_bond_d                0.009 ? ? ? 'X-RAY DIFFRACTION' ? 
x_bond_d_na             ?     ? ? ? 'X-RAY DIFFRACTION' ? 
x_bond_d_prot           ?     ? ? ? 'X-RAY DIFFRACTION' ? 
x_angle_d               ?     ? ? ? 'X-RAY DIFFRACTION' ? 
x_angle_d_na            ?     ? ? ? 'X-RAY DIFFRACTION' ? 
x_angle_d_prot          ?     ? ? ? 'X-RAY DIFFRACTION' ? 
x_angle_deg             1.5   ? ? ? 'X-RAY DIFFRACTION' ? 
x_angle_deg_na          ?     ? ? ? 'X-RAY DIFFRACTION' ? 
x_angle_deg_prot        ?     ? ? ? 'X-RAY DIFFRACTION' ? 
x_dihedral_angle_d      ?     ? ? ? 'X-RAY DIFFRACTION' ? 
x_dihedral_angle_d_na   ?     ? ? ? 'X-RAY DIFFRACTION' ? 
x_dihedral_angle_d_prot ?     ? ? ? 'X-RAY DIFFRACTION' ? 
x_improper_angle_d      ?     ? ? ? 'X-RAY DIFFRACTION' ? 
x_improper_angle_d_na   ?     ? ? ? 'X-RAY DIFFRACTION' ? 
x_improper_angle_d_prot ?     ? ? ? 'X-RAY DIFFRACTION' ? 
x_mcbond_it             ?     ? ? ? 'X-RAY DIFFRACTION' ? 
x_mcangle_it            ?     ? ? ? 'X-RAY DIFFRACTION' ? 
x_scbond_it             ?     ? ? ? 'X-RAY DIFFRACTION' ? 
x_scangle_it            ?     ? ? ? 'X-RAY DIFFRACTION' ? 
# 
_struct.entry_id                  1RCI 
_struct.title                     'BULLFROG RED CELL L FERRITIN TARTRATE/MG/PH 5.5' 
_struct.pdbx_model_details        ? 
_struct.pdbx_CASP_flag            ? 
_struct.pdbx_model_type_details   ? 
# 
_struct_keywords.entry_id        1RCI 
_struct_keywords.pdbx_keywords   'IRON STORAGE' 
_struct_keywords.text            'IRON STORAGE' 
# 
loop_
_struct_asym.id 
_struct_asym.pdbx_blank_PDB_chainid_flag 
_struct_asym.pdbx_modified 
_struct_asym.entity_id 
_struct_asym.details 
A N N 1 ? 
B N N 2 ? 
C N N 3 ? 
# 
_struct_biol.id   1 
# 
loop_
_struct_conf.conf_type_id 
_struct_conf.id 
_struct_conf.pdbx_PDB_helix_id 
_struct_conf.beg_label_comp_id 
_struct_conf.beg_label_asym_id 
_struct_conf.beg_label_seq_id 
_struct_conf.pdbx_beg_PDB_ins_code 
_struct_conf.end_label_comp_id 
_struct_conf.end_label_asym_id 
_struct_conf.end_label_seq_id 
_struct_conf.pdbx_end_PDB_ins_code 
_struct_conf.beg_auth_comp_id 
_struct_conf.beg_auth_asym_id 
_struct_conf.beg_auth_seq_id 
_struct_conf.end_auth_comp_id 
_struct_conf.end_auth_asym_id 
_struct_conf.end_auth_seq_id 
_struct_conf.pdbx_PDB_helix_class 
_struct_conf.details 
_struct_conf.pdbx_PDB_helix_length 
HELX_P HELX_P1 1 GLN A 11  ? ASN A 39  ? GLN A 10  ASN A 38  1 ? 29 
HELX_P HELX_P2 2 SER A 46  ? GLN A 72  ? SER A 45  GLN A 71  1 ? 27 
HELX_P HELX_P3 3 GLY A 93  ? ASP A 120 ? GLY A 92  ASP A 119 1 ? 28 
HELX_P HELX_P4 4 PRO A 124 ? GLU A 131 ? PRO A 123 GLU A 130 1 ? 8  
HELX_P HELX_P5 5 TYR A 134 ? SER A 158 ? TYR A 133 SER A 157 1 ? 25 
HELX_P HELX_P6 6 PRO A 160 ? HIS A 170 ? PRO A 159 HIS A 169 1 ? 11 
# 
_struct_conf_type.id          HELX_P 
_struct_conf_type.criteria    ? 
_struct_conf_type.reference   ? 
# 
_struct_mon_prot_cis.pdbx_id                1 
_struct_mon_prot_cis.label_comp_id          SER 
_struct_mon_prot_cis.label_seq_id           132 
_struct_mon_prot_cis.label_asym_id          A 
_struct_mon_prot_cis.label_alt_id           . 
_struct_mon_prot_cis.pdbx_PDB_ins_code      ? 
_struct_mon_prot_cis.auth_comp_id           SER 
_struct_mon_prot_cis.auth_seq_id            131 
_struct_mon_prot_cis.auth_asym_id           A 
_struct_mon_prot_cis.pdbx_label_comp_id_2   PRO 
_struct_mon_prot_cis.pdbx_label_seq_id_2    133 
_struct_mon_prot_cis.pdbx_label_asym_id_2   A 
_struct_mon_prot_cis.pdbx_PDB_ins_code_2    ? 
_struct_mon_prot_cis.pdbx_auth_comp_id_2    PRO 
_struct_mon_prot_cis.pdbx_auth_seq_id_2     132 
_struct_mon_prot_cis.pdbx_auth_asym_id_2    A 
_struct_mon_prot_cis.pdbx_PDB_model_num     1 
_struct_mon_prot_cis.pdbx_omega_angle       0.06 
# 
_struct_site.id                   AC1 
_struct_site.pdbx_evidence_code   Software 
_struct_site.pdbx_auth_asym_id    A 
_struct_site.pdbx_auth_comp_id    BET 
_struct_site.pdbx_auth_seq_id     200 
_struct_site.pdbx_auth_ins_code   ? 
_struct_site.pdbx_num_residues    7 
_struct_site.details              'BINDING SITE FOR RESIDUE BET A 200' 
# 
loop_
_struct_site_gen.id 
_struct_site_gen.site_id 
_struct_site_gen.pdbx_num_res 
_struct_site_gen.label_comp_id 
_struct_site_gen.label_asym_id 
_struct_site_gen.label_seq_id 
_struct_site_gen.pdbx_auth_ins_code 
_struct_site_gen.auth_comp_id 
_struct_site_gen.auth_asym_id 
_struct_site_gen.auth_seq_id 
_struct_site_gen.label_atom_id 
_struct_site_gen.label_alt_id 
_struct_site_gen.symmetry 
_struct_site_gen.details 
1 AC1 7 PHE A 25 ? PHE A 24 . ? 18_555 ? 
2 AC1 7 SER A 28 ? SER A 27 . ? 1_555  ? 
3 AC1 7 SER A 56 ? SER A 55 . ? 1_555  ? 
4 AC1 7 GLU A 57 ? GLU A 56 . ? 1_555  ? 
5 AC1 7 LYS A 60 ? LYS A 59 . ? 18_555 ? 
6 AC1 7 LYS A 60 ? LYS A 59 . ? 1_555  ? 
7 AC1 7 GLU A 64 ? GLU A 63 . ? 18_555 ? 
# 
_atom_sites.entry_id                    1RCI 
_atom_sites.fract_transf_matrix[1][1]   0.00516696 
_atom_sites.fract_transf_matrix[1][2]   -0.00009178 
_atom_sites.fract_transf_matrix[1][3]   0.00191448 
_atom_sites.fract_transf_matrix[2][1]   0.00035235 
_atom_sites.fract_transf_matrix[2][2]   -0.00536538 
_atom_sites.fract_transf_matrix[2][3]   -0.00120817 
_atom_sites.fract_transf_matrix[3][1]   0.00188401 
_atom_sites.fract_transf_matrix[3][2]   0.00125514 
_atom_sites.fract_transf_matrix[3][3]   -0.00502456 
_atom_sites.fract_transf_vector[1]      0.053596 
_atom_sites.fract_transf_vector[2]      0.219831 
_atom_sites.fract_transf_vector[3]      0.156697 
# 
_atom_sites_footnote.id     1 
_atom_sites_footnote.text   'CIS PROLINE - PRO     132' 
# 
loop_
_atom_type.symbol 
C 
N 
O 
S 
# 
loop_
_atom_site.group_PDB 
_atom_site.id 
_atom_site.type_symbol 
_atom_site.label_atom_id 
_atom_site.label_alt_id 
_atom_site.label_comp_id 
_atom_site.label_asym_id 
_atom_site.label_entity_id 
_atom_site.label_seq_id 
_atom_site.pdbx_PDB_ins_code 
_atom_site.Cartn_x 
_atom_site.Cartn_y 
_atom_site.Cartn_z 
_atom_site.occupancy 
_atom_site.B_iso_or_equiv 
_atom_site.pdbx_formal_charge 
_atom_site.auth_seq_id 
_atom_site.auth_comp_id 
_atom_site.auth_asym_id 
_atom_site.auth_atom_id 
_atom_site.pdbx_PDB_model_num 
ATOM   1    N N   . SER A 1 3   ? 14.785  22.148  -15.207 1.00 12.37 ? 2    SER A N   1 
ATOM   2    C CA  . SER A 1 3   ? 14.092  22.929  -14.151 1.00 12.51 ? 2    SER A CA  1 
ATOM   3    C C   . SER A 1 3   ? 15.102  23.840  -13.469 1.00 12.01 ? 2    SER A C   1 
ATOM   4    O O   . SER A 1 3   ? 16.203  23.408  -13.139 1.00 14.83 ? 2    SER A O   1 
ATOM   5    C CB  . SER A 1 3   ? 13.452  21.993  -13.124 1.00 10.86 ? 2    SER A CB  1 
ATOM   6    O OG  . SER A 1 3   ? 12.897  22.729  -12.051 1.00 7.45  ? 2    SER A OG  1 
ATOM   7    N N   . GLN A 1 4   ? 14.717  25.096  -13.268 1.00 11.29 ? 3    GLN A N   1 
ATOM   8    C CA  . GLN A 1 4   ? 15.578  26.095  -12.636 1.00 7.79  ? 3    GLN A CA  1 
ATOM   9    C C   . GLN A 1 4   ? 15.780  25.770  -11.162 1.00 8.16  ? 3    GLN A C   1 
ATOM   10   O O   . GLN A 1 4   ? 16.708  26.251  -10.518 1.00 9.39  ? 3    GLN A O   1 
ATOM   11   C CB  . GLN A 1 4   ? 14.927  27.471  -12.771 1.00 5.51  ? 3    GLN A CB  1 
ATOM   12   C CG  . GLN A 1 4   ? 13.662  27.627  -11.959 1.00 2.55  ? 3    GLN A CG  1 
ATOM   13   C CD  . GLN A 1 4   ? 12.839  28.816  -12.391 1.00 5.43  ? 3    GLN A CD  1 
ATOM   14   O OE1 . GLN A 1 4   ? 13.367  29.908  -12.622 1.00 7.38  ? 3    GLN A OE1 1 
ATOM   15   N NE2 . GLN A 1 4   ? 11.540  28.613  -12.514 1.00 2.45  ? 3    GLN A NE2 1 
ATOM   16   N N   . VAL A 1 5   ? 14.868  24.956  -10.654 1.00 7.86  ? 4    VAL A N   1 
ATOM   17   C CA  . VAL A 1 5   ? 14.811  24.511  -9.276  1.00 6.81  ? 4    VAL A CA  1 
ATOM   18   C C   . VAL A 1 5   ? 15.678  23.270  -9.020  1.00 10.09 ? 4    VAL A C   1 
ATOM   19   O O   . VAL A 1 5   ? 16.232  23.095  -7.933  1.00 12.70 ? 4    VAL A O   1 
ATOM   20   C CB  . VAL A 1 5   ? 13.322  24.190  -8.939  1.00 5.05  ? 4    VAL A CB  1 
ATOM   21   C CG1 . VAL A 1 5   ? 13.213  23.222  -7.814  1.00 4.33  ? 4    VAL A CG1 1 
ATOM   22   C CG2 . VAL A 1 5   ? 12.560  25.474  -8.611  1.00 6.50  ? 4    VAL A CG2 1 
ATOM   23   N N   . ARG A 1 6   ? 15.814  22.431  -10.038 1.00 8.85  ? 5    ARG A N   1 
ATOM   24   C CA  . ARG A 1 6   ? 16.550  21.186  -9.915  1.00 8.20  ? 5    ARG A CA  1 
ATOM   25   C C   . ARG A 1 6   ? 17.987  21.289  -9.442  1.00 9.87  ? 5    ARG A C   1 
ATOM   26   O O   . ARG A 1 6   ? 18.821  21.946  -10.069 1.00 13.20 ? 5    ARG A O   1 
ATOM   27   C CB  . ARG A 1 6   ? 16.515  20.425  -11.233 1.00 8.34  ? 5    ARG A CB  1 
ATOM   28   C CG  . ARG A 1 6   ? 16.830  18.952  -11.087 1.00 9.23  ? 5    ARG A CG  1 
ATOM   29   C CD  . ARG A 1 6   ? 16.947  18.299  -12.447 1.00 8.26  ? 5    ARG A CD  1 
ATOM   30   N NE  . ARG A 1 6   ? 17.236  16.879  -12.337 1.00 6.00  ? 5    ARG A NE  1 
ATOM   31   C CZ  . ARG A 1 6   ? 16.468  15.924  -12.851 1.00 5.36  ? 5    ARG A CZ  1 
ATOM   32   N NH1 . ARG A 1 6   ? 15.369  16.247  -13.523 1.00 2.82  ? 5    ARG A NH1 1 
ATOM   33   N NH2 . ARG A 1 6   ? 16.764  14.647  -12.631 1.00 2.00  ? 5    ARG A NH2 1 
ATOM   34   N N   . GLN A 1 7   ? 18.282  20.563  -8.370  1.00 7.24  ? 6    GLN A N   1 
ATOM   35   C CA  . GLN A 1 7   ? 19.619  20.518  -7.817  1.00 4.62  ? 6    GLN A CA  1 
ATOM   36   C C   . GLN A 1 7   ? 19.825  19.210  -7.058  1.00 2.00  ? 6    GLN A C   1 
ATOM   37   O O   . GLN A 1 7   ? 19.000  18.818  -6.235  1.00 3.66  ? 6    GLN A O   1 
ATOM   38   C CB  . GLN A 1 7   ? 19.849  21.704  -6.891  1.00 3.45  ? 6    GLN A CB  1 
ATOM   39   C CG  . GLN A 1 7   ? 21.282  21.835  -6.457  1.00 4.77  ? 6    GLN A CG  1 
ATOM   40   C CD  . GLN A 1 7   ? 21.501  23.005  -5.544  1.00 8.64  ? 6    GLN A CD  1 
ATOM   41   O OE1 . GLN A 1 7   ? 20.579  23.761  -5.240  1.00 9.46  ? 6    GLN A OE1 1 
ATOM   42   N NE2 . GLN A 1 7   ? 22.719  23.140  -5.055  1.00 12.25 ? 6    GLN A NE2 1 
ATOM   43   N N   . ASN A 1 8   ? 20.916  18.522  -7.378  1.00 2.91  ? 7    ASN A N   1 
ATOM   44   C CA  . ASN A 1 8   ? 21.280  17.255  -6.740  1.00 3.62  ? 7    ASN A CA  1 
ATOM   45   C C   . ASN A 1 8   ? 20.144  16.238  -6.831  1.00 3.37  ? 7    ASN A C   1 
ATOM   46   O O   . ASN A 1 8   ? 19.863  15.486  -5.888  1.00 2.89  ? 7    ASN A O   1 
ATOM   47   C CB  . ASN A 1 8   ? 21.685  17.507  -5.278  1.00 3.55  ? 7    ASN A CB  1 
ATOM   48   C CG  . ASN A 1 8   ? 22.288  16.283  -4.617  1.00 2.89  ? 7    ASN A CG  1 
ATOM   49   O OD1 . ASN A 1 8   ? 23.190  15.660  -5.155  1.00 4.38  ? 7    ASN A OD1 1 
ATOM   50   N ND2 . ASN A 1 8   ? 21.786  15.936  -3.448  1.00 5.24  ? 7    ASN A ND2 1 
ATOM   51   N N   . PHE A 1 9   ? 19.479  16.237  -7.977  1.00 2.70  ? 8    PHE A N   1 
ATOM   52   C CA  . PHE A 1 9   ? 18.372  15.336  -8.222  1.00 3.91  ? 8    PHE A CA  1 
ATOM   53   C C   . PHE A 1 9   ? 18.714  14.504  -9.441  1.00 2.00  ? 8    PHE A C   1 
ATOM   54   O O   . PHE A 1 9   ? 18.568  14.956  -10.576 1.00 3.57  ? 8    PHE A O   1 
ATOM   55   C CB  . PHE A 1 9   ? 17.078  16.122  -8.467  1.00 3.51  ? 8    PHE A CB  1 
ATOM   56   C CG  . PHE A 1 9   ? 15.856  15.260  -8.491  1.00 2.00  ? 8    PHE A CG  1 
ATOM   57   C CD1 . PHE A 1 9   ? 15.671  14.283  -7.513  1.00 2.61  ? 8    PHE A CD1 1 
ATOM   58   C CD2 . PHE A 1 9   ? 14.894  15.414  -9.481  1.00 2.33  ? 8    PHE A CD2 1 
ATOM   59   C CE1 . PHE A 1 9   ? 14.544  13.468  -7.517  1.00 2.32  ? 8    PHE A CE1 1 
ATOM   60   C CE2 . PHE A 1 9   ? 13.757  14.603  -9.492  1.00 2.00  ? 8    PHE A CE2 1 
ATOM   61   C CZ  . PHE A 1 9   ? 13.585  13.629  -8.507  1.00 2.00  ? 8    PHE A CZ  1 
ATOM   62   N N   . HIS A 1 10  ? 19.170  13.288  -9.193  1.00 2.00  ? 9    HIS A N   1 
ATOM   63   C CA  . HIS A 1 10  ? 19.572  12.377  -10.245 1.00 2.90  ? 9    HIS A CA  1 
ATOM   64   C C   . HIS A 1 10  ? 18.395  11.806  -11.038 1.00 3.01  ? 9    HIS A C   1 
ATOM   65   O O   . HIS A 1 10  ? 17.324  11.554  -10.479 1.00 2.29  ? 9    HIS A O   1 
ATOM   66   C CB  . HIS A 1 10  ? 20.409  11.244  -9.643  1.00 5.31  ? 9    HIS A CB  1 
ATOM   67   C CG  . HIS A 1 10  ? 21.244  10.522  -10.651 1.00 10.32 ? 9    HIS A CG  1 
ATOM   68   N ND1 . HIS A 1 10  ? 22.482  10.976  -11.054 1.00 9.73  ? 9    HIS A ND1 1 
ATOM   69   C CD2 . HIS A 1 10  ? 21.010  9.392   -11.360 1.00 7.90  ? 9    HIS A CD2 1 
ATOM   70   C CE1 . HIS A 1 10  ? 22.973  10.159  -11.969 1.00 11.49 ? 9    HIS A CE1 1 
ATOM   71   N NE2 . HIS A 1 10  ? 22.099  9.191   -12.172 1.00 10.11 ? 9    HIS A NE2 1 
ATOM   72   N N   . GLN A 1 11  ? 18.614  11.555  -12.328 1.00 2.19  ? 10   GLN A N   1 
ATOM   73   C CA  . GLN A 1 11  ? 17.558  11.017  -13.191 1.00 7.45  ? 10   GLN A CA  1 
ATOM   74   C C   . GLN A 1 11  ? 17.072  9.624   -12.787 1.00 5.98  ? 10   GLN A C   1 
ATOM   75   O O   . GLN A 1 11  ? 15.949  9.245   -13.101 1.00 7.31  ? 10   GLN A O   1 
ATOM   76   C CB  . GLN A 1 11  ? 17.957  11.055  -14.680 1.00 13.11 ? 10   GLN A CB  1 
ATOM   77   C CG  . GLN A 1 11  ? 19.021  10.053  -15.117 1.00 21.79 ? 10   GLN A CG  1 
ATOM   78   C CD  . GLN A 1 11  ? 20.441  10.559  -14.901 1.00 28.88 ? 10   GLN A CD  1 
ATOM   79   O OE1 . GLN A 1 11  ? 20.780  11.066  -13.826 1.00 31.80 ? 10   GLN A OE1 1 
ATOM   80   N NE2 . GLN A 1 11  ? 21.283  10.409  -15.918 1.00 31.80 ? 10   GLN A NE2 1 
ATOM   81   N N   . ASP A 1 12  ? 17.917  8.856   -12.107 1.00 7.83  ? 11   ASP A N   1 
ATOM   82   C CA  . ASP A 1 12  ? 17.525  7.533   -11.626 1.00 7.95  ? 11   ASP A CA  1 
ATOM   83   C C   . ASP A 1 12  ? 16.565  7.690   -10.449 1.00 8.38  ? 11   ASP A C   1 
ATOM   84   O O   . ASP A 1 12  ? 15.775  6.793   -10.162 1.00 8.09  ? 11   ASP A O   1 
ATOM   85   C CB  . ASP A 1 12  ? 18.741  6.734   -11.149 1.00 12.46 ? 11   ASP A CB  1 
ATOM   86   C CG  . ASP A 1 12  ? 19.612  6.255   -12.289 1.00 16.06 ? 11   ASP A CG  1 
ATOM   87   O OD1 . ASP A 1 12  ? 19.239  6.451   -13.470 1.00 20.31 ? 11   ASP A OD1 1 
ATOM   88   O OD2 . ASP A 1 12  ? 20.681  5.682   -11.998 1.00 16.14 ? 11   ASP A OD2 1 
ATOM   89   N N   . CYS A 1 13  ? 16.695  8.804   -9.728  1.00 5.77  ? 12   CYS A N   1 
ATOM   90   C CA  . CYS A 1 13  ? 15.828  9.091   -8.595  1.00 5.93  ? 12   CYS A CA  1 
ATOM   91   C C   . CYS A 1 13  ? 14.500  9.573   -9.163  1.00 4.57  ? 12   CYS A C   1 
ATOM   92   O O   . CYS A 1 13  ? 13.428  9.201   -8.685  1.00 5.31  ? 12   CYS A O   1 
ATOM   93   C CB  . CYS A 1 13  ? 16.463  10.158  -7.698  1.00 3.51  ? 12   CYS A CB  1 
ATOM   94   S SG  . CYS A 1 13  ? 17.995  9.612   -6.880  1.00 8.94  ? 12   CYS A SG  1 
ATOM   95   N N   . GLU A 1 14  ? 14.593  10.371  -10.218 1.00 3.12  ? 13   GLU A N   1 
ATOM   96   C CA  . GLU A 1 14  ? 13.432  10.908  -10.903 1.00 2.00  ? 13   GLU A CA  1 
ATOM   97   C C   . GLU A 1 14  ? 12.591  9.756   -11.472 1.00 2.50  ? 13   GLU A C   1 
ATOM   98   O O   . GLU A 1 14  ? 11.395  9.673   -11.228 1.00 4.93  ? 13   GLU A O   1 
ATOM   99   C CB  . GLU A 1 14  ? 13.912  11.835  -12.019 1.00 2.36  ? 13   GLU A CB  1 
ATOM   100  C CG  . GLU A 1 14  ? 12.802  12.450  -12.860 1.00 4.06  ? 13   GLU A CG  1 
ATOM   101  C CD  . GLU A 1 14  ? 13.313  13.433  -13.888 1.00 6.09  ? 13   GLU A CD  1 
ATOM   102  O OE1 . GLU A 1 14  ? 14.545  13.536  -14.059 1.00 5.21  ? 13   GLU A OE1 1 
ATOM   103  O OE2 . GLU A 1 14  ? 12.475  14.111  -14.523 1.00 10.27 ? 13   GLU A OE2 1 
ATOM   104  N N   . ALA A 1 15  ? 13.237  8.860   -12.213 1.00 4.27  ? 14   ALA A N   1 
ATOM   105  C CA  . ALA A 1 15  ? 12.581  7.703   -12.814 1.00 3.85  ? 14   ALA A CA  1 
ATOM   106  C C   . ALA A 1 15  ? 12.046  6.744   -11.750 1.00 3.93  ? 14   ALA A C   1 
ATOM   107  O O   . ALA A 1 15  ? 10.937  6.211   -11.868 1.00 2.00  ? 14   ALA A O   1 
ATOM   108  C CB  . ALA A 1 15  ? 13.551  6.975   -13.731 1.00 6.75  ? 14   ALA A CB  1 
ATOM   109  N N   . GLY A 1 16  ? 12.835  6.527   -10.706 1.00 3.24  ? 15   GLY A N   1 
ATOM   110  C CA  . GLY A 1 16  ? 12.399  5.645   -9.642  1.00 3.81  ? 15   GLY A CA  1 
ATOM   111  C C   . GLY A 1 16  ? 11.144  6.180   -8.980  1.00 3.35  ? 15   GLY A C   1 
ATOM   112  O O   . GLY A 1 16  ? 10.284  5.408   -8.549  1.00 2.19  ? 15   GLY A O   1 
ATOM   113  N N   . LEU A 1 17  ? 11.052  7.502   -8.879  1.00 2.00  ? 16   LEU A N   1 
ATOM   114  C CA  . LEU A 1 17  ? 9.895   8.152   -8.282  1.00 2.33  ? 16   LEU A CA  1 
ATOM   115  C C   . LEU A 1 17  ? 8.651   7.885   -9.110  1.00 2.00  ? 16   LEU A C   1 
ATOM   116  O O   . LEU A 1 17  ? 7.591   7.565   -8.580  1.00 5.61  ? 16   LEU A O   1 
ATOM   117  C CB  . LEU A 1 17  ? 10.121  9.658   -8.200  1.00 5.43  ? 16   LEU A CB  1 
ATOM   118  C CG  . LEU A 1 17  ? 10.509  10.278  -6.868  1.00 2.63  ? 16   LEU A CG  1 
ATOM   119  C CD1 . LEU A 1 17  ? 10.748  11.747  -7.105  1.00 6.70  ? 16   LEU A CD1 1 
ATOM   120  C CD2 . LEU A 1 17  ? 9.404   10.058  -5.825  1.00 6.62  ? 16   LEU A CD2 1 
ATOM   121  N N   . ASN A 1 18  ? 8.771   8.030   -10.416 1.00 2.00  ? 17   ASN A N   1 
ATOM   122  C CA  . ASN A 1 18  ? 7.636   7.782   -11.279 1.00 2.19  ? 17   ASN A CA  1 
ATOM   123  C C   . ASN A 1 18  ? 7.188   6.313   -11.189 1.00 3.30  ? 17   ASN A C   1 
ATOM   124  O O   . ASN A 1 18  ? 5.986   6.021   -11.148 1.00 2.00  ? 17   ASN A O   1 
ATOM   125  C CB  . ASN A 1 18  ? 7.970   8.167   -12.722 1.00 2.16  ? 17   ASN A CB  1 
ATOM   126  C CG  . ASN A 1 18  ? 7.980   9.669   -12.940 1.00 5.74  ? 17   ASN A CG  1 
ATOM   127  O OD1 . ASN A 1 18  ? 7.292   10.413  -12.239 1.00 6.18  ? 17   ASN A OD1 1 
ATOM   128  N ND2 . ASN A 1 18  ? 8.728   10.120  -13.941 1.00 2.00  ? 17   ASN A ND2 1 
ATOM   129  N N   . ARG A 1 19  ? 8.147   5.394   -11.128 1.00 3.60  ? 18   ARG A N   1 
ATOM   130  C CA  . ARG A 1 19  ? 7.818   3.976   -11.046 1.00 7.39  ? 18   ARG A CA  1 
ATOM   131  C C   . ARG A 1 19  ? 7.058   3.683   -9.758  1.00 5.76  ? 18   ARG A C   1 
ATOM   132  O O   . ARG A 1 19  ? 6.017   3.030   -9.785  1.00 5.58  ? 18   ARG A O   1 
ATOM   133  C CB  . ARG A 1 19  ? 9.081   3.106   -11.079 1.00 10.92 ? 18   ARG A CB  1 
ATOM   134  C CG  . ARG A 1 19  ? 8.928   1.794   -11.861 1.00 20.57 ? 18   ARG A CG  1 
ATOM   135  C CD  . ARG A 1 19  ? 7.602   1.034   -11.583 1.00 28.15 ? 18   ARG A CD  1 
ATOM   136  N NE  . ARG A 1 19  ? 7.553   0.403   -10.259 1.00 34.58 ? 18   ARG A NE  1 
ATOM   137  C CZ  . ARG A 1 19  ? 8.096   -0.779  -9.965  1.00 36.41 ? 18   ARG A CZ  1 
ATOM   138  N NH1 . ARG A 1 19  ? 8.738   -1.481  -10.898 1.00 36.54 ? 18   ARG A NH1 1 
ATOM   139  N NH2 . ARG A 1 19  ? 7.998   -1.260  -8.731  1.00 36.92 ? 18   ARG A NH2 1 
ATOM   140  N N   . THR A 1 20  ? 7.580   4.170   -8.635  1.00 5.39  ? 19   THR A N   1 
ATOM   141  C CA  . THR A 1 20  ? 6.946   3.931   -7.347  1.00 5.52  ? 19   THR A CA  1 
ATOM   142  C C   . THR A 1 20  ? 5.585   4.608   -7.252  1.00 2.00  ? 19   THR A C   1 
ATOM   143  O O   . THR A 1 20  ? 4.682   4.066   -6.622  1.00 2.00  ? 19   THR A O   1 
ATOM   144  C CB  . THR A 1 20  ? 7.869   4.306   -6.173  1.00 4.44  ? 19   THR A CB  1 
ATOM   145  O OG1 . THR A 1 20  ? 8.213   5.685   -6.265  1.00 10.53 ? 19   THR A OG1 1 
ATOM   146  C CG2 . THR A 1 20  ? 9.148   3.500   -6.244  1.00 2.03  ? 19   THR A CG2 1 
ATOM   147  N N   . VAL A 1 21  ? 5.427   5.756   -7.913  1.00 2.56  ? 20   VAL A N   1 
ATOM   148  C CA  . VAL A 1 21  ? 4.137   6.466   -7.941  1.00 2.79  ? 20   VAL A CA  1 
ATOM   149  C C   . VAL A 1 21  ? 3.075   5.515   -8.525  1.00 2.74  ? 20   VAL A C   1 
ATOM   150  O O   . VAL A 1 21  ? 2.008   5.326   -7.934  1.00 2.00  ? 20   VAL A O   1 
ATOM   151  C CB  . VAL A 1 21  ? 4.207   7.767   -8.804  1.00 3.47  ? 20   VAL A CB  1 
ATOM   152  C CG1 . VAL A 1 21  ? 2.815   8.175   -9.302  1.00 5.21  ? 20   VAL A CG1 1 
ATOM   153  C CG2 . VAL A 1 21  ? 4.795   8.915   -7.989  1.00 2.99  ? 20   VAL A CG2 1 
ATOM   154  N N   . ASN A 1 22  ? 3.393   4.888   -9.661  1.00 2.22  ? 21   ASN A N   1 
ATOM   155  C CA  . ASN A 1 22  ? 2.471   3.949   -10.318 1.00 2.09  ? 21   ASN A CA  1 
ATOM   156  C C   . ASN A 1 22  ? 2.182   2.781   -9.383  1.00 2.00  ? 21   ASN A C   1 
ATOM   157  O O   . ASN A 1 22  ? 1.048   2.314   -9.287  1.00 2.00  ? 21   ASN A O   1 
ATOM   158  C CB  . ASN A 1 22  ? 3.067   3.419   -11.630 1.00 2.00  ? 21   ASN A CB  1 
ATOM   159  C CG  . ASN A 1 22  ? 2.069   2.605   -12.447 1.00 4.56  ? 21   ASN A CG  1 
ATOM   160  O OD1 . ASN A 1 22  ? 2.029   1.373   -12.356 1.00 2.00  ? 21   ASN A OD1 1 
ATOM   161  N ND2 . ASN A 1 22  ? 1.276   3.288   -13.272 1.00 2.00  ? 21   ASN A ND2 1 
ATOM   162  N N   . LEU A 1 23  ? 3.210   2.330   -8.673  1.00 2.86  ? 22   LEU A N   1 
ATOM   163  C CA  . LEU A 1 23  ? 3.045   1.218   -7.738  1.00 2.35  ? 22   LEU A CA  1 
ATOM   164  C C   . LEU A 1 23  ? 2.018   1.582   -6.646  1.00 2.36  ? 22   LEU A C   1 
ATOM   165  O O   . LEU A 1 23  ? 1.181   0.755   -6.285  1.00 2.00  ? 22   LEU A O   1 
ATOM   166  C CB  . LEU A 1 23  ? 4.402   0.835   -7.129  1.00 3.80  ? 22   LEU A CB  1 
ATOM   167  C CG  . LEU A 1 23  ? 4.544   -0.539  -6.460  1.00 8.71  ? 22   LEU A CG  1 
ATOM   168  C CD1 . LEU A 1 23  ? 3.696   -0.614  -5.203  1.00 11.68 ? 22   LEU A CD1 1 
ATOM   169  C CD2 . LEU A 1 23  ? 4.140   -1.647  -7.427  1.00 9.38  ? 22   LEU A CD2 1 
ATOM   170  N N   . LYS A 1 24  ? 2.066   2.821   -6.153  1.00 2.00  ? 23   LYS A N   1 
ATOM   171  C CA  . LYS A 1 24  ? 1.140   3.284   -5.120  1.00 2.00  ? 23   LYS A CA  1 
ATOM   172  C C   . LYS A 1 24  ? -0.292  3.353   -5.632  1.00 2.00  ? 23   LYS A C   1 
ATOM   173  O O   . LYS A 1 24  ? -1.233  3.052   -4.898  1.00 2.00  ? 23   LYS A O   1 
ATOM   174  C CB  . LYS A 1 24  ? 1.564   4.653   -4.556  1.00 3.30  ? 23   LYS A CB  1 
ATOM   175  C CG  . LYS A 1 24  ? 2.725   4.609   -3.571  1.00 2.00  ? 23   LYS A CG  1 
ATOM   176  C CD  . LYS A 1 24  ? 2.350   3.846   -2.317  1.00 2.00  ? 23   LYS A CD  1 
ATOM   177  C CE  . LYS A 1 24  ? 3.456   3.901   -1.270  1.00 2.00  ? 23   LYS A CE  1 
ATOM   178  N NZ  . LYS A 1 24  ? 2.993   3.281   -0.006  1.00 2.00  ? 23   LYS A NZ  1 
ATOM   179  N N   . PHE A 1 25  ? -0.471  3.773   -6.879  1.00 2.00  ? 24   PHE A N   1 
ATOM   180  C CA  . PHE A 1 25  ? -1.815  3.807   -7.450  1.00 2.37  ? 24   PHE A CA  1 
ATOM   181  C C   . PHE A 1 25  ? -2.314  2.369   -7.589  1.00 2.00  ? 24   PHE A C   1 
ATOM   182  O O   . PHE A 1 25  ? -3.460  2.058   -7.257  1.00 2.00  ? 24   PHE A O   1 
ATOM   183  C CB  . PHE A 1 25  ? -1.812  4.503   -8.813  1.00 2.32  ? 24   PHE A CB  1 
ATOM   184  C CG  . PHE A 1 25  ? -1.765  5.998   -8.727  1.00 3.65  ? 24   PHE A CG  1 
ATOM   185  C CD1 . PHE A 1 25  ? -2.560  6.680   -7.807  1.00 5.83  ? 24   PHE A CD1 1 
ATOM   186  C CD2 . PHE A 1 25  ? -0.947  6.730   -9.572  1.00 5.53  ? 24   PHE A CD2 1 
ATOM   187  C CE1 . PHE A 1 25  ? -2.542  8.074   -7.738  1.00 6.67  ? 24   PHE A CE1 1 
ATOM   188  C CE2 . PHE A 1 25  ? -0.921  8.121   -9.506  1.00 6.49  ? 24   PHE A CE2 1 
ATOM   189  C CZ  . PHE A 1 25  ? -1.720  8.788   -8.588  1.00 6.51  ? 24   PHE A CZ  1 
ATOM   190  N N   . TYR A 1 26  ? -1.429  1.490   -8.049  1.00 2.00  ? 25   TYR A N   1 
ATOM   191  C CA  . TYR A 1 26  ? -1.764  0.088   -8.214  1.00 2.48  ? 25   TYR A CA  1 
ATOM   192  C C   . TYR A 1 26  ? -2.185  -0.531  -6.873  1.00 2.01  ? 25   TYR A C   1 
ATOM   193  O O   . TYR A 1 26  ? -3.115  -1.349  -6.827  1.00 2.00  ? 25   TYR A O   1 
ATOM   194  C CB  . TYR A 1 26  ? -0.586  -0.685  -8.812  1.00 2.00  ? 25   TYR A CB  1 
ATOM   195  C CG  . TYR A 1 26  ? -0.805  -2.176  -8.839  1.00 3.64  ? 25   TYR A CG  1 
ATOM   196  C CD1 . TYR A 1 26  ? -1.612  -2.762  -9.811  1.00 4.08  ? 25   TYR A CD1 1 
ATOM   197  C CD2 . TYR A 1 26  ? -0.230  -3.002  -7.870  1.00 2.00  ? 25   TYR A CD2 1 
ATOM   198  C CE1 . TYR A 1 26  ? -1.841  -4.133  -9.820  1.00 2.11  ? 25   TYR A CE1 1 
ATOM   199  C CE2 . TYR A 1 26  ? -0.454  -4.363  -7.869  1.00 2.00  ? 25   TYR A CE2 1 
ATOM   200  C CZ  . TYR A 1 26  ? -1.260  -4.926  -8.847  1.00 2.42  ? 25   TYR A CZ  1 
ATOM   201  O OH  . TYR A 1 26  ? -1.486  -6.285  -8.847  1.00 4.47  ? 25   TYR A OH  1 
ATOM   202  N N   . SER A 1 27  ? -1.511  -0.137  -5.792  1.00 2.00  ? 26   SER A N   1 
ATOM   203  C CA  . SER A 1 27  ? -1.839  -0.646  -4.457  1.00 4.37  ? 26   SER A CA  1 
ATOM   204  C C   . SER A 1 27  ? -3.240  -0.195  -4.050  1.00 2.27  ? 26   SER A C   1 
ATOM   205  O O   . SER A 1 27  ? -4.042  -1.006  -3.608  1.00 3.43  ? 26   SER A O   1 
ATOM   206  C CB  . SER A 1 27  ? -0.846  -0.144  -3.399  1.00 4.96  ? 26   SER A CB  1 
ATOM   207  O OG  . SER A 1 27  ? 0.492   -0.443  -3.739  1.00 14.19 ? 26   SER A OG  1 
ATOM   208  N N   . SER A 1 28  ? -3.521  1.101   -4.159  1.00 3.48  ? 27   SER A N   1 
ATOM   209  C CA  . SER A 1 28  ? -4.840  1.612   -3.797  1.00 3.45  ? 27   SER A CA  1 
ATOM   210  C C   . SER A 1 28  ? -5.925  0.953   -4.643  1.00 2.00  ? 27   SER A C   1 
ATOM   211  O O   . SER A 1 28  ? -6.990  0.627   -4.137  1.00 3.45  ? 27   SER A O   1 
ATOM   212  C CB  . SER A 1 28  ? -4.910  3.138   -3.922  1.00 3.69  ? 27   SER A CB  1 
ATOM   213  O OG  . SER A 1 28  ? -4.682  3.566   -5.240  1.00 7.30  ? 27   SER A OG  1 
ATOM   214  N N   . TYR A 1 29  ? -5.629  0.701   -5.915  1.00 3.79  ? 28   TYR A N   1 
ATOM   215  C CA  . TYR A 1 29  ? -6.585  0.045   -6.808  1.00 2.00  ? 28   TYR A CA  1 
ATOM   216  C C   . TYR A 1 29  ? -6.865  -1.370  -6.305  1.00 2.00  ? 28   TYR A C   1 
ATOM   217  O O   . TYR A 1 29  ? -8.000  -1.830  -6.336  1.00 2.00  ? 28   TYR A O   1 
ATOM   218  C CB  . TYR A 1 29  ? -6.047  -0.001  -8.245  1.00 2.88  ? 28   TYR A CB  1 
ATOM   219  C CG  . TYR A 1 29  ? -7.138  -0.056  -9.300  1.00 2.92  ? 28   TYR A CG  1 
ATOM   220  C CD1 . TYR A 1 29  ? -8.416  0.430   -9.024  1.00 4.41  ? 28   TYR A CD1 1 
ATOM   221  C CD2 . TYR A 1 29  ? -6.890  -0.559  -10.583 1.00 2.00  ? 28   TYR A CD2 1 
ATOM   222  C CE1 . TYR A 1 29  ? -9.414  0.427   -9.987  1.00 2.68  ? 28   TYR A CE1 1 
ATOM   223  C CE2 . TYR A 1 29  ? -7.895  -0.566  -11.557 1.00 2.00  ? 28   TYR A CE2 1 
ATOM   224  C CZ  . TYR A 1 29  ? -9.158  -0.063  -11.247 1.00 3.45  ? 28   TYR A CZ  1 
ATOM   225  O OH  . TYR A 1 29  ? -10.174 -0.027  -12.184 1.00 2.16  ? 28   TYR A OH  1 
ATOM   226  N N   . VAL A 1 30  ? -5.824  -2.064  -5.850  1.00 3.06  ? 29   VAL A N   1 
ATOM   227  C CA  . VAL A 1 30  ? -5.988  -3.416  -5.319  1.00 2.00  ? 29   VAL A CA  1 
ATOM   228  C C   . VAL A 1 30  ? -6.840  -3.376  -4.046  1.00 3.22  ? 29   VAL A C   1 
ATOM   229  O O   . VAL A 1 30  ? -7.749  -4.200  -3.875  1.00 2.00  ? 29   VAL A O   1 
ATOM   230  C CB  . VAL A 1 30  ? -4.623  -4.099  -5.035  1.00 2.00  ? 29   VAL A CB  1 
ATOM   231  C CG1 . VAL A 1 30  ? -4.812  -5.375  -4.225  1.00 2.00  ? 29   VAL A CG1 1 
ATOM   232  C CG2 . VAL A 1 30  ? -3.938  -4.443  -6.334  1.00 2.00  ? 29   VAL A CG2 1 
ATOM   233  N N   . TYR A 1 31  ? -6.549  -2.416  -3.162  1.00 3.07  ? 30   TYR A N   1 
ATOM   234  C CA  . TYR A 1 31  ? -7.290  -2.253  -1.909  1.00 2.53  ? 30   TYR A CA  1 
ATOM   235  C C   . TYR A 1 31  ? -8.744  -1.879  -2.168  1.00 4.06  ? 30   TYR A C   1 
ATOM   236  O O   . TYR A 1 31  ? -9.648  -2.300  -1.439  1.00 2.00  ? 30   TYR A O   1 
ATOM   237  C CB  . TYR A 1 31  ? -6.631  -1.195  -1.023  1.00 2.14  ? 30   TYR A CB  1 
ATOM   238  C CG  . TYR A 1 31  ? -5.469  -1.730  -0.236  1.00 2.00  ? 30   TYR A CG  1 
ATOM   239  C CD1 . TYR A 1 31  ? -5.635  -2.831  0.598   1.00 5.12  ? 30   TYR A CD1 1 
ATOM   240  C CD2 . TYR A 1 31  ? -4.197  -1.168  -0.347  1.00 2.00  ? 30   TYR A CD2 1 
ATOM   241  C CE1 . TYR A 1 31  ? -4.568  -3.369  1.301   1.00 7.27  ? 30   TYR A CE1 1 
ATOM   242  C CE2 . TYR A 1 31  ? -3.123  -1.698  0.346   1.00 2.00  ? 30   TYR A CE2 1 
ATOM   243  C CZ  . TYR A 1 31  ? -3.317  -2.801  1.165   1.00 5.19  ? 30   TYR A CZ  1 
ATOM   244  O OH  . TYR A 1 31  ? -2.271  -3.370  1.835   1.00 6.70  ? 30   TYR A OH  1 
ATOM   245  N N   . LEU A 1 32  ? -8.967  -1.094  -3.217  1.00 4.65  ? 31   LEU A N   1 
ATOM   246  C CA  . LEU A 1 32  ? -10.315 -0.684  -3.600  1.00 5.30  ? 31   LEU A CA  1 
ATOM   247  C C   . LEU A 1 32  ? -11.068 -1.938  -4.037  1.00 4.74  ? 31   LEU A C   1 
ATOM   248  O O   . LEU A 1 32  ? -12.240 -2.132  -3.683  1.00 2.00  ? 31   LEU A O   1 
ATOM   249  C CB  . LEU A 1 32  ? -10.261 0.333   -4.743  1.00 8.84  ? 31   LEU A CB  1 
ATOM   250  C CG  . LEU A 1 32  ? -11.588 0.778   -5.372  1.00 9.18  ? 31   LEU A CG  1 
ATOM   251  C CD1 . LEU A 1 32  ? -12.435 1.538   -4.360  1.00 10.43 ? 31   LEU A CD1 1 
ATOM   252  C CD2 . LEU A 1 32  ? -11.299 1.638   -6.560  1.00 8.67  ? 31   LEU A CD2 1 
ATOM   253  N N   . SER A 1 33  ? -10.380 -2.790  -4.800  1.00 2.00  ? 32   SER A N   1 
ATOM   254  C CA  . SER A 1 33  ? -10.956 -4.052  -5.265  1.00 3.19  ? 32   SER A CA  1 
ATOM   255  C C   . SER A 1 33  ? -11.379 -4.901  -4.056  1.00 3.13  ? 32   SER A C   1 
ATOM   256  O O   . SER A 1 33  ? -12.500 -5.410  -4.007  1.00 2.00  ? 32   SER A O   1 
ATOM   257  C CB  . SER A 1 33  ? -9.935  -4.829  -6.095  1.00 2.00  ? 32   SER A CB  1 
ATOM   258  O OG  . SER A 1 33  ? -10.498 -6.046  -6.541  1.00 9.49  ? 32   SER A OG  1 
ATOM   259  N N   . MET A 1 34  ? -10.487 -5.040  -3.078  1.00 2.00  ? 33   MET A N   1 
ATOM   260  C CA  . MET A 1 34  ? -10.796 -5.816  -1.882  1.00 3.03  ? 33   MET A CA  1 
ATOM   261  C C   . MET A 1 34  ? -11.959 -5.222  -1.095  1.00 3.24  ? 33   MET A C   1 
ATOM   262  O O   . MET A 1 34  ? -12.858 -5.943  -0.695  1.00 8.30  ? 33   MET A O   1 
ATOM   263  C CB  . MET A 1 34  ? -9.566  -5.959  -0.993  1.00 2.00  ? 33   MET A CB  1 
ATOM   264  C CG  . MET A 1 34  ? -8.442  -6.695  -1.675  1.00 4.24  ? 33   MET A CG  1 
ATOM   265  S SD  . MET A 1 34  ? -7.144  -7.209  -0.572  1.00 10.06 ? 33   MET A SD  1 
ATOM   266  C CE  . MET A 1 34  ? -6.094  -5.839  -0.660  1.00 12.72 ? 33   MET A CE  1 
ATOM   267  N N   . ALA A 1 35  ? -11.976 -3.904  -0.931  1.00 3.72  ? 34   ALA A N   1 
ATOM   268  C CA  . ALA A 1 35  ? -13.039 -3.227  -0.196  1.00 3.76  ? 34   ALA A CA  1 
ATOM   269  C C   . ALA A 1 35  ? -14.411 -3.410  -0.831  1.00 3.10  ? 34   ALA A C   1 
ATOM   270  O O   . ALA A 1 35  ? -15.416 -3.496  -0.133  1.00 2.69  ? 34   ALA A O   1 
ATOM   271  C CB  . ALA A 1 35  ? -12.715 -1.753  -0.055  1.00 5.14  ? 34   ALA A CB  1 
ATOM   272  N N   . SER A 1 36  ? -14.443 -3.488  -2.157  1.00 2.58  ? 35   SER A N   1 
ATOM   273  C CA  . SER A 1 36  ? -15.681 -3.668  -2.902  1.00 3.64  ? 35   SER A CA  1 
ATOM   274  C C   . SER A 1 36  ? -16.202 -5.091  -2.756  1.00 4.19  ? 35   SER A C   1 
ATOM   275  O O   . SER A 1 36  ? -17.412 -5.316  -2.654  1.00 2.00  ? 35   SER A O   1 
ATOM   276  C CB  . SER A 1 36  ? -15.462 -3.354  -4.386  1.00 5.43  ? 35   SER A CB  1 
ATOM   277  O OG  . SER A 1 36  ? -14.970 -2.035  -4.560  1.00 8.50  ? 35   SER A OG  1 
ATOM   278  N N   . TYR A 1 37  ? -15.280 -6.049  -2.749  1.00 2.75  ? 36   TYR A N   1 
ATOM   279  C CA  . TYR A 1 37  ? -15.634 -7.452  -2.612  1.00 2.00  ? 36   TYR A CA  1 
ATOM   280  C C   . TYR A 1 37  ? -16.303 -7.720  -1.264  1.00 2.00  ? 36   TYR A C   1 
ATOM   281  O O   . TYR A 1 37  ? -17.288 -8.457  -1.179  1.00 2.00  ? 36   TYR A O   1 
ATOM   282  C CB  . TYR A 1 37  ? -14.384 -8.323  -2.760  1.00 2.00  ? 36   TYR A CB  1 
ATOM   283  C CG  . TYR A 1 37  ? -14.601 -9.775  -2.425  1.00 2.07  ? 36   TYR A CG  1 
ATOM   284  C CD1 . TYR A 1 37  ? -15.216 -10.633 -3.332  1.00 2.32  ? 36   TYR A CD1 1 
ATOM   285  C CD2 . TYR A 1 37  ? -14.190 -10.295 -1.198  1.00 2.00  ? 36   TYR A CD2 1 
ATOM   286  C CE1 . TYR A 1 37  ? -15.418 -11.962 -3.036  1.00 2.00  ? 36   TYR A CE1 1 
ATOM   287  C CE2 . TYR A 1 37  ? -14.392 -11.630 -0.891  1.00 3.74  ? 36   TYR A CE2 1 
ATOM   288  C CZ  . TYR A 1 37  ? -15.009 -12.455 -1.820  1.00 2.00  ? 36   TYR A CZ  1 
ATOM   289  O OH  . TYR A 1 37  ? -15.235 -13.782 -1.538  1.00 5.88  ? 36   TYR A OH  1 
ATOM   290  N N   . PHE A 1 38  ? -15.786 -7.097  -0.211  1.00 3.21  ? 37   PHE A N   1 
ATOM   291  C CA  . PHE A 1 38  ? -16.338 -7.308  1.110   1.00 2.65  ? 37   PHE A CA  1 
ATOM   292  C C   . PHE A 1 38  ? -17.684 -6.667  1.375   1.00 2.40  ? 37   PHE A C   1 
ATOM   293  O O   . PHE A 1 38  ? -18.365 -7.046  2.327   1.00 2.00  ? 37   PHE A O   1 
ATOM   294  C CB  . PHE A 1 38  ? -15.300 -6.964  2.175   1.00 4.18  ? 37   PHE A CB  1 
ATOM   295  C CG  . PHE A 1 38  ? -14.178 -7.937  2.213   1.00 4.14  ? 37   PHE A CG  1 
ATOM   296  C CD1 . PHE A 1 38  ? -14.340 -9.160  2.854   1.00 5.95  ? 37   PHE A CD1 1 
ATOM   297  C CD2 . PHE A 1 38  ? -13.006 -7.698  1.510   1.00 4.09  ? 37   PHE A CD2 1 
ATOM   298  C CE1 . PHE A 1 38  ? -13.359 -10.134 2.786   1.00 6.98  ? 37   PHE A CE1 1 
ATOM   299  C CE2 . PHE A 1 38  ? -12.013 -8.667  1.434   1.00 5.15  ? 37   PHE A CE2 1 
ATOM   300  C CZ  . PHE A 1 38  ? -12.192 -9.888  2.071   1.00 5.97  ? 37   PHE A CZ  1 
ATOM   301  N N   . ASN A 1 39  ? -18.087 -5.731  0.516   1.00 3.19  ? 38   ASN A N   1 
ATOM   302  C CA  . ASN A 1 39  ? -19.386 -5.072  0.672   1.00 2.82  ? 38   ASN A CA  1 
ATOM   303  C C   . ASN A 1 39  ? -20.470 -5.817  -0.101  1.00 2.00  ? 38   ASN A C   1 
ATOM   304  O O   . ASN A 1 39  ? -21.640 -5.431  -0.078  1.00 2.64  ? 38   ASN A O   1 
ATOM   305  C CB  . ASN A 1 39  ? -19.342 -3.606  0.221   1.00 6.87  ? 38   ASN A CB  1 
ATOM   306  C CG  . ASN A 1 39  ? -18.782 -2.676  1.281   1.00 8.87  ? 38   ASN A CG  1 
ATOM   307  O OD1 . ASN A 1 39  ? -18.107 -1.693  0.961   1.00 13.42 ? 38   ASN A OD1 1 
ATOM   308  N ND2 . ASN A 1 39  ? -19.084 -2.954  2.540   1.00 11.33 ? 38   ASN A ND2 1 
ATOM   309  N N   . ARG A 1 40  ? -20.072 -6.863  -0.819  1.00 2.00  ? 39   ARG A N   1 
ATOM   310  C CA  . ARG A 1 40  ? -21.015 -7.664  -1.578  1.00 2.00  ? 39   ARG A CA  1 
ATOM   311  C C   . ARG A 1 40  ? -22.014 -8.231  -0.602  1.00 2.04  ? 39   ARG A C   1 
ATOM   312  O O   . ARG A 1 40  ? -21.659 -8.571  0.522   1.00 2.00  ? 39   ARG A O   1 
ATOM   313  C CB  . ARG A 1 40  ? -20.287 -8.797  -2.275  1.00 2.82  ? 39   ARG A CB  1 
ATOM   314  C CG  . ARG A 1 40  ? -19.486 -8.347  -3.459  1.00 2.05  ? 39   ARG A CG  1 
ATOM   315  C CD  . ARG A 1 40  ? -18.565 -9.433  -3.923  1.00 3.54  ? 39   ARG A CD  1 
ATOM   316  N NE  . ARG A 1 40  ? -19.257 -10.698 -4.134  1.00 6.45  ? 39   ARG A NE  1 
ATOM   317  C CZ  . ARG A 1 40  ? -18.866 -11.622 -5.006  1.00 9.86  ? 39   ARG A CZ  1 
ATOM   318  N NH1 . ARG A 1 40  ? -17.789 -11.418 -5.761  1.00 8.11  ? 39   ARG A NH1 1 
ATOM   319  N NH2 . ARG A 1 40  ? -19.519 -12.778 -5.090  1.00 9.80  ? 39   ARG A NH2 1 
ATOM   320  N N   . ASP A 1 41  ? -23.258 -8.363  -1.034  1.00 3.36  ? 40   ASP A N   1 
ATOM   321  C CA  . ASP A 1 41  ? -24.296 -8.877  -0.157  1.00 2.24  ? 40   ASP A CA  1 
ATOM   322  C C   . ASP A 1 41  ? -23.972 -10.293 0.310   1.00 3.23  ? 40   ASP A C   1 
ATOM   323  O O   . ASP A 1 41  ? -24.367 -10.689 1.403   1.00 3.04  ? 40   ASP A O   1 
ATOM   324  C CB  . ASP A 1 41  ? -25.648 -8.846  -0.863  1.00 3.53  ? 40   ASP A CB  1 
ATOM   325  C CG  . ASP A 1 41  ? -25.805 -9.970  -1.852  1.00 3.36  ? 40   ASP A CG  1 
ATOM   326  O OD1 . ASP A 1 41  ? -25.272 -9.860  -2.969  1.00 9.54  ? 40   ASP A OD1 1 
ATOM   327  O OD2 . ASP A 1 41  ? -26.430 -10.984 -1.504  1.00 8.66  ? 40   ASP A OD2 1 
ATOM   328  N N   . ASP A 1 42  ? -23.255 -11.049 -0.521  1.00 2.03  ? 41   ASP A N   1 
ATOM   329  C CA  . ASP A 1 42  ? -22.884 -12.418 -0.186  1.00 2.37  ? 41   ASP A CA  1 
ATOM   330  C C   . ASP A 1 42  ? -21.587 -12.561 0.609   1.00 2.82  ? 41   ASP A C   1 
ATOM   331  O O   . ASP A 1 42  ? -21.157 -13.677 0.902   1.00 2.41  ? 41   ASP A O   1 
ATOM   332  C CB  . ASP A 1 42  ? -22.859 -13.308 -1.439  1.00 2.55  ? 41   ASP A CB  1 
ATOM   333  C CG  . ASP A 1 42  ? -21.811 -12.888 -2.457  1.00 5.38  ? 41   ASP A CG  1 
ATOM   334  O OD1 . ASP A 1 42  ? -21.455 -11.694 -2.528  1.00 2.16  ? 41   ASP A OD1 1 
ATOM   335  O OD2 . ASP A 1 42  ? -21.346 -13.771 -3.213  1.00 7.32  ? 41   ASP A OD2 1 
ATOM   336  N N   . VAL A 1 43  ? -20.958 -11.440 0.944   1.00 2.00  ? 42   VAL A N   1 
ATOM   337  C CA  . VAL A 1 43  ? -19.729 -11.463 1.728   1.00 3.30  ? 42   VAL A CA  1 
ATOM   338  C C   . VAL A 1 43  ? -20.059 -10.738 3.033   1.00 4.97  ? 42   VAL A C   1 
ATOM   339  O O   . VAL A 1 43  ? -19.851 -11.269 4.128   1.00 4.48  ? 42   VAL A O   1 
ATOM   340  C CB  . VAL A 1 43  ? -18.556 -10.803 0.971   1.00 3.37  ? 42   VAL A CB  1 
ATOM   341  C CG1 . VAL A 1 43  ? -17.252 -11.014 1.733   1.00 2.00  ? 42   VAL A CG1 1 
ATOM   342  C CG2 . VAL A 1 43  ? -18.440 -11.396 -0.443  1.00 3.52  ? 42   VAL A CG2 1 
ATOM   343  N N   . ALA A 1 44  ? -20.576 -9.520  2.902   1.00 4.48  ? 43   ALA A N   1 
ATOM   344  C CA  . ALA A 1 44  ? -21.027 -8.732  4.039   1.00 5.07  ? 43   ALA A CA  1 
ATOM   345  C C   . ALA A 1 44  ? -20.070 -8.476  5.216   1.00 6.23  ? 43   ALA A C   1 
ATOM   346  O O   . ALA A 1 44  ? -20.502 -8.472  6.366   1.00 6.54  ? 43   ALA A O   1 
ATOM   347  C CB  . ALA A 1 44  ? -22.348 -9.321  4.560   1.00 2.04  ? 43   ALA A CB  1 
ATOM   348  N N   . LEU A 1 45  ? -18.789 -8.257  4.952   1.00 6.44  ? 44   LEU A N   1 
ATOM   349  C CA  . LEU A 1 45  ? -17.855 -7.963  6.044   1.00 6.85  ? 44   LEU A CA  1 
ATOM   350  C C   . LEU A 1 45  ? -17.538 -6.459  6.034   1.00 5.44  ? 44   LEU A C   1 
ATOM   351  O O   . LEU A 1 45  ? -16.456 -6.044  5.636   1.00 4.90  ? 44   LEU A O   1 
ATOM   352  C CB  . LEU A 1 45  ? -16.586 -8.805  5.913   1.00 5.54  ? 44   LEU A CB  1 
ATOM   353  C CG  . LEU A 1 45  ? -16.807 -10.319 5.998   1.00 8.84  ? 44   LEU A CG  1 
ATOM   354  C CD1 . LEU A 1 45  ? -15.505 -11.085 5.734   1.00 6.02  ? 44   LEU A CD1 1 
ATOM   355  C CD2 . LEU A 1 45  ? -17.381 -10.659 7.363   1.00 7.38  ? 44   LEU A CD2 1 
ATOM   356  N N   . SER A 1 46  ? -18.494 -5.666  6.511   1.00 5.69  ? 45   SER A N   1 
ATOM   357  C CA  . SER A 1 46  ? -18.411 -4.208  6.559   1.00 6.23  ? 45   SER A CA  1 
ATOM   358  C C   . SER A 1 46  ? -17.111 -3.583  7.048   1.00 7.41  ? 45   SER A C   1 
ATOM   359  O O   . SER A 1 46  ? -16.632 -2.615  6.458   1.00 8.06  ? 45   SER A O   1 
ATOM   360  C CB  . SER A 1 46  ? -19.576 -3.636  7.369   1.00 7.49  ? 45   SER A CB  1 
ATOM   361  O OG  . SER A 1 46  ? -19.464 -4.011  8.733   1.00 14.93 ? 45   SER A OG  1 
ATOM   362  N N   . ASN A 1 47  ? -16.588 -4.070  8.167   1.00 8.84  ? 46   ASN A N   1 
ATOM   363  C CA  . ASN A 1 47  ? -15.345 -3.538  8.706   1.00 7.60  ? 46   ASN A CA  1 
ATOM   364  C C   . ASN A 1 47  ? -14.121 -3.955  7.890   1.00 7.90  ? 46   ASN A C   1 
ATOM   365  O O   . ASN A 1 47  ? -13.169 -3.184  7.751   1.00 7.89  ? 46   ASN A O   1 
ATOM   366  C CB  . ASN A 1 47  ? -15.217 -3.863  10.194  1.00 9.61  ? 46   ASN A CB  1 
ATOM   367  C CG  . ASN A 1 47  ? -16.271 -3.139  11.034  1.00 11.60 ? 46   ASN A CG  1 
ATOM   368  O OD1 . ASN A 1 47  ? -16.939 -2.225  10.552  1.00 13.99 ? 46   ASN A OD1 1 
ATOM   369  N ND2 . ASN A 1 47  ? -16.420 -3.536  12.282  1.00 14.80 ? 46   ASN A ND2 1 
ATOM   370  N N   . PHE A 1 48  ? -14.151 -5.151  7.309   1.00 3.78  ? 47   PHE A N   1 
ATOM   371  C CA  . PHE A 1 48  ? -13.051 -5.577  6.456   1.00 3.40  ? 47   PHE A CA  1 
ATOM   372  C C   . PHE A 1 48  ? -12.991 -4.599  5.286   1.00 2.71  ? 47   PHE A C   1 
ATOM   373  O O   . PHE A 1 48  ? -11.909 -4.196  4.863   1.00 3.63  ? 47   PHE A O   1 
ATOM   374  C CB  . PHE A 1 48  ? -13.285 -6.978  5.885   1.00 2.33  ? 47   PHE A CB  1 
ATOM   375  C CG  . PHE A 1 48  ? -12.821 -8.082  6.775   1.00 2.17  ? 47   PHE A CG  1 
ATOM   376  C CD1 . PHE A 1 48  ? -13.558 -8.441  7.898   1.00 2.29  ? 47   PHE A CD1 1 
ATOM   377  C CD2 . PHE A 1 48  ? -11.673 -8.802  6.465   1.00 2.62  ? 47   PHE A CD2 1 
ATOM   378  C CE1 . PHE A 1 48  ? -13.166 -9.507  8.692   1.00 2.00  ? 47   PHE A CE1 1 
ATOM   379  C CE2 . PHE A 1 48  ? -11.272 -9.872  7.257   1.00 3.51  ? 47   PHE A CE2 1 
ATOM   380  C CZ  . PHE A 1 48  ? -12.023 -10.224 8.371   1.00 3.95  ? 47   PHE A CZ  1 
ATOM   381  N N   . ALA A 1 49  ? -14.164 -4.247  4.759   1.00 2.00  ? 48   ALA A N   1 
ATOM   382  C CA  . ALA A 1 49  ? -14.265 -3.321  3.644   1.00 4.48  ? 48   ALA A CA  1 
ATOM   383  C C   . ALA A 1 49  ? -13.748 -1.936  4.020   1.00 4.88  ? 48   ALA A C   1 
ATOM   384  O O   . ALA A 1 49  ? -12.994 -1.326  3.273   1.00 5.71  ? 48   ALA A O   1 
ATOM   385  C CB  . ALA A 1 49  ? -15.716 -3.238  3.154   1.00 4.62  ? 48   ALA A CB  1 
ATOM   386  N N   . LYS A 1 50  ? -14.156 -1.447  5.185   1.00 6.21  ? 49   LYS A N   1 
ATOM   387  C CA  . LYS A 1 50  ? -13.733 -0.133  5.652   1.00 5.78  ? 49   LYS A CA  1 
ATOM   388  C C   . LYS A 1 50  ? -12.218 -0.087  5.788   1.00 6.96  ? 49   LYS A C   1 
ATOM   389  O O   . LYS A 1 50  ? -11.576 0.900   5.409   1.00 5.53  ? 49   LYS A O   1 
ATOM   390  C CB  . LYS A 1 50  ? -14.387 0.179   6.992   1.00 6.84  ? 49   LYS A CB  1 
ATOM   391  C CG  . LYS A 1 50  ? -14.201 1.614   7.450   1.00 11.36 ? 49   LYS A CG  1 
ATOM   392  C CD  . LYS A 1 50  ? -14.799 1.841   8.840   1.00 16.38 ? 49   LYS A CD  1 
ATOM   393  C CE  . LYS A 1 50  ? -13.919 1.281   9.968   1.00 19.55 ? 49   LYS A CE  1 
ATOM   394  N NZ  . LYS A 1 50  ? -13.817 -0.215  10.010  1.00 23.32 ? 49   LYS A NZ  1 
ATOM   395  N N   . PHE A 1 51  ? -11.652 -1.175  6.300   1.00 5.04  ? 50   PHE A N   1 
ATOM   396  C CA  . PHE A 1 51  ? -10.216 -1.276  6.486   1.00 5.27  ? 50   PHE A CA  1 
ATOM   397  C C   . PHE A 1 51  ? -9.495  -1.181  5.146   1.00 4.52  ? 50   PHE A C   1 
ATOM   398  O O   . PHE A 1 51  ? -8.530  -0.434  5.016   1.00 4.37  ? 50   PHE A O   1 
ATOM   399  C CB  . PHE A 1 51  ? -9.868  -2.589  7.198   1.00 9.42  ? 50   PHE A CB  1 
ATOM   400  C CG  . PHE A 1 51  ? -8.386  -2.869  7.298   1.00 9.98  ? 50   PHE A CG  1 
ATOM   401  C CD1 . PHE A 1 51  ? -7.558  -2.075  8.090   1.00 11.43 ? 50   PHE A CD1 1 
ATOM   402  C CD2 . PHE A 1 51  ? -7.826  -3.952  6.622   1.00 8.77  ? 50   PHE A CD2 1 
ATOM   403  C CE1 . PHE A 1 51  ? -6.195  -2.361  8.208   1.00 11.52 ? 50   PHE A CE1 1 
ATOM   404  C CE2 . PHE A 1 51  ? -6.460  -4.243  6.735   1.00 8.88  ? 50   PHE A CE2 1 
ATOM   405  C CZ  . PHE A 1 51  ? -5.649  -3.446  7.529   1.00 9.88  ? 50   PHE A CZ  1 
ATOM   406  N N   . PHE A 1 52  ? -9.970  -1.909  4.144   1.00 2.00  ? 51   PHE A N   1 
ATOM   407  C CA  . PHE A 1 52  ? -9.323  -1.873  2.848   1.00 2.00  ? 51   PHE A CA  1 
ATOM   408  C C   . PHE A 1 52  ? -9.590  -0.561  2.111   1.00 4.31  ? 51   PHE A C   1 
ATOM   409  O O   . PHE A 1 52  ? -8.768  -0.113  1.298   1.00 3.48  ? 51   PHE A O   1 
ATOM   410  C CB  . PHE A 1 52  ? -9.715  -3.098  2.020   1.00 2.00  ? 51   PHE A CB  1 
ATOM   411  C CG  . PHE A 1 52  ? -9.194  -4.401  2.587   1.00 3.59  ? 51   PHE A CG  1 
ATOM   412  C CD1 . PHE A 1 52  ? -7.863  -4.520  2.977   1.00 2.00  ? 51   PHE A CD1 1 
ATOM   413  C CD2 . PHE A 1 52  ? -10.029 -5.502  2.730   1.00 2.00  ? 51   PHE A CD2 1 
ATOM   414  C CE1 . PHE A 1 52  ? -7.372  -5.706  3.495   1.00 2.00  ? 51   PHE A CE1 1 
ATOM   415  C CE2 . PHE A 1 52  ? -9.543  -6.697  3.250   1.00 4.00  ? 51   PHE A CE2 1 
ATOM   416  C CZ  . PHE A 1 52  ? -8.206  -6.794  3.633   1.00 3.62  ? 51   PHE A CZ  1 
ATOM   417  N N   . ARG A 1 53  ? -10.701 0.085   2.445   1.00 2.99  ? 52   ARG A N   1 
ATOM   418  C CA  . ARG A 1 53  ? -11.066 1.353   1.844   1.00 4.76  ? 52   ARG A CA  1 
ATOM   419  C C   . ARG A 1 53  ? -10.106 2.428   2.347   1.00 5.47  ? 52   ARG A C   1 
ATOM   420  O O   . ARG A 1 53  ? -9.659  3.292   1.581   1.00 8.21  ? 52   ARG A O   1 
ATOM   421  C CB  . ARG A 1 53  ? -12.503 1.690   2.209   1.00 8.13  ? 52   ARG A CB  1 
ATOM   422  C CG  . ARG A 1 53  ? -13.174 2.712   1.314   1.00 12.60 ? 52   ARG A CG  1 
ATOM   423  C CD  . ARG A 1 53  ? -14.682 2.416   1.225   1.00 19.58 ? 52   ARG A CD  1 
ATOM   424  N NE  . ARG A 1 53  ? -15.336 2.362   2.540   1.00 24.67 ? 52   ARG A NE  1 
ATOM   425  C CZ  . ARG A 1 53  ? -16.226 1.434   2.909   1.00 25.48 ? 52   ARG A CZ  1 
ATOM   426  N NH1 . ARG A 1 53  ? -16.585 0.471   2.066   1.00 26.05 ? 52   ARG A NH1 1 
ATOM   427  N NH2 . ARG A 1 53  ? -16.747 1.457   4.130   1.00 28.02 ? 52   ARG A NH2 1 
ATOM   428  N N   . GLU A 1 54  ? -9.799  2.392   3.638   1.00 5.90  ? 53   GLU A N   1 
ATOM   429  C CA  . GLU A 1 54  ? -8.848  3.344   4.221   1.00 5.66  ? 53   GLU A CA  1 
ATOM   430  C C   . GLU A 1 54  ? -7.454  3.108   3.632   1.00 4.53  ? 53   GLU A C   1 
ATOM   431  O O   . GLU A 1 54  ? -6.802  4.049   3.179   1.00 3.04  ? 53   GLU A O   1 
ATOM   432  C CB  . GLU A 1 54  ? -8.827  3.237   5.747   1.00 8.75  ? 53   GLU A CB  1 
ATOM   433  C CG  . GLU A 1 54  ? -9.897  4.107   6.418   1.00 15.14 ? 53   GLU A CG  1 
ATOM   434  C CD  . GLU A 1 54  ? -10.500 3.490   7.677   1.00 18.63 ? 53   GLU A CD  1 
ATOM   435  O OE1 . GLU A 1 54  ? -9.816  2.676   8.345   1.00 20.06 ? 53   GLU A OE1 1 
ATOM   436  O OE2 . GLU A 1 54  ? -11.668 3.828   7.997   1.00 20.34 ? 53   GLU A OE2 1 
ATOM   437  N N   . ARG A 1 55  ? -7.014  1.851   3.606   1.00 2.00  ? 54   ARG A N   1 
ATOM   438  C CA  . ARG A 1 55  ? -5.722  1.502   3.030   1.00 2.72  ? 54   ARG A CA  1 
ATOM   439  C C   . ARG A 1 55  ? -5.637  2.021   1.582   1.00 2.72  ? 54   ARG A C   1 
ATOM   440  O O   . ARG A 1 55  ? -4.579  2.450   1.124   1.00 2.00  ? 54   ARG A O   1 
ATOM   441  C CB  . ARG A 1 55  ? -5.535  -0.016  3.052   1.00 5.05  ? 54   ARG A CB  1 
ATOM   442  C CG  . ARG A 1 55  ? -5.381  -0.630  4.456   1.00 4.64  ? 54   ARG A CG  1 
ATOM   443  C CD  A ARG A 1 55  ? -4.093  -0.204  5.152   0.50 3.39  ? 54   ARG A CD  1 
ATOM   444  C CD  B ARG A 1 55  ? -4.018  -1.296  4.628   0.50 2.00  ? 54   ARG A CD  1 
ATOM   445  N NE  A ARG A 1 55  ? -4.162  1.156   5.677   0.50 5.52  ? 54   ARG A NE  1 
ATOM   446  N NE  B ARG A 1 55  ? -2.927  -0.500  4.068   0.50 2.00  ? 54   ARG A NE  1 
ATOM   447  C CZ  A ARG A 1 55  ? -4.645  1.480   6.874   0.50 6.77  ? 54   ARG A CZ  1 
ATOM   448  C CZ  B ARG A 1 55  ? -2.427  0.603   4.618   0.50 2.00  ? 54   ARG A CZ  1 
ATOM   449  N NH1 A ARG A 1 55  ? -5.107  0.540   7.690   0.50 7.11  ? 54   ARG A NH1 1 
ATOM   450  N NH1 B ARG A 1 55  ? -2.905  1.064   5.765   0.50 2.61  ? 54   ARG A NH1 1 
ATOM   451  N NH2 A ARG A 1 55  ? -4.664  2.750   7.258   0.50 4.40  ? 54   ARG A NH2 1 
ATOM   452  N NH2 B ARG A 1 55  ? -1.460  1.261   4.002   0.50 2.00  ? 54   ARG A NH2 1 
ATOM   453  N N   . SER A 1 56  ? -6.771  2.011   0.887   1.00 2.48  ? 55   SER A N   1 
ATOM   454  C CA  . SER A 1 56  ? -6.851  2.481   -0.492  1.00 4.26  ? 55   SER A CA  1 
ATOM   455  C C   . SER A 1 56  ? -6.567  3.979   -0.555  1.00 4.85  ? 55   SER A C   1 
ATOM   456  O O   . SER A 1 56  ? -5.690  4.417   -1.301  1.00 8.62  ? 55   SER A O   1 
ATOM   457  C CB  . SER A 1 56  ? -8.233  2.171   -1.079  1.00 2.00  ? 55   SER A CB  1 
ATOM   458  O OG  . SER A 1 56  ? -8.284  2.459   -2.464  1.00 2.00  ? 55   SER A OG  1 
ATOM   459  N N   . GLU A 1 57  ? -7.287  4.762   0.245   1.00 5.43  ? 56   GLU A N   1 
ATOM   460  C CA  . GLU A 1 57  ? -7.079  6.200   0.283   1.00 4.71  ? 56   GLU A CA  1 
ATOM   461  C C   . GLU A 1 57  ? -5.653  6.555   0.713   1.00 6.40  ? 56   GLU A C   1 
ATOM   462  O O   . GLU A 1 57  ? -5.076  7.519   0.211   1.00 3.80  ? 56   GLU A O   1 
ATOM   463  C CB  . GLU A 1 57  ? -8.093  6.872   1.216   1.00 8.43  ? 56   GLU A CB  1 
ATOM   464  C CG  . GLU A 1 57  ? -9.524  6.930   0.673   1.00 12.77 ? 56   GLU A CG  1 
ATOM   465  C CD  . GLU A 1 57  ? -9.641  7.700   -0.637  1.00 15.95 ? 56   GLU A CD  1 
ATOM   466  O OE1 . GLU A 1 57  ? -9.148  8.850   -0.716  1.00 19.41 ? 56   GLU A OE1 1 
ATOM   467  O OE2 . GLU A 1 57  ? -10.228 7.153   -1.596  1.00 18.93 ? 56   GLU A OE2 1 
ATOM   468  N N   . GLU A 1 58  ? -5.081  5.768   1.625   1.00 6.81  ? 57   GLU A N   1 
ATOM   469  C CA  . GLU A 1 58  ? -3.728  6.001   2.111   1.00 8.27  ? 57   GLU A CA  1 
ATOM   470  C C   . GLU A 1 58  ? -2.672  5.831   1.034   1.00 8.85  ? 57   GLU A C   1 
ATOM   471  O O   . GLU A 1 58  ? -1.722  6.615   0.974   1.00 9.23  ? 57   GLU A O   1 
ATOM   472  C CB  . GLU A 1 58  ? -3.399  5.078   3.284   1.00 12.41 ? 57   GLU A CB  1 
ATOM   473  C CG  . GLU A 1 58  ? -3.920  5.562   4.632   1.00 22.96 ? 57   GLU A CG  1 
ATOM   474  C CD  . GLU A 1 58  ? -3.315  6.899   5.060   1.00 29.29 ? 57   GLU A CD  1 
ATOM   475  O OE1 . GLU A 1 58  ? -2.114  6.930   5.427   1.00 33.69 ? 57   GLU A OE1 1 
ATOM   476  O OE2 . GLU A 1 58  ? -4.048  7.920   5.041   1.00 31.82 ? 57   GLU A OE2 1 
ATOM   477  N N   . GLU A 1 59  ? -2.818  4.804   0.200   1.00 8.33  ? 58   GLU A N   1 
ATOM   478  C CA  . GLU A 1 59  ? -1.848  4.565   -0.864  1.00 8.02  ? 58   GLU A CA  1 
ATOM   479  C C   . GLU A 1 59  ? -1.984  5.655   -1.911  1.00 8.78  ? 58   GLU A C   1 
ATOM   480  O O   . GLU A 1 59  ? -0.983  6.116   -2.457  1.00 7.02  ? 58   GLU A O   1 
ATOM   481  C CB  . GLU A 1 59  ? -2.034  3.200   -1.536  1.00 10.01 ? 58   GLU A CB  1 
ATOM   482  C CG  . GLU A 1 59  ? -1.950  1.971   -0.626  1.00 11.94 ? 58   GLU A CG  1 
ATOM   483  C CD  . GLU A 1 59  ? -0.613  1.801   0.083   1.00 12.72 ? 58   GLU A CD  1 
ATOM   484  O OE1 . GLU A 1 59  ? 0.451   1.954   -0.545  1.00 13.06 ? 58   GLU A OE1 1 
ATOM   485  O OE2 . GLU A 1 59  ? -0.631  1.467   1.286   1.00 17.28 ? 58   GLU A OE2 1 
ATOM   486  N N   . LYS A 1 60  ? -3.226  6.051   -2.196  1.00 8.99  ? 59   LYS A N   1 
ATOM   487  C CA  . LYS A 1 60  ? -3.499  7.103   -3.172  1.00 7.08  ? 59   LYS A CA  1 
ATOM   488  C C   . LYS A 1 60  ? -2.813  8.384   -2.697  1.00 6.22  ? 59   LYS A C   1 
ATOM   489  O O   . LYS A 1 60  ? -2.082  9.041   -3.442  1.00 4.10  ? 59   LYS A O   1 
ATOM   490  C CB  . LYS A 1 60  ? -5.000  7.357   -3.269  1.00 10.50 ? 59   LYS A CB  1 
ATOM   491  C CG  . LYS A 1 60  ? -5.393  8.302   -4.387  1.00 10.73 ? 59   LYS A CG  1 
ATOM   492  C CD  . LYS A 1 60  ? -6.569  9.146   -3.975  1.00 16.27 ? 59   LYS A CD  1 
ATOM   493  C CE  . LYS A 1 60  ? -6.166  10.125  -2.879  1.00 17.79 ? 59   LYS A CE  1 
ATOM   494  N NZ  . LYS A 1 60  ? -7.357  10.742  -2.233  1.00 20.01 ? 59   LYS A NZ  1 
ATOM   495  N N   . GLU A 1 61  ? -3.040  8.713   -1.432  1.00 3.60  ? 60   GLU A N   1 
ATOM   496  C CA  . GLU A 1 61  ? -2.457  9.896   -0.832  1.00 5.12  ? 60   GLU A CA  1 
ATOM   497  C C   . GLU A 1 61  ? -0.936  9.899   -0.967  1.00 3.00  ? 60   GLU A C   1 
ATOM   498  O O   . GLU A 1 61  ? -0.352  10.931  -1.289  1.00 2.48  ? 60   GLU A O   1 
ATOM   499  C CB  . GLU A 1 61  ? -2.881  9.995   0.634   1.00 8.19  ? 60   GLU A CB  1 
ATOM   500  C CG  . GLU A 1 61  ? -2.512  11.297  1.308   1.00 19.74 ? 60   GLU A CG  1 
ATOM   501  C CD  . GLU A 1 61  ? -3.027  12.520  0.559   1.00 27.34 ? 60   GLU A CD  1 
ATOM   502  O OE1 . GLU A 1 61  ? -4.190  12.500  0.078   1.00 32.02 ? 60   GLU A OE1 1 
ATOM   503  O OE2 . GLU A 1 61  ? -2.263  13.509  0.454   1.00 31.00 ? 60   GLU A OE2 1 
ATOM   504  N N   . HIS A 1 62  ? -0.300  8.749   -0.741  1.00 2.17  ? 61   HIS A N   1 
ATOM   505  C CA  . HIS A 1 62  ? 1.155   8.635   -0.854  1.00 2.00  ? 61   HIS A CA  1 
ATOM   506  C C   . HIS A 1 62  ? 1.590   8.918   -2.281  1.00 2.00  ? 61   HIS A C   1 
ATOM   507  O O   . HIS A 1 62  ? 2.547   9.657   -2.518  1.00 2.00  ? 61   HIS A O   1 
ATOM   508  C CB  . HIS A 1 62  ? 1.635   7.238   -0.463  1.00 3.73  ? 61   HIS A CB  1 
ATOM   509  C CG  . HIS A 1 62  ? 1.574   6.963   1.004   1.00 2.28  ? 61   HIS A CG  1 
ATOM   510  N ND1 . HIS A 1 62  ? 1.967   5.760   1.548   1.00 5.86  ? 61   HIS A ND1 1 
ATOM   511  C CD2 . HIS A 1 62  ? 1.184   7.738   2.042   1.00 3.68  ? 61   HIS A CD2 1 
ATOM   512  C CE1 . HIS A 1 62  ? 1.822   5.804   2.861   1.00 5.94  ? 61   HIS A CE1 1 
ATOM   513  N NE2 . HIS A 1 62  ? 1.350   6.993   3.186   1.00 6.90  ? 61   HIS A NE2 1 
ATOM   514  N N   . ALA A 1 63  ? 0.875   8.320   -3.225  1.00 2.00  ? 62   ALA A N   1 
ATOM   515  C CA  . ALA A 1 63  ? 1.147   8.498   -4.639  1.00 3.46  ? 62   ALA A CA  1 
ATOM   516  C C   . ALA A 1 63  ? 1.173   9.978   -4.981  1.00 3.50  ? 62   ALA A C   1 
ATOM   517  O O   . ALA A 1 63  ? 2.073   10.438  -5.669  1.00 2.00  ? 62   ALA A O   1 
ATOM   518  C CB  . ALA A 1 63  ? 0.089   7.791   -5.474  1.00 2.00  ? 62   ALA A CB  1 
ATOM   519  N N   . GLU A 1 64  ? 0.197   10.722  -4.467  1.00 5.44  ? 63   GLU A N   1 
ATOM   520  C CA  . GLU A 1 64  ? 0.101   12.151  -4.735  1.00 6.90  ? 63   GLU A CA  1 
ATOM   521  C C   . GLU A 1 64  ? 1.209   12.954  -4.050  1.00 6.34  ? 63   GLU A C   1 
ATOM   522  O O   . GLU A 1 64  ? 1.689   13.943  -4.600  1.00 5.17  ? 63   GLU A O   1 
ATOM   523  C CB  . GLU A 1 64  ? -1.295  12.667  -4.369  1.00 11.76 ? 63   GLU A CB  1 
ATOM   524  C CG  . GLU A 1 64  ? -2.400  11.958  -5.162  1.00 17.42 ? 63   GLU A CG  1 
ATOM   525  C CD  . GLU A 1 64  ? -3.817  12.394  -4.801  1.00 20.52 ? 63   GLU A CD  1 
ATOM   526  O OE1 . GLU A 1 64  ? -4.038  12.965  -3.707  1.00 22.92 ? 63   GLU A OE1 1 
ATOM   527  O OE2 . GLU A 1 64  ? -4.721  12.147  -5.625  1.00 21.64 ? 63   GLU A OE2 1 
ATOM   528  N N   . LYS A 1 65  ? 1.631   12.517  -2.868  1.00 5.64  ? 64   LYS A N   1 
ATOM   529  C CA  . LYS A 1 65  ? 2.710   13.203  -2.166  1.00 7.45  ? 64   LYS A CA  1 
ATOM   530  C C   . LYS A 1 65  ? 4.033   12.914  -2.882  1.00 4.47  ? 64   LYS A C   1 
ATOM   531  O O   . LYS A 1 65  ? 4.946   13.736  -2.855  1.00 4.96  ? 64   LYS A O   1 
ATOM   532  C CB  . LYS A 1 65  ? 2.787   12.783  -0.695  1.00 10.57 ? 64   LYS A CB  1 
ATOM   533  C CG  . LYS A 1 65  ? 1.576   13.172  0.146   1.00 13.68 ? 64   LYS A CG  1 
ATOM   534  C CD  . LYS A 1 65  ? 1.419   14.675  0.293   1.00 19.81 ? 64   LYS A CD  1 
ATOM   535  C CE  . LYS A 1 65  ? 2.511   15.286  1.169   1.00 24.61 ? 64   LYS A CE  1 
ATOM   536  N NZ  . LYS A 1 65  ? 2.245   16.730  1.453   1.00 25.06 ? 64   LYS A NZ  1 
ATOM   537  N N   . LEU A 1 66  ? 4.124   11.774  -3.555  1.00 2.53  ? 65   LEU A N   1 
ATOM   538  C CA  . LEU A 1 66  ? 5.340   11.456  -4.302  1.00 2.69  ? 65   LEU A CA  1 
ATOM   539  C C   . LEU A 1 66  ? 5.358   12.306  -5.574  1.00 2.00  ? 65   LEU A C   1 
ATOM   540  O O   . LEU A 1 66  ? 6.394   12.833  -5.974  1.00 2.00  ? 65   LEU A O   1 
ATOM   541  C CB  . LEU A 1 66  ? 5.397   9.973   -4.647  1.00 2.00  ? 65   LEU A CB  1 
ATOM   542  C CG  . LEU A 1 66  ? 5.523   8.999   -3.481  1.00 2.14  ? 65   LEU A CG  1 
ATOM   543  C CD1 . LEU A 1 66  ? 5.663   7.599   -4.019  1.00 3.42  ? 65   LEU A CD1 1 
ATOM   544  C CD2 . LEU A 1 66  ? 6.708   9.353   -2.631  1.00 4.16  ? 65   LEU A CD2 1 
ATOM   545  N N   . ILE A 1 67  ? 4.190   12.461  -6.189  1.00 2.91  ? 66   ILE A N   1 
ATOM   546  C CA  . ILE A 1 67  ? 4.057   13.274  -7.387  1.00 4.53  ? 66   ILE A CA  1 
ATOM   547  C C   . ILE A 1 67  ? 4.417   14.721  -7.029  1.00 5.65  ? 66   ILE A C   1 
ATOM   548  O O   . ILE A 1 67  ? 5.163   15.382  -7.741  1.00 6.86  ? 66   ILE A O   1 
ATOM   549  C CB  . ILE A 1 67  ? 2.620   13.203  -7.947  1.00 5.69  ? 66   ILE A CB  1 
ATOM   550  C CG1 . ILE A 1 67  ? 2.351   11.803  -8.522  1.00 3.84  ? 66   ILE A CG1 1 
ATOM   551  C CG2 . ILE A 1 67  ? 2.414   14.282  -8.997  1.00 3.55  ? 66   ILE A CG2 1 
ATOM   552  C CD1 . ILE A 1 67  ? 0.882   11.518  -8.876  1.00 4.96  ? 66   ILE A CD1 1 
ATOM   553  N N   . GLU A 1 68  ? 3.917   15.182  -5.889  1.00 8.59  ? 67   GLU A N   1 
ATOM   554  C CA  . GLU A 1 68  ? 4.186   16.527  -5.402  1.00 9.98  ? 67   GLU A CA  1 
ATOM   555  C C   . GLU A 1 68  ? 5.684   16.683  -5.105  1.00 7.59  ? 67   GLU A C   1 
ATOM   556  O O   . GLU A 1 68  ? 6.255   17.748  -5.315  1.00 10.26 ? 67   GLU A O   1 
ATOM   557  C CB  . GLU A 1 68  ? 3.348   16.795  -4.148  1.00 14.88 ? 67   GLU A CB  1 
ATOM   558  C CG  . GLU A 1 68  ? 3.595   18.141  -3.485  1.00 24.12 ? 67   GLU A CG  1 
ATOM   559  C CD  . GLU A 1 68  ? 3.036   18.204  -2.066  1.00 29.54 ? 67   GLU A CD  1 
ATOM   560  O OE1 . GLU A 1 68  ? 1.813   18.431  -1.907  1.00 32.36 ? 67   GLU A OE1 1 
ATOM   561  O OE2 . GLU A 1 68  ? 3.828   18.031  -1.108  1.00 33.05 ? 67   GLU A OE2 1 
ATOM   562  N N   . TYR A 1 69  ? 6.314   15.622  -4.611  1.00 5.69  ? 68   TYR A N   1 
ATOM   563  C CA  . TYR A 1 69  ? 7.746   15.644  -4.316  1.00 3.97  ? 68   TYR A CA  1 
ATOM   564  C C   . TYR A 1 69  ? 8.537   15.723  -5.629  1.00 3.84  ? 68   TYR A C   1 
ATOM   565  O O   . TYR A 1 69  ? 9.558   16.413  -5.707  1.00 3.21  ? 68   TYR A O   1 
ATOM   566  C CB  . TYR A 1 69  ? 8.164   14.398  -3.528  1.00 2.49  ? 68   TYR A CB  1 
ATOM   567  C CG  . TYR A 1 69  ? 9.639   14.359  -3.190  1.00 3.10  ? 68   TYR A CG  1 
ATOM   568  C CD1 . TYR A 1 69  ? 10.149  15.072  -2.096  1.00 4.51  ? 68   TYR A CD1 1 
ATOM   569  C CD2 . TYR A 1 69  ? 10.536  13.642  -3.981  1.00 2.24  ? 68   TYR A CD2 1 
ATOM   570  C CE1 . TYR A 1 69  ? 11.518  15.070  -1.806  1.00 2.00  ? 68   TYR A CE1 1 
ATOM   571  C CE2 . TYR A 1 69  ? 11.905  13.641  -3.698  1.00 2.00  ? 68   TYR A CE2 1 
ATOM   572  C CZ  . TYR A 1 69  ? 12.384  14.359  -2.614  1.00 2.00  ? 68   TYR A CZ  1 
ATOM   573  O OH  . TYR A 1 69  ? 13.747  14.404  -2.384  1.00 2.73  ? 68   TYR A OH  1 
ATOM   574  N N   . GLN A 1 70  ? 8.058   15.024  -6.657  1.00 2.00  ? 69   GLN A N   1 
ATOM   575  C CA  . GLN A 1 70  ? 8.708   15.034  -7.971  1.00 2.00  ? 69   GLN A CA  1 
ATOM   576  C C   . GLN A 1 70  ? 8.815   16.492  -8.448  1.00 2.00  ? 69   GLN A C   1 
ATOM   577  O O   . GLN A 1 70  ? 9.880   16.947  -8.845  1.00 2.00  ? 69   GLN A O   1 
ATOM   578  C CB  . GLN A 1 70  ? 7.886   14.202  -8.970  1.00 2.85  ? 69   GLN A CB  1 
ATOM   579  C CG  . GLN A 1 70  ? 8.455   14.093  -10.384 1.00 2.00  ? 69   GLN A CG  1 
ATOM   580  C CD  . GLN A 1 70  ? 9.660   13.179  -10.478 1.00 2.00  ? 69   GLN A CD  1 
ATOM   581  O OE1 . GLN A 1 70  ? 10.798  13.622  -10.329 1.00 2.00  ? 69   GLN A OE1 1 
ATOM   582  N NE2 . GLN A 1 70  ? 9.422   11.901  -10.762 1.00 2.00  ? 69   GLN A NE2 1 
ATOM   583  N N   . ASN A 1 71  ? 7.712   17.227  -8.355  1.00 3.04  ? 70   ASN A N   1 
ATOM   584  C CA  . ASN A 1 71  ? 7.674   18.625  -8.762  1.00 2.00  ? 70   ASN A CA  1 
ATOM   585  C C   . ASN A 1 71  ? 8.587   19.522  -7.930  1.00 2.97  ? 70   ASN A C   1 
ATOM   586  O O   . ASN A 1 71  ? 9.305   20.367  -8.469  1.00 3.27  ? 70   ASN A O   1 
ATOM   587  C CB  . ASN A 1 71  ? 6.251   19.172  -8.663  1.00 2.99  ? 70   ASN A CB  1 
ATOM   588  C CG  . ASN A 1 71  ? 5.422   18.864  -9.886  1.00 2.00  ? 70   ASN A CG  1 
ATOM   589  O OD1 . ASN A 1 71  ? 5.935   18.818  -11.002 1.00 2.00  ? 70   ASN A OD1 1 
ATOM   590  N ND2 . ASN A 1 71  ? 4.134   18.655  -9.685  1.00 2.00  ? 70   ASN A ND2 1 
ATOM   591  N N   . GLN A 1 72  ? 8.560   19.335  -6.617  1.00 2.63  ? 71   GLN A N   1 
ATOM   592  C CA  . GLN A 1 72  ? 9.359   20.154  -5.719  1.00 2.78  ? 71   GLN A CA  1 
ATOM   593  C C   . GLN A 1 72  ? 10.852  20.084  -6.042  1.00 2.35  ? 71   GLN A C   1 
ATOM   594  O O   . GLN A 1 72  ? 11.582  21.075  -5.901  1.00 4.16  ? 71   GLN A O   1 
ATOM   595  C CB  . GLN A 1 72  ? 9.097   19.736  -4.274  1.00 2.00  ? 71   GLN A CB  1 
ATOM   596  C CG  . GLN A 1 72  ? 9.611   20.714  -3.263  1.00 9.92  ? 71   GLN A CG  1 
ATOM   597  C CD  . GLN A 1 72  ? 9.715   20.108  -1.896  1.00 9.75  ? 71   GLN A CD  1 
ATOM   598  O OE1 . GLN A 1 72  ? 10.313  19.050  -1.722  1.00 13.23 ? 71   GLN A OE1 1 
ATOM   599  N NE2 . GLN A 1 72  ? 9.131   20.768  -0.911  1.00 13.47 ? 71   GLN A NE2 1 
ATOM   600  N N   . ARG A 1 73  ? 11.294  18.922  -6.507  1.00 2.00  ? 72   ARG A N   1 
ATOM   601  C CA  . ARG A 1 73  ? 12.696  18.720  -6.844  1.00 2.63  ? 72   ARG A CA  1 
ATOM   602  C C   . ARG A 1 73  ? 13.046  19.119  -8.276  1.00 2.42  ? 72   ARG A C   1 
ATOM   603  O O   . ARG A 1 73  ? 14.209  19.087  -8.659  1.00 2.00  ? 72   ARG A O   1 
ATOM   604  C CB  . ARG A 1 73  ? 13.096  17.266  -6.598  1.00 2.00  ? 72   ARG A CB  1 
ATOM   605  C CG  . ARG A 1 73  ? 13.096  16.857  -5.135  1.00 2.93  ? 72   ARG A CG  1 
ATOM   606  C CD  . ARG A 1 73  ? 14.016  17.737  -4.295  1.00 2.00  ? 72   ARG A CD  1 
ATOM   607  N NE  . ARG A 1 73  ? 15.419  17.656  -4.715  1.00 3.33  ? 72   ARG A NE  1 
ATOM   608  C CZ  . ARG A 1 73  ? 16.245  16.658  -4.405  1.00 2.20  ? 72   ARG A CZ  1 
ATOM   609  N NH1 . ARG A 1 73  ? 15.815  15.643  -3.664  1.00 3.68  ? 72   ARG A NH1 1 
ATOM   610  N NH2 . ARG A 1 73  ? 17.489  16.651  -4.872  1.00 2.00  ? 72   ARG A NH2 1 
ATOM   611  N N   . GLY A 1 74  ? 12.044  19.510  -9.054  1.00 2.90  ? 73   GLY A N   1 
ATOM   612  C CA  . GLY A 1 74  ? 12.289  19.891  -10.432 1.00 2.00  ? 73   GLY A CA  1 
ATOM   613  C C   . GLY A 1 74  ? 12.203  18.700  -11.361 1.00 4.10  ? 73   GLY A C   1 
ATOM   614  O O   . GLY A 1 74  ? 12.690  18.741  -12.500 1.00 3.21  ? 73   GLY A O   1 
ATOM   615  N N   . GLY A 1 75  ? 11.626  17.615  -10.856 1.00 2.00  ? 74   GLY A N   1 
ATOM   616  C CA  . GLY A 1 75  ? 11.469  16.435  -11.671 1.00 4.29  ? 74   GLY A CA  1 
ATOM   617  C C   . GLY A 1 75  ? 10.196  16.554  -12.490 1.00 4.23  ? 74   GLY A C   1 
ATOM   618  O O   . GLY A 1 75  ? 9.322   17.382  -12.212 1.00 3.90  ? 74   GLY A O   1 
ATOM   619  N N   . ARG A 1 76  ? 10.085  15.729  -13.518 1.00 3.84  ? 75   ARG A N   1 
ATOM   620  C CA  . ARG A 1 76  ? 8.911   15.755  -14.362 1.00 2.00  ? 75   ARG A CA  1 
ATOM   621  C C   . ARG A 1 76  ? 8.153   14.457  -14.189 1.00 2.69  ? 75   ARG A C   1 
ATOM   622  O O   . ARG A 1 76  ? 8.719   13.372  -14.313 1.00 2.64  ? 75   ARG A O   1 
ATOM   623  C CB  . ARG A 1 76  ? 9.302   15.988  -15.811 1.00 2.42  ? 75   ARG A CB  1 
ATOM   624  C CG  . ARG A 1 76  ? 9.927   17.362  -16.038 1.00 2.00  ? 75   ARG A CG  1 
ATOM   625  C CD  . ARG A 1 76  ? 8.966   18.456  -15.611 1.00 8.79  ? 75   ARG A CD  1 
ATOM   626  N NE  . ARG A 1 76  ? 9.584   19.781  -15.522 1.00 11.34 ? 75   ARG A NE  1 
ATOM   627  C CZ  . ARG A 1 76  ? 9.589   20.529  -14.419 1.00 15.27 ? 75   ARG A CZ  1 
ATOM   628  N NH1 . ARG A 1 76  ? 9.023   20.085  -13.298 1.00 14.40 ? 75   ARG A NH1 1 
ATOM   629  N NH2 . ARG A 1 76  ? 10.114  21.748  -14.446 1.00 16.96 ? 75   ARG A NH2 1 
ATOM   630  N N   . VAL A 1 77  ? 6.889   14.562  -13.809 1.00 3.06  ? 76   VAL A N   1 
ATOM   631  C CA  . VAL A 1 77  ? 6.106   13.360  -13.605 1.00 5.63  ? 76   VAL A CA  1 
ATOM   632  C C   . VAL A 1 77  ? 5.506   12.810  -14.894 1.00 7.09  ? 76   VAL A C   1 
ATOM   633  O O   . VAL A 1 77  ? 4.983   13.551  -15.736 1.00 7.35  ? 76   VAL A O   1 
ATOM   634  C CB  . VAL A 1 77  ? 5.046   13.514  -12.450 1.00 5.52  ? 76   VAL A CB  1 
ATOM   635  C CG1 . VAL A 1 77  ? 4.911   14.962  -12.015 1.00 4.67  ? 76   VAL A CG1 1 
ATOM   636  C CG2 . VAL A 1 77  ? 3.697   12.931  -12.852 1.00 2.05  ? 76   VAL A CG2 1 
ATOM   637  N N   . PHE A 1 78  ? 5.713   11.515  -15.088 1.00 5.77  ? 77   PHE A N   1 
ATOM   638  C CA  . PHE A 1 78  ? 5.187   10.805  -16.235 1.00 6.56  ? 77   PHE A CA  1 
ATOM   639  C C   . PHE A 1 78  ? 4.309   9.699   -15.667 1.00 4.07  ? 77   PHE A C   1 
ATOM   640  O O   . PHE A 1 78  ? 4.791   8.844   -14.926 1.00 3.31  ? 77   PHE A O   1 
ATOM   641  C CB  . PHE A 1 78  ? 6.326   10.220  -17.087 1.00 8.65  ? 77   PHE A CB  1 
ATOM   642  C CG  . PHE A 1 78  ? 7.054   11.254  -17.895 1.00 14.33 ? 77   PHE A CG  1 
ATOM   643  C CD1 . PHE A 1 78  ? 7.921   12.156  -17.279 1.00 16.02 ? 77   PHE A CD1 1 
ATOM   644  C CD2 . PHE A 1 78  ? 6.825   11.373  -19.263 1.00 14.47 ? 77   PHE A CD2 1 
ATOM   645  C CE1 . PHE A 1 78  ? 8.547   13.173  -18.017 1.00 17.16 ? 77   PHE A CE1 1 
ATOM   646  C CE2 . PHE A 1 78  ? 7.444   12.383  -20.011 1.00 16.39 ? 77   PHE A CE2 1 
ATOM   647  C CZ  . PHE A 1 78  ? 8.305   13.286  -19.388 1.00 16.15 ? 77   PHE A CZ  1 
ATOM   648  N N   . LEU A 1 79  ? 3.013   9.780   -15.941 1.00 2.71  ? 78   LEU A N   1 
ATOM   649  C CA  . LEU A 1 79  ? 2.055   8.790   -15.474 1.00 2.00  ? 78   LEU A CA  1 
ATOM   650  C C   . LEU A 1 79  ? 1.935   7.638   -16.466 1.00 3.32  ? 78   LEU A C   1 
ATOM   651  O O   . LEU A 1 79  ? 1.947   7.850   -17.676 1.00 4.22  ? 78   LEU A O   1 
ATOM   652  C CB  . LEU A 1 79  ? 0.683   9.429   -15.286 1.00 2.00  ? 78   LEU A CB  1 
ATOM   653  C CG  . LEU A 1 79  ? 0.559   10.649  -14.367 1.00 2.34  ? 78   LEU A CG  1 
ATOM   654  C CD1 . LEU A 1 79  ? -0.863  11.167  -14.440 1.00 2.00  ? 78   LEU A CD1 1 
ATOM   655  C CD2 . LEU A 1 79  ? 0.950   10.318  -12.934 1.00 2.00  ? 78   LEU A CD2 1 
ATOM   656  N N   . GLN A 1 80  ? 1.845   6.417   -15.942 1.00 3.87  ? 79   GLN A N   1 
ATOM   657  C CA  . GLN A 1 80  ? 1.697   5.215   -16.761 1.00 4.65  ? 79   GLN A CA  1 
ATOM   658  C C   . GLN A 1 80  ? 0.300   4.683   -16.465 1.00 2.30  ? 79   GLN A C   1 
ATOM   659  O O   . GLN A 1 80  ? -0.381  5.175   -15.570 1.00 2.00  ? 79   GLN A O   1 
ATOM   660  C CB  . GLN A 1 80  ? 2.739   4.158   -16.368 1.00 5.27  ? 79   GLN A CB  1 
ATOM   661  C CG  . GLN A 1 80  ? 4.172   4.676   -16.327 1.00 11.19 ? 79   GLN A CG  1 
ATOM   662  C CD  . GLN A 1 80  ? 5.142   3.680   -15.711 1.00 14.31 ? 79   GLN A CD  1 
ATOM   663  O OE1 . GLN A 1 80  ? 5.665   2.812   -16.399 1.00 20.35 ? 79   GLN A OE1 1 
ATOM   664  N NE2 . GLN A 1 80  ? 5.391   3.807   -14.411 1.00 14.99 ? 79   GLN A NE2 1 
ATOM   665  N N   . SER A 1 81  ? -0.148  3.704   -17.228 1.00 2.00  ? 80   SER A N   1 
ATOM   666  C CA  . SER A 1 81  ? -1.459  3.140   -16.975 1.00 3.45  ? 80   SER A CA  1 
ATOM   667  C C   . SER A 1 81  ? -1.399  2.300   -15.710 1.00 2.00  ? 80   SER A C   1 
ATOM   668  O O   . SER A 1 81  ? -0.344  1.778   -15.347 1.00 2.00  ? 80   SER A O   1 
ATOM   669  C CB  . SER A 1 81  ? -1.918  2.307   -18.163 1.00 3.86  ? 80   SER A CB  1 
ATOM   670  O OG  . SER A 1 81  ? -2.072  3.149   -19.290 1.00 8.78  ? 80   SER A OG  1 
ATOM   671  N N   . VAL A 1 82  ? -2.497  2.247   -14.977 1.00 4.19  ? 81   VAL A N   1 
ATOM   672  C CA  . VAL A 1 82  ? -2.491  1.454   -13.772 1.00 2.00  ? 81   VAL A CA  1 
ATOM   673  C C   . VAL A 1 82  ? -3.260  0.170   -14.024 1.00 2.04  ? 81   VAL A C   1 
ATOM   674  O O   . VAL A 1 82  ? -4.431  0.169   -14.436 1.00 2.00  ? 81   VAL A O   1 
ATOM   675  C CB  . VAL A 1 82  ? -2.944  2.246   -12.528 1.00 2.00  ? 81   VAL A CB  1 
ATOM   676  C CG1 . VAL A 1 82  ? -3.047  3.717   -12.851 1.00 2.00  ? 81   VAL A CG1 1 
ATOM   677  C CG2 . VAL A 1 82  ? -4.221  1.687   -11.935 1.00 2.50  ? 81   VAL A CG2 1 
ATOM   678  N N   . GLU A 1 83  ? -2.508  -0.917  -13.926 1.00 2.00  ? 82   GLU A N   1 
ATOM   679  C CA  . GLU A 1 83  ? -3.012  -2.247  -14.144 1.00 3.13  ? 82   GLU A CA  1 
ATOM   680  C C   . GLU A 1 83  ? -4.098  -2.598  -13.129 1.00 2.94  ? 82   GLU A C   1 
ATOM   681  O O   . GLU A 1 83  ? -4.053  -2.158  -11.975 1.00 2.43  ? 82   GLU A O   1 
ATOM   682  C CB  . GLU A 1 83  ? -1.844  -3.236  -14.067 1.00 2.47  ? 82   GLU A CB  1 
ATOM   683  C CG  . GLU A 1 83  ? -2.233  -4.678  -14.253 1.00 3.39  ? 82   GLU A CG  1 
ATOM   684  C CD  . GLU A 1 83  ? -2.819  -4.971  -15.618 1.00 5.27  ? 82   GLU A CD  1 
ATOM   685  O OE1 . GLU A 1 83  ? -2.194  -4.611  -16.641 1.00 5.92  ? 82   GLU A OE1 1 
ATOM   686  O OE2 . GLU A 1 83  ? -3.905  -5.584  -15.657 1.00 4.08  ? 82   GLU A OE2 1 
ATOM   687  N N   . LYS A 1 84  ? -5.091  -3.352  -13.580 1.00 2.00  ? 83   LYS A N   1 
ATOM   688  C CA  . LYS A 1 84  ? -6.175  -3.774  -12.711 1.00 3.20  ? 83   LYS A CA  1 
ATOM   689  C C   . LYS A 1 84  ? -5.644  -4.850  -11.773 1.00 3.98  ? 83   LYS A C   1 
ATOM   690  O O   . LYS A 1 84  ? -4.605  -5.464  -12.036 1.00 3.03  ? 83   LYS A O   1 
ATOM   691  C CB  . LYS A 1 84  ? -7.344  -4.328  -13.535 1.00 2.53  ? 83   LYS A CB  1 
ATOM   692  C CG  . LYS A 1 84  ? -7.004  -5.549  -14.366 1.00 2.00  ? 83   LYS A CG  1 
ATOM   693  C CD  . LYS A 1 84  ? -8.269  -6.264  -14.811 1.00 9.45  ? 83   LYS A CD  1 
ATOM   694  C CE  . LYS A 1 84  ? -7.961  -7.447  -15.722 1.00 8.47  ? 83   LYS A CE  1 
ATOM   695  N NZ  . LYS A 1 84  ? -7.068  -8.457  -15.087 1.00 14.43 ? 83   LYS A NZ  1 
ATOM   696  N N   . PRO A 1 85  ? -6.337  -5.080  -10.647 1.00 4.62  ? 84   PRO A N   1 
ATOM   697  C CA  . PRO A 1 85  ? -5.900  -6.102  -9.686  1.00 6.08  ? 84   PRO A CA  1 
ATOM   698  C C   . PRO A 1 85  ? -5.858  -7.499  -10.325 1.00 5.94  ? 84   PRO A C   1 
ATOM   699  O O   . PRO A 1 85  ? -6.519  -7.747  -11.334 1.00 3.90  ? 84   PRO A O   1 
ATOM   700  C CB  . PRO A 1 85  ? -6.976  -6.019  -8.601  1.00 3.98  ? 84   PRO A CB  1 
ATOM   701  C CG  . PRO A 1 85  ? -7.391  -4.588  -8.650  1.00 2.00  ? 84   PRO A CG  1 
ATOM   702  C CD  . PRO A 1 85  ? -7.501  -4.342  -10.131 1.00 4.09  ? 84   PRO A CD  1 
ATOM   703  N N   . GLU A 1 86  ? -5.086  -8.403  -9.731  1.00 8.63  ? 85   GLU A N   1 
ATOM   704  C CA  . GLU A 1 86  ? -4.977  -9.768  -10.246 1.00 11.98 ? 85   GLU A CA  1 
ATOM   705  C C   . GLU A 1 86  ? -6.284  -10.548 -10.223 1.00 12.20 ? 85   GLU A C   1 
ATOM   706  O O   . GLU A 1 86  ? -6.468  -11.479 -11.010 1.00 13.69 ? 85   GLU A O   1 
ATOM   707  C CB  . GLU A 1 86  ? -3.906  -10.561 -9.490  1.00 13.79 ? 85   GLU A CB  1 
ATOM   708  C CG  . GLU A 1 86  ? -2.478  -10.222 -9.886  1.00 17.66 ? 85   GLU A CG  1 
ATOM   709  C CD  . GLU A 1 86  ? -2.258  -10.256 -11.396 1.00 21.82 ? 85   GLU A CD  1 
ATOM   710  O OE1 . GLU A 1 86  ? -2.815  -11.155 -12.076 1.00 21.78 ? 85   GLU A OE1 1 
ATOM   711  O OE2 . GLU A 1 86  ? -1.533  -9.369  -11.903 1.00 23.46 ? 85   GLU A OE2 1 
ATOM   712  N N   . ARG A 1 87  ? -7.175  -10.194 -9.301  1.00 11.07 ? 86   ARG A N   1 
ATOM   713  C CA  . ARG A 1 87  ? -8.454  -10.884 -9.187  1.00 12.26 ? 86   ARG A CA  1 
ATOM   714  C C   . ARG A 1 87  ? -9.580  -9.965  -8.756  1.00 12.92 ? 86   ARG A C   1 
ATOM   715  O O   . ARG A 1 87  ? -9.340  -8.872  -8.241  1.00 13.75 ? 86   ARG A O   1 
ATOM   716  C CB  . ARG A 1 87  ? -8.333  -12.090 -8.251  1.00 9.60  ? 86   ARG A CB  1 
ATOM   717  C CG  . ARG A 1 87  ? -7.543  -11.833 -6.992  1.00 10.95 ? 86   ARG A CG  1 
ATOM   718  C CD  . ARG A 1 87  ? -6.934  -13.114 -6.457  1.00 8.47  ? 86   ARG A CD  1 
ATOM   719  N NE  . ARG A 1 87  ? -7.948  -14.028 -5.944  1.00 13.39 ? 86   ARG A NE  1 
ATOM   720  C CZ  . ARG A 1 87  ? -7.872  -14.653 -4.770  1.00 19.90 ? 86   ARG A CZ  1 
ATOM   721  N NH1 . ARG A 1 87  ? -6.821  -14.471 -3.971  1.00 21.03 ? 86   ARG A NH1 1 
ATOM   722  N NH2 . ARG A 1 87  ? -8.853  -15.463 -4.385  1.00 23.50 ? 86   ARG A NH2 1 
ATOM   723  N N   . ASP A 1 88  ? -10.804 -10.385 -9.055  1.00 14.64 ? 87   ASP A N   1 
ATOM   724  C CA  . ASP A 1 88  ? -11.998 -9.623  -8.717  1.00 13.92 ? 87   ASP A CA  1 
ATOM   725  C C   . ASP A 1 88  ? -12.697 -10.253 -7.509  1.00 14.74 ? 87   ASP A C   1 
ATOM   726  O O   . ASP A 1 88  ? -13.498 -9.606  -6.835  1.00 17.15 ? 87   ASP A O   1 
ATOM   727  C CB  . ASP A 1 88  ? -12.945 -9.584  -9.923  1.00 15.90 ? 87   ASP A CB  1 
ATOM   728  C CG  . ASP A 1 88  ? -12.249 -9.117  -11.207 1.00 20.81 ? 87   ASP A CG  1 
ATOM   729  O OD1 . ASP A 1 88  ? -11.659 -9.970  -11.910 1.00 20.15 ? 87   ASP A OD1 1 
ATOM   730  O OD2 . ASP A 1 88  ? -12.286 -7.901  -11.512 1.00 21.07 ? 87   ASP A OD2 1 
ATOM   731  N N   . ASP A 1 89  ? -12.394 -11.522 -7.249  1.00 12.86 ? 88   ASP A N   1 
ATOM   732  C CA  . ASP A 1 89  ? -12.976 -12.265 -6.128  1.00 12.49 ? 88   ASP A CA  1 
ATOM   733  C C   . ASP A 1 89  ? -11.801 -12.590 -5.212  1.00 10.23 ? 88   ASP A C   1 
ATOM   734  O O   . ASP A 1 89  ? -10.853 -13.233 -5.637  1.00 9.29  ? 88   ASP A O   1 
ATOM   735  C CB  . ASP A 1 89  ? -13.628 -13.555 -6.649  1.00 12.84 ? 88   ASP A CB  1 
ATOM   736  C CG  . ASP A 1 89  ? -14.373 -14.332 -5.569  1.00 14.97 ? 88   ASP A CG  1 
ATOM   737  O OD1 . ASP A 1 89  ? -13.729 -14.866 -4.641  1.00 18.90 ? 88   ASP A OD1 1 
ATOM   738  O OD2 . ASP A 1 89  ? -15.612 -14.441 -5.666  1.00 15.82 ? 88   ASP A OD2 1 
ATOM   739  N N   . TRP A 1 90  ? -11.868 -12.139 -3.962  1.00 9.37  ? 89   TRP A N   1 
ATOM   740  C CA  . TRP A 1 90  ? -10.784 -12.361 -2.995  1.00 8.05  ? 89   TRP A CA  1 
ATOM   741  C C   . TRP A 1 90  ? -11.022 -13.501 -2.010  1.00 7.10  ? 89   TRP A C   1 
ATOM   742  O O   . TRP A 1 90  ? -10.448 -13.522 -0.925  1.00 8.52  ? 89   TRP A O   1 
ATOM   743  C CB  . TRP A 1 90  ? -10.467 -11.061 -2.256  1.00 4.18  ? 89   TRP A CB  1 
ATOM   744  C CG  . TRP A 1 90  ? -10.095 -9.972  -3.206  1.00 2.00  ? 89   TRP A CG  1 
ATOM   745  C CD1 . TRP A 1 90  ? -10.934 -9.049  -3.755  1.00 2.00  ? 89   TRP A CD1 1 
ATOM   746  C CD2 . TRP A 1 90  ? -8.808  -9.744  -3.788  1.00 2.02  ? 89   TRP A CD2 1 
ATOM   747  N NE1 . TRP A 1 90  ? -10.253 -8.262  -4.652  1.00 2.00  ? 89   TRP A NE1 1 
ATOM   748  C CE2 . TRP A 1 90  ? -8.943  -8.663  -4.694  1.00 3.96  ? 89   TRP A CE2 1 
ATOM   749  C CE3 . TRP A 1 90  ? -7.554  -10.348 -3.641  1.00 2.00  ? 89   TRP A CE3 1 
ATOM   750  C CZ2 . TRP A 1 90  ? -7.872  -8.173  -5.448  1.00 2.83  ? 89   TRP A CZ2 1 
ATOM   751  C CZ3 . TRP A 1 90  ? -6.493  -9.865  -4.385  1.00 4.95  ? 89   TRP A CZ3 1 
ATOM   752  C CH2 . TRP A 1 90  ? -6.659  -8.782  -5.284  1.00 3.83  ? 89   TRP A CH2 1 
ATOM   753  N N   . ALA A 1 91  ? -11.876 -14.440 -2.407  1.00 6.47  ? 90   ALA A N   1 
ATOM   754  C CA  . ALA A 1 91  ? -12.203 -15.636 -1.628  1.00 5.84  ? 90   ALA A CA  1 
ATOM   755  C C   . ALA A 1 91  ? -12.747 -15.436 -0.217  1.00 5.94  ? 90   ALA A C   1 
ATOM   756  O O   . ALA A 1 91  ? -13.911 -15.746 0.060   1.00 7.34  ? 90   ALA A O   1 
ATOM   757  C CB  . ALA A 1 91  ? -11.007 -16.573 -1.601  1.00 5.78  ? 90   ALA A CB  1 
ATOM   758  N N   . ASN A 1 92  ? -11.908 -14.938 0.680   1.00 5.39  ? 91   ASN A N   1 
ATOM   759  C CA  . ASN A 1 92  ? -12.314 -14.715 2.064   1.00 6.19  ? 91   ASN A CA  1 
ATOM   760  C C   . ASN A 1 92  ? -11.423 -13.683 2.755   1.00 3.91  ? 91   ASN A C   1 
ATOM   761  O O   . ASN A 1 92  ? -10.520 -13.117 2.140   1.00 2.00  ? 91   ASN A O   1 
ATOM   762  C CB  . ASN A 1 92  ? -12.297 -16.044 2.840   1.00 7.20  ? 91   ASN A CB  1 
ATOM   763  C CG  . ASN A 1 92  ? -10.962 -16.764 2.745   1.00 7.19  ? 91   ASN A CG  1 
ATOM   764  O OD1 . ASN A 1 92  ? -10.755 -17.601 1.871   1.00 14.15 ? 91   ASN A OD1 1 
ATOM   765  N ND2 . ASN A 1 92  ? -10.050 -16.442 3.643   1.00 7.72  ? 91   ASN A ND2 1 
ATOM   766  N N   . GLY A 1 93  ? -11.679 -13.451 4.039   1.00 3.65  ? 92   GLY A N   1 
ATOM   767  C CA  . GLY A 1 93  ? -10.897 -12.492 4.806   1.00 3.75  ? 92   GLY A CA  1 
ATOM   768  C C   . GLY A 1 93  ? -9.451  -12.879 5.049   1.00 4.55  ? 92   GLY A C   1 
ATOM   769  O O   . GLY A 1 93  ? -8.561  -12.018 5.050   1.00 2.00  ? 92   GLY A O   1 
ATOM   770  N N   . LEU A 1 94  ? -9.207  -14.161 5.320   1.00 4.51  ? 93   LEU A N   1 
ATOM   771  C CA  . LEU A 1 94  ? -7.842  -14.631 5.551   1.00 3.80  ? 93   LEU A CA  1 
ATOM   772  C C   . LEU A 1 94  ? -7.021  -14.465 4.281   1.00 5.76  ? 93   LEU A C   1 
ATOM   773  O O   . LEU A 1 94  ? -5.920  -13.925 4.302   1.00 4.25  ? 93   LEU A O   1 
ATOM   774  C CB  . LEU A 1 94  ? -7.827  -16.093 5.986   1.00 3.98  ? 93   LEU A CB  1 
ATOM   775  C CG  . LEU A 1 94  ? -6.456  -16.634 6.400   1.00 4.02  ? 93   LEU A CG  1 
ATOM   776  C CD1 . LEU A 1 94  ? -5.956  -15.916 7.658   1.00 2.01  ? 93   LEU A CD1 1 
ATOM   777  C CD2 . LEU A 1 94  ? -6.558  -18.122 6.650   1.00 5.49  ? 93   LEU A CD2 1 
ATOM   778  N N   . GLU A 1 95  ? -7.593  -14.881 3.160   1.00 5.89  ? 94   GLU A N   1 
ATOM   779  C CA  . GLU A 1 95  ? -6.912  -14.770 1.884   1.00 8.10  ? 94   GLU A CA  1 
ATOM   780  C C   . GLU A 1 95  ? -6.677  -13.301 1.520   1.00 4.62  ? 94   GLU A C   1 
ATOM   781  O O   . GLU A 1 95  ? -5.611  -12.938 1.027   1.00 2.00  ? 94   GLU A O   1 
ATOM   782  C CB  . GLU A 1 95  ? -7.714  -15.482 0.796   1.00 9.90  ? 94   GLU A CB  1 
ATOM   783  C CG  . GLU A 1 95  ? -6.887  -15.776 -0.444  1.00 18.59 ? 94   GLU A CG  1 
ATOM   784  C CD  . GLU A 1 95  ? -7.429  -16.941 -1.254  1.00 20.93 ? 94   GLU A CD  1 
ATOM   785  O OE1 . GLU A 1 95  ? -7.914  -17.925 -0.650  1.00 19.57 ? 94   GLU A OE1 1 
ATOM   786  O OE2 . GLU A 1 95  ? -7.353  -16.872 -2.501  1.00 22.60 ? 94   GLU A OE2 1 
ATOM   787  N N   . ALA A 1 96  ? -7.671  -12.468 1.798   1.00 2.02  ? 95   ALA A N   1 
ATOM   788  C CA  . ALA A 1 96  ? -7.595  -11.042 1.521   1.00 2.00  ? 95   ALA A CA  1 
ATOM   789  C C   . ALA A 1 96  ? -6.477  -10.410 2.337   1.00 2.19  ? 95   ALA A C   1 
ATOM   790  O O   . ALA A 1 96  ? -5.709  -9.607  1.818   1.00 2.03  ? 95   ALA A O   1 
ATOM   791  C CB  . ALA A 1 96  ? -8.917  -10.381 1.837   1.00 2.00  ? 95   ALA A CB  1 
ATOM   792  N N   . LEU A 1 97  ? -6.428  -10.739 3.626   1.00 2.00  ? 96   LEU A N   1 
ATOM   793  C CA  . LEU A 1 97  ? -5.401  -10.235 4.534   1.00 2.00  ? 96   LEU A CA  1 
ATOM   794  C C   . LEU A 1 97  ? -4.010  -10.713 4.107   1.00 3.12  ? 96   LEU A C   1 
ATOM   795  O O   . LEU A 1 97  ? -3.046  -9.959  4.175   1.00 2.00  ? 96   LEU A O   1 
ATOM   796  C CB  . LEU A 1 97  ? -5.686  -10.721 5.952   1.00 2.15  ? 96   LEU A CB  1 
ATOM   797  C CG  . LEU A 1 97  ? -6.243  -9.764  7.013   1.00 2.72  ? 96   LEU A CG  1 
ATOM   798  C CD1 . LEU A 1 97  ? -7.000  -8.629  6.381   1.00 2.37  ? 96   LEU A CD1 1 
ATOM   799  C CD2 . LEU A 1 97  ? -7.110  -10.530 7.998   1.00 2.00  ? 96   LEU A CD2 1 
ATOM   800  N N   . GLN A 1 98  ? -3.905  -11.975 3.695   1.00 2.46  ? 97   GLN A N   1 
ATOM   801  C CA  . GLN A 1 98  ? -2.630  -12.529 3.257   1.00 3.54  ? 97   GLN A CA  1 
ATOM   802  C C   . GLN A 1 98  ? -2.074  -11.828 2.016   1.00 4.42  ? 97   GLN A C   1 
ATOM   803  O O   . GLN A 1 98  ? -0.884  -11.537 1.963   1.00 3.08  ? 97   GLN A O   1 
ATOM   804  C CB  . GLN A 1 98  ? -2.731  -14.034 3.038   1.00 2.18  ? 97   GLN A CB  1 
ATOM   805  C CG  . GLN A 1 98  ? -2.803  -14.801 4.341   1.00 6.49  ? 97   GLN A CG  1 
ATOM   806  C CD  . GLN A 1 98  ? -3.129  -16.265 4.153   1.00 9.65  ? 97   GLN A CD  1 
ATOM   807  O OE1 . GLN A 1 98  ? -2.525  -17.121 4.775   1.00 12.51 ? 97   GLN A OE1 1 
ATOM   808  N NE2 . GLN A 1 98  ? -4.107  -16.556 3.305   1.00 15.24 ? 97   GLN A NE2 1 
ATOM   809  N N   . THR A 1 99  ? -2.931  -11.519 1.043   1.00 4.69  ? 98   THR A N   1 
ATOM   810  C CA  . THR A 1 99  ? -2.483  -10.821 -0.166  1.00 6.62  ? 98   THR A CA  1 
ATOM   811  C C   . THR A 1 99  ? -2.074  -9.376  0.159   1.00 5.78  ? 98   THR A C   1 
ATOM   812  O O   . THR A 1 99  ? -1.126  -8.841  -0.428  1.00 5.19  ? 98   THR A O   1 
ATOM   813  C CB  . THR A 1 99  ? -3.569  -10.813 -1.241  1.00 9.21  ? 98   THR A CB  1 
ATOM   814  O OG1 . THR A 1 99  ? -4.830  -10.528 -0.626  1.00 17.72 ? 98   THR A OG1 1 
ATOM   815  C CG2 . THR A 1 99  ? -3.655  -12.166 -1.926  1.00 12.60 ? 98   THR A CG2 1 
ATOM   816  N N   . ALA A 1 100 ? -2.790  -8.755  1.098   1.00 4.32  ? 99   ALA A N   1 
ATOM   817  C CA  . ALA A 1 100 ? -2.504  -7.393  1.529   1.00 2.79  ? 99   ALA A CA  1 
ATOM   818  C C   . ALA A 1 100 ? -1.097  -7.337  2.111   1.00 5.25  ? 99   ALA A C   1 
ATOM   819  O O   . ALA A 1 100 ? -0.332  -6.430  1.795   1.00 7.87  ? 99   ALA A O   1 
ATOM   820  C CB  . ALA A 1 100 ? -3.531  -6.932  2.562   1.00 2.00  ? 99   ALA A CB  1 
ATOM   821  N N   . LEU A 1 101 ? -0.748  -8.333  2.923   1.00 5.13  ? 100  LEU A N   1 
ATOM   822  C CA  . LEU A 1 101 ? 0.571   -8.419  3.539   1.00 6.17  ? 100  LEU A CA  1 
ATOM   823  C C   . LEU A 1 101 ? 1.661   -8.546  2.470   1.00 4.55  ? 100  LEU A C   1 
ATOM   824  O O   . LEU A 1 101 ? 2.707   -7.899  2.555   1.00 3.29  ? 100  LEU A O   1 
ATOM   825  C CB  . LEU A 1 101 ? 0.635   -9.609  4.511   1.00 3.47  ? 100  LEU A CB  1 
ATOM   826  C CG  . LEU A 1 101 ? 1.942   -9.738  5.306   1.00 4.15  ? 100  LEU A CG  1 
ATOM   827  C CD1 . LEU A 1 101 ? 2.147   -8.485  6.154   1.00 5.53  ? 100  LEU A CD1 1 
ATOM   828  C CD2 . LEU A 1 101 ? 1.905   -10.977 6.181   1.00 4.58  ? 100  LEU A CD2 1 
ATOM   829  N N   . LYS A 1 102 ? 1.397   -9.359  1.453   1.00 5.42  ? 101  LYS A N   1 
ATOM   830  C CA  . LYS A 1 102 ? 2.344   -9.558  0.354   1.00 5.80  ? 101  LYS A CA  1 
ATOM   831  C C   . LYS A 1 102 ? 2.480   -8.274  -0.456  1.00 4.75  ? 101  LYS A C   1 
ATOM   832  O O   . LYS A 1 102 ? 3.576   -7.909  -0.880  1.00 6.23  ? 101  LYS A O   1 
ATOM   833  C CB  . LYS A 1 102 ? 1.868   -10.687 -0.560  1.00 10.72 ? 101  LYS A CB  1 
ATOM   834  C CG  . LYS A 1 102 ? 1.624   -11.997 0.158   1.00 17.09 ? 101  LYS A CG  1 
ATOM   835  C CD  . LYS A 1 102 ? 1.173   -13.100 -0.796  1.00 22.09 ? 101  LYS A CD  1 
ATOM   836  C CE  . LYS A 1 102 ? 2.328   -13.613 -1.662  1.00 26.93 ? 101  LYS A CE  1 
ATOM   837  N NZ  . LYS A 1 102 ? 2.757   -12.660 -2.736  1.00 29.60 ? 101  LYS A NZ  1 
ATOM   838  N N   . LEU A 1 103 ? 1.360   -7.594  -0.680  1.00 3.95  ? 102  LEU A N   1 
ATOM   839  C CA  . LEU A 1 103 ? 1.358   -6.345  -1.429  1.00 3.80  ? 102  LEU A CA  1 
ATOM   840  C C   . LEU A 1 103 ? 2.137   -5.295  -0.639  1.00 3.80  ? 102  LEU A C   1 
ATOM   841  O O   . LEU A 1 103 ? 2.948   -4.556  -1.190  1.00 3.59  ? 102  LEU A O   1 
ATOM   842  C CB  . LEU A 1 103 ? -0.078  -5.870  -1.655  1.00 3.78  ? 102  LEU A CB  1 
ATOM   843  C CG  . LEU A 1 103 ? -0.279  -4.461  -2.216  1.00 7.09  ? 102  LEU A CG  1 
ATOM   844  C CD1 . LEU A 1 103 ? 0.088   -4.410  -3.685  1.00 6.99  ? 102  LEU A CD1 1 
ATOM   845  C CD2 . LEU A 1 103 ? -1.725  -4.054  -2.024  1.00 9.66  ? 102  LEU A CD2 1 
ATOM   846  N N   . GLN A 1 104 ? 1.910   -5.247  0.664   1.00 5.19  ? 103  GLN A N   1 
ATOM   847  C CA  . GLN A 1 104 ? 2.606   -4.282  1.498   1.00 3.33  ? 103  GLN A CA  1 
ATOM   848  C C   . GLN A 1 104 ? 4.109   -4.522  1.480   1.00 2.91  ? 103  GLN A C   1 
ATOM   849  O O   . GLN A 1 104 ? 4.893   -3.574  1.390   1.00 4.72  ? 103  GLN A O   1 
ATOM   850  C CB  . GLN A 1 104 ? 2.065   -4.315  2.928   1.00 3.44  ? 103  GLN A CB  1 
ATOM   851  C CG  . GLN A 1 104 ? 0.700   -3.663  3.068   1.00 4.18  ? 103  GLN A CG  1 
ATOM   852  C CD  . GLN A 1 104 ? 0.737   -2.177  2.799   1.00 6.22  ? 103  GLN A CD  1 
ATOM   853  O OE1 . GLN A 1 104 ? 1.799   -1.559  2.827   1.00 3.47  ? 103  GLN A OE1 1 
ATOM   854  N NE2 . GLN A 1 104 ? -0.422  -1.586  2.563   1.00 6.99  ? 103  GLN A NE2 1 
ATOM   855  N N   . LYS A 1 105 ? 4.507   -5.786  1.488   1.00 2.48  ? 104  LYS A N   1 
ATOM   856  C CA  . LYS A 1 105 ? 5.919   -6.126  1.471   1.00 4.60  ? 104  LYS A CA  1 
ATOM   857  C C   . LYS A 1 105 ? 6.609   -5.780  0.162   1.00 4.37  ? 104  LYS A C   1 
ATOM   858  O O   . LYS A 1 105 ? 7.785   -5.437  0.161   1.00 4.44  ? 104  LYS A O   1 
ATOM   859  C CB  . LYS A 1 105 ? 6.126   -7.592  1.854   1.00 7.28  ? 104  LYS A CB  1 
ATOM   860  C CG  . LYS A 1 105 ? 5.693   -7.862  3.285   1.00 6.10  ? 104  LYS A CG  1 
ATOM   861  C CD  . LYS A 1 105 ? 5.803   -9.319  3.671   1.00 10.61 ? 104  LYS A CD  1 
ATOM   862  C CE  . LYS A 1 105 ? 7.241   -9.698  3.964   1.00 14.09 ? 104  LYS A CE  1 
ATOM   863  N NZ  . LYS A 1 105 ? 7.284   -10.900 4.846   1.00 16.16 ? 104  LYS A NZ  1 
ATOM   864  N N   . SER A 1 106 ? 5.871   -5.819  -0.942  1.00 3.74  ? 105  SER A N   1 
ATOM   865  C CA  . SER A 1 106 ? 6.443   -5.468  -2.235  1.00 4.50  ? 105  SER A CA  1 
ATOM   866  C C   . SER A 1 106 ? 6.529   -3.951  -2.349  1.00 2.84  ? 105  SER A C   1 
ATOM   867  O O   . SER A 1 106 ? 7.473   -3.426  -2.921  1.00 2.95  ? 105  SER A O   1 
ATOM   868  C CB  . SER A 1 106 ? 5.626   -6.054  -3.387  1.00 8.95  ? 105  SER A CB  1 
ATOM   869  O OG  . SER A 1 106 ? 4.247   -5.781  -3.220  1.00 11.55 ? 105  SER A OG  1 
ATOM   870  N N   . VAL A 1 107 ? 5.552   -3.249  -1.791  1.00 3.13  ? 106  VAL A N   1 
ATOM   871  C CA  . VAL A 1 107 ? 5.574   -1.790  -1.808  1.00 3.59  ? 106  VAL A CA  1 
ATOM   872  C C   . VAL A 1 107 ? 6.757   -1.353  -0.939  1.00 3.81  ? 106  VAL A C   1 
ATOM   873  O O   . VAL A 1 107 ? 7.522   -0.467  -1.307  1.00 6.18  ? 106  VAL A O   1 
ATOM   874  C CB  . VAL A 1 107 ? 4.273   -1.200  -1.235  1.00 2.23  ? 106  VAL A CB  1 
ATOM   875  C CG1 . VAL A 1 107 ? 4.387   0.304   -1.112  1.00 4.05  ? 106  VAL A CG1 1 
ATOM   876  C CG2 . VAL A 1 107 ? 3.101   -1.572  -2.105  1.00 2.88  ? 106  VAL A CG2 1 
ATOM   877  N N   . ASN A 1 108 ? 6.926   -2.011  0.201   1.00 2.98  ? 107  ASN A N   1 
ATOM   878  C CA  . ASN A 1 108 ? 8.026   -1.695  1.098   1.00 3.50  ? 107  ASN A CA  1 
ATOM   879  C C   . ASN A 1 108 ? 9.363   -1.960  0.402   1.00 4.55  ? 107  ASN A C   1 
ATOM   880  O O   . ASN A 1 108 ? 10.313  -1.183  0.535   1.00 3.13  ? 107  ASN A O   1 
ATOM   881  C CB  . ASN A 1 108 ? 7.948   -2.533  2.374   1.00 4.17  ? 107  ASN A CB  1 
ATOM   882  C CG  . ASN A 1 108 ? 8.978   -2.116  3.400   1.00 6.74  ? 107  ASN A CG  1 
ATOM   883  O OD1 . ASN A 1 108 ? 9.188   -0.927  3.622   1.00 12.27 ? 107  ASN A OD1 1 
ATOM   884  N ND2 . ASN A 1 108 ? 9.623   -3.088  4.037   1.00 6.61  ? 107  ASN A ND2 1 
ATOM   885  N N   . GLN A 1 109 ? 9.431   -3.062  -0.339  1.00 3.92  ? 108  GLN A N   1 
ATOM   886  C CA  . GLN A 1 109 ? 10.650  -3.424  -1.048  1.00 4.69  ? 108  GLN A CA  1 
ATOM   887  C C   . GLN A 1 109 ? 10.988  -2.378  -2.100  1.00 3.47  ? 108  GLN A C   1 
ATOM   888  O O   . GLN A 1 109 ? 12.159  -2.088  -2.342  1.00 4.72  ? 108  GLN A O   1 
ATOM   889  C CB  . GLN A 1 109 ? 10.507  -4.796  -1.709  1.00 4.68  ? 108  GLN A CB  1 
ATOM   890  C CG  . GLN A 1 109 ? 11.822  -5.340  -2.227  1.00 8.67  ? 108  GLN A CG  1 
ATOM   891  C CD  . GLN A 1 109 ? 12.890  -5.324  -1.151  1.00 10.11 ? 108  GLN A CD  1 
ATOM   892  O OE1 . GLN A 1 109 ? 12.790  -6.040  -0.157  1.00 12.27 ? 108  GLN A OE1 1 
ATOM   893  N NE2 . GLN A 1 109 ? 13.889  -4.467  -1.317  1.00 9.74  ? 108  GLN A NE2 1 
ATOM   894  N N   . ALA A 1 110 ? 9.957   -1.809  -2.715  1.00 2.48  ? 109  ALA A N   1 
ATOM   895  C CA  . ALA A 1 110 ? 10.134  -0.786  -3.741  1.00 2.53  ? 109  ALA A CA  1 
ATOM   896  C C   . ALA A 1 110 ? 10.686  0.484   -3.097  1.00 2.26  ? 109  ALA A C   1 
ATOM   897  O O   . ALA A 1 110 ? 11.623  1.102   -3.613  1.00 3.57  ? 109  ALA A O   1 
ATOM   898  C CB  . ALA A 1 110 ? 8.795   -0.499  -4.437  1.00 2.26  ? 109  ALA A CB  1 
ATOM   899  N N   . LEU A 1 111 ? 10.113  0.861   -1.958  1.00 2.00  ? 110  LEU A N   1 
ATOM   900  C CA  . LEU A 1 111 ? 10.560  2.050   -1.242  1.00 4.46  ? 110  LEU A CA  1 
ATOM   901  C C   . LEU A 1 111 ? 12.001  1.874   -0.789  1.00 3.50  ? 110  LEU A C   1 
ATOM   902  O O   . LEU A 1 111 ? 12.798  2.804   -0.891  1.00 4.89  ? 110  LEU A O   1 
ATOM   903  C CB  . LEU A 1 111 ? 9.659   2.310   -0.039  1.00 3.09  ? 110  LEU A CB  1 
ATOM   904  C CG  . LEU A 1 111 ? 8.205   2.549   -0.414  1.00 2.26  ? 110  LEU A CG  1 
ATOM   905  C CD1 . LEU A 1 111 ? 7.336   2.495   0.833   1.00 3.68  ? 110  LEU A CD1 1 
ATOM   906  C CD2 . LEU A 1 111 ? 8.077   3.874   -1.138  1.00 2.86  ? 110  LEU A CD2 1 
ATOM   907  N N   . LEU A 1 112 ? 12.326  0.683   -0.288  1.00 2.07  ? 111  LEU A N   1 
ATOM   908  C CA  . LEU A 1 112 ? 13.675  0.365   0.179   1.00 2.75  ? 111  LEU A CA  1 
ATOM   909  C C   . LEU A 1 112 ? 14.676  0.455   -0.962  1.00 2.72  ? 111  LEU A C   1 
ATOM   910  O O   . LEU A 1 112 ? 15.767  0.996   -0.797  1.00 4.89  ? 111  LEU A O   1 
ATOM   911  C CB  . LEU A 1 112 ? 13.721  -1.044  0.801   1.00 2.00  ? 111  LEU A CB  1 
ATOM   912  C CG  . LEU A 1 112 ? 13.142  -1.163  2.210   1.00 4.73  ? 111  LEU A CG  1 
ATOM   913  C CD1 . LEU A 1 112 ? 13.009  -2.619  2.648   1.00 2.21  ? 111  LEU A CD1 1 
ATOM   914  C CD2 . LEU A 1 112 ? 14.033  -0.385  3.176   1.00 2.00  ? 111  LEU A CD2 1 
ATOM   915  N N   . ASP A 1 113 ? 14.288  -0.032  -2.135  1.00 3.09  ? 112  ASP A N   1 
ATOM   916  C CA  . ASP A 1 113 ? 15.164  0.004   -3.298  1.00 2.58  ? 112  ASP A CA  1 
ATOM   917  C C   . ASP A 1 113 ? 15.412  1.418   -3.781  1.00 3.40  ? 112  ASP A C   1 
ATOM   918  O O   . ASP A 1 113 ? 16.525  1.755   -4.188  1.00 6.34  ? 112  ASP A O   1 
ATOM   919  C CB  . ASP A 1 113 ? 14.567  -0.799  -4.444  1.00 4.82  ? 112  ASP A CB  1 
ATOM   920  C CG  . ASP A 1 113 ? 14.663  -2.296  -4.229  1.00 6.16  ? 112  ASP A CG  1 
ATOM   921  O OD1 . ASP A 1 113 ? 15.320  -2.742  -3.262  1.00 4.05  ? 112  ASP A OD1 1 
ATOM   922  O OD2 . ASP A 1 113 ? 14.085  -3.022  -5.058  1.00 2.49  ? 112  ASP A OD2 1 
ATOM   923  N N   . LEU A 1 114 ? 14.357  2.225   -3.784  1.00 3.33  ? 113  LEU A N   1 
ATOM   924  C CA  . LEU A 1 114 ? 14.441  3.607   -4.228  1.00 3.50  ? 113  LEU A CA  1 
ATOM   925  C C   . LEU A 1 114 ? 15.319  4.347   -3.252  1.00 2.00  ? 113  LEU A C   1 
ATOM   926  O O   . LEU A 1 114 ? 16.163  5.143   -3.631  1.00 3.57  ? 113  LEU A O   1 
ATOM   927  C CB  . LEU A 1 114 ? 13.048  4.244   -4.284  1.00 2.00  ? 113  LEU A CB  1 
ATOM   928  C CG  . LEU A 1 114 ? 12.961  5.692   -4.779  1.00 2.00  ? 113  LEU A CG  1 
ATOM   929  C CD1 . LEU A 1 114 ? 13.487  5.807   -6.204  1.00 4.64  ? 113  LEU A CD1 1 
ATOM   930  C CD2 . LEU A 1 114 ? 11.533  6.165   -4.701  1.00 2.00  ? 113  LEU A CD2 1 
ATOM   931  N N   . HIS A 1 115 ? 15.109  4.079   -1.978  1.00 2.67  ? 114  HIS A N   1 
ATOM   932  C CA  . HIS A 1 115 ? 15.914  4.702   -0.959  1.00 2.00  ? 114  HIS A CA  1 
ATOM   933  C C   . HIS A 1 115 ? 17.371  4.409   -1.251  1.00 2.00  ? 114  HIS A C   1 
ATOM   934  O O   . HIS A 1 115 ? 18.211  5.298   -1.196  1.00 2.00  ? 114  HIS A O   1 
ATOM   935  C CB  . HIS A 1 115 ? 15.548  4.160   0.418   1.00 2.31  ? 114  HIS A CB  1 
ATOM   936  C CG  . HIS A 1 115 ? 16.121  4.966   1.535   1.00 2.04  ? 114  HIS A CG  1 
ATOM   937  N ND1 . HIS A 1 115 ? 17.413  4.800   1.988   1.00 2.44  ? 114  HIS A ND1 1 
ATOM   938  C CD2 . HIS A 1 115 ? 15.602  5.997   2.241   1.00 2.00  ? 114  HIS A CD2 1 
ATOM   939  C CE1 . HIS A 1 115 ? 17.663  5.696   2.924   1.00 3.88  ? 114  HIS A CE1 1 
ATOM   940  N NE2 . HIS A 1 115 ? 16.580  6.434   3.094   1.00 6.07  ? 114  HIS A NE2 1 
ATOM   941  N N   . ALA A 1 116 ? 17.665  3.154   -1.564  1.00 2.00  ? 115  ALA A N   1 
ATOM   942  C CA  . ALA A 1 116 ? 19.033  2.745   -1.872  1.00 2.75  ? 115  ALA A CA  1 
ATOM   943  C C   . ALA A 1 116 ? 19.636  3.589   -3.007  1.00 3.72  ? 115  ALA A C   1 
ATOM   944  O O   . ALA A 1 116 ? 20.742  4.102   -2.866  1.00 3.32  ? 115  ALA A O   1 
ATOM   945  C CB  . ALA A 1 116 ? 19.090  1.256   -2.209  1.00 2.00  ? 115  ALA A CB  1 
ATOM   946  N N   . VAL A 1 117 ? 18.912  3.754   -4.111  1.00 3.06  ? 116  VAL A N   1 
ATOM   947  C CA  . VAL A 1 117 ? 19.429  4.556   -5.215  1.00 3.89  ? 116  VAL A CA  1 
ATOM   948  C C   . VAL A 1 117 ? 19.606  6.026   -4.792  1.00 3.32  ? 116  VAL A C   1 
ATOM   949  O O   . VAL A 1 117 ? 20.563  6.680   -5.193  1.00 2.75  ? 116  VAL A O   1 
ATOM   950  C CB  . VAL A 1 117 ? 18.562  4.438   -6.510  1.00 2.00  ? 116  VAL A CB  1 
ATOM   951  C CG1 . VAL A 1 117 ? 17.133  4.772   -6.246  1.00 5.67  ? 116  VAL A CG1 1 
ATOM   952  C CG2 . VAL A 1 117 ? 19.094  5.359   -7.584  1.00 6.36  ? 116  VAL A CG2 1 
ATOM   953  N N   . ALA A 1 118 ? 18.722  6.510   -3.929  1.00 2.75  ? 117  ALA A N   1 
ATOM   954  C CA  . ALA A 1 118 ? 18.799  7.883   -3.435  1.00 4.35  ? 117  ALA A CA  1 
ATOM   955  C C   . ALA A 1 118 ? 20.098  8.082   -2.654  1.00 3.95  ? 117  ALA A C   1 
ATOM   956  O O   . ALA A 1 118 ? 20.782  9.089   -2.818  1.00 2.00  ? 117  ALA A O   1 
ATOM   957  C CB  . ALA A 1 118 ? 17.609  8.183   -2.535  1.00 2.00  ? 117  ALA A CB  1 
ATOM   958  N N   . ALA A 1 119 ? 20.418  7.113   -1.800  1.00 6.71  ? 118  ALA A N   1 
ATOM   959  C CA  . ALA A 1 119 ? 21.625  7.147   -0.974  1.00 7.30  ? 118  ALA A CA  1 
ATOM   960  C C   . ALA A 1 119 ? 22.841  6.964   -1.859  1.00 8.08  ? 118  ALA A C   1 
ATOM   961  O O   . ALA A 1 119 ? 23.873  7.621   -1.687  1.00 9.40  ? 118  ALA A O   1 
ATOM   962  C CB  . ALA A 1 119 ? 21.566  6.048   0.066   1.00 8.31  ? 118  ALA A CB  1 
ATOM   963  N N   . ASP A 1 120 ? 22.685  6.113   -2.856  1.00 9.07  ? 119  ASP A N   1 
ATOM   964  C CA  . ASP A 1 120 ? 23.748  5.829   -3.800  1.00 11.47 ? 119  ASP A CA  1 
ATOM   965  C C   . ASP A 1 120 ? 24.168  7.124   -4.514  1.00 10.10 ? 119  ASP A C   1 
ATOM   966  O O   . ASP A 1 120 ? 25.360  7.416   -4.646  1.00 7.85  ? 119  ASP A O   1 
ATOM   967  C CB  . ASP A 1 120 ? 23.264  4.790   -4.806  1.00 16.61 ? 119  ASP A CB  1 
ATOM   968  C CG  . ASP A 1 120 ? 24.389  4.181   -5.586  1.00 22.69 ? 119  ASP A CG  1 
ATOM   969  O OD1 . ASP A 1 120 ? 25.212  3.477   -4.963  1.00 28.05 ? 119  ASP A OD1 1 
ATOM   970  O OD2 . ASP A 1 120 ? 24.458  4.413   -6.811  1.00 28.12 ? 119  ASP A OD2 1 
ATOM   971  N N   . LYS A 1 121 ? 23.176  7.904   -4.935  1.00 7.07  ? 120  LYS A N   1 
ATOM   972  C CA  . LYS A 1 121 ? 23.408  9.170   -5.617  1.00 7.25  ? 120  LYS A CA  1 
ATOM   973  C C   . LYS A 1 121 ? 23.652  10.318  -4.631  1.00 6.26  ? 120  LYS A C   1 
ATOM   974  O O   . LYS A 1 121 ? 23.720  11.473  -5.031  1.00 10.00 ? 120  LYS A O   1 
ATOM   975  C CB  . LYS A 1 121 ? 22.212  9.513   -6.515  1.00 7.04  ? 120  LYS A CB  1 
ATOM   976  C CG  . LYS A 1 121 ? 21.755  8.386   -7.418  1.00 7.78  ? 120  LYS A CG  1 
ATOM   977  C CD  . LYS A 1 121 ? 22.835  7.940   -8.386  1.00 9.37  ? 120  LYS A CD  1 
ATOM   978  C CE  . LYS A 1 121 ? 22.388  6.700   -9.145  1.00 11.69 ? 120  LYS A CE  1 
ATOM   979  N NZ  . LYS A 1 121 ? 23.238  6.414   -10.331 1.00 12.85 ? 120  LYS A NZ  1 
ATOM   980  N N   . SER A 1 122 ? 23.770  10.004  -3.347  1.00 4.72  ? 121  SER A N   1 
ATOM   981  C CA  . SER A 1 122 ? 24.021  11.013  -2.326  1.00 4.59  ? 121  SER A CA  1 
ATOM   982  C C   . SER A 1 122 ? 22.992  12.126  -2.266  1.00 4.16  ? 121  SER A C   1 
ATOM   983  O O   . SER A 1 122 ? 23.326  13.307  -2.376  1.00 5.28  ? 121  SER A O   1 
ATOM   984  C CB  . SER A 1 122 ? 25.425  11.599  -2.481  1.00 4.90  ? 121  SER A CB  1 
ATOM   985  O OG  . SER A 1 122 ? 26.377  10.769  -1.841  1.00 11.03 ? 121  SER A OG  1 
ATOM   986  N N   . ASP A 1 123 ? 21.736  11.742  -2.086  1.00 2.06  ? 122  ASP A N   1 
ATOM   987  C CA  . ASP A 1 123 ? 20.645  12.695  -1.992  1.00 3.72  ? 122  ASP A CA  1 
ATOM   988  C C   . ASP A 1 123 ? 20.085  12.504  -0.595  1.00 3.27  ? 122  ASP A C   1 
ATOM   989  O O   . ASP A 1 123 ? 19.290  11.594  -0.363  1.00 2.93  ? 122  ASP A O   1 
ATOM   990  C CB  . ASP A 1 123 ? 19.567  12.387  -3.048  1.00 2.69  ? 122  ASP A CB  1 
ATOM   991  C CG  . ASP A 1 123 ? 18.526  13.503  -3.177  1.00 4.73  ? 122  ASP A CG  1 
ATOM   992  O OD1 . ASP A 1 123 ? 18.359  14.301  -2.231  1.00 5.82  ? 122  ASP A OD1 1 
ATOM   993  O OD2 . ASP A 1 123 ? 17.869  13.581  -4.236  1.00 7.03  ? 122  ASP A OD2 1 
ATOM   994  N N   . PRO A 1 124 ? 20.539  13.326  0.368   1.00 2.02  ? 123  PRO A N   1 
ATOM   995  C CA  . PRO A 1 124 ? 20.095  13.259  1.765   1.00 2.35  ? 123  PRO A CA  1 
ATOM   996  C C   . PRO A 1 124 ? 18.636  13.673  1.921   1.00 3.21  ? 123  PRO A C   1 
ATOM   997  O O   . PRO A 1 124 ? 17.956  13.232  2.844   1.00 2.35  ? 123  PRO A O   1 
ATOM   998  C CB  . PRO A 1 124 ? 21.013  14.265  2.473   1.00 2.19  ? 123  PRO A CB  1 
ATOM   999  C CG  . PRO A 1 124 ? 22.194  14.399  1.564   1.00 3.09  ? 123  PRO A CG  1 
ATOM   1000 C CD  . PRO A 1 124 ? 21.557  14.373  0.203   1.00 4.41  ? 123  PRO A CD  1 
ATOM   1001 N N   . HIS A 1 125 ? 18.188  14.552  1.027   1.00 2.45  ? 124  HIS A N   1 
ATOM   1002 C CA  . HIS A 1 125 ? 16.826  15.059  1.026   1.00 3.99  ? 124  HIS A CA  1 
ATOM   1003 C C   . HIS A 1 125 ? 15.791  13.984  0.670   1.00 3.61  ? 124  HIS A C   1 
ATOM   1004 O O   . HIS A 1 125 ? 14.803  13.801  1.376   1.00 4.52  ? 124  HIS A O   1 
ATOM   1005 C CB  . HIS A 1 125 ? 16.716  16.231  0.051   1.00 2.00  ? 124  HIS A CB  1 
ATOM   1006 C CG  . HIS A 1 125 ? 15.415  16.957  0.145   1.00 4.18  ? 124  HIS A CG  1 
ATOM   1007 N ND1 . HIS A 1 125 ? 14.276  16.536  -0.509  1.00 7.49  ? 124  HIS A ND1 1 
ATOM   1008 C CD2 . HIS A 1 125 ? 15.056  18.043  0.865   1.00 5.26  ? 124  HIS A CD2 1 
ATOM   1009 C CE1 . HIS A 1 125 ? 13.270  17.330  -0.192  1.00 8.31  ? 124  HIS A CE1 1 
ATOM   1010 N NE2 . HIS A 1 125 ? 13.717  18.253  0.641   1.00 5.52  ? 124  HIS A NE2 1 
ATOM   1011 N N   . MET A 1 126 ? 16.018  13.277  -0.430  1.00 3.38  ? 125  MET A N   1 
ATOM   1012 C CA  . MET A 1 126 ? 15.103  12.228  -0.870  1.00 3.70  ? 125  MET A CA  1 
ATOM   1013 C C   . MET A 1 126 ? 15.099  11.087  0.134   1.00 4.47  ? 125  MET A C   1 
ATOM   1014 O O   . MET A 1 126 ? 14.055  10.551  0.497   1.00 3.46  ? 125  MET A O   1 
ATOM   1015 C CB  . MET A 1 126 ? 15.532  11.723  -2.241  1.00 2.93  ? 125  MET A CB  1 
ATOM   1016 C CG  . MET A 1 126 ? 14.763  10.529  -2.736  1.00 7.24  ? 125  MET A CG  1 
ATOM   1017 S SD  . MET A 1 126 ? 14.769  10.441  -4.526  1.00 8.77  ? 125  MET A SD  1 
ATOM   1018 C CE  . MET A 1 126 ? 13.110  9.956   -4.788  1.00 9.77  ? 125  MET A CE  1 
ATOM   1019 N N   . THR A 1 127 ? 16.300  10.737  0.576   1.00 6.21  ? 126  THR A N   1 
ATOM   1020 C CA  . THR A 1 127 ? 16.507  9.681   1.539   1.00 5.80  ? 126  THR A CA  1 
ATOM   1021 C C   . THR A 1 127 ? 15.692  9.964   2.801   1.00 3.38  ? 126  THR A C   1 
ATOM   1022 O O   . THR A 1 127 ? 14.989  9.093   3.314   1.00 2.02  ? 126  THR A O   1 
ATOM   1023 C CB  . THR A 1 127 ? 18.027  9.540   1.803   1.00 6.18  ? 126  THR A CB  1 
ATOM   1024 O OG1 . THR A 1 127 ? 18.521  8.405   1.073   1.00 12.64 ? 126  THR A OG1 1 
ATOM   1025 C CG2 . THR A 1 127 ? 18.351  9.406   3.260   1.00 8.33  ? 126  THR A CG2 1 
ATOM   1026 N N   . ASP A 1 128 ? 15.763  11.200  3.261   1.00 3.55  ? 127  ASP A N   1 
ATOM   1027 C CA  . ASP A 1 128 ? 15.041  11.650  4.429   1.00 4.89  ? 127  ASP A CA  1 
ATOM   1028 C C   . ASP A 1 128 ? 13.541  11.589  4.156   1.00 7.50  ? 127  ASP A C   1 
ATOM   1029 O O   . ASP A 1 128 ? 12.768  11.130  4.993   1.00 6.43  ? 127  ASP A O   1 
ATOM   1030 C CB  . ASP A 1 128 ? 15.459  13.088  4.746   1.00 6.54  ? 127  ASP A CB  1 
ATOM   1031 C CG  . ASP A 1 128 ? 14.798  13.625  5.981   1.00 7.31  ? 127  ASP A CG  1 
ATOM   1032 O OD1 . ASP A 1 128 ? 14.952  13.005  7.051   1.00 11.82 ? 127  ASP A OD1 1 
ATOM   1033 O OD2 . ASP A 1 128 ? 14.116  14.664  5.874   1.00 12.49 ? 127  ASP A OD2 1 
ATOM   1034 N N   . PHE A 1 129 ? 13.152  12.035  2.964   1.00 7.90  ? 128  PHE A N   1 
ATOM   1035 C CA  . PHE A 1 129 ? 11.753  12.063  2.548   1.00 7.86  ? 128  PHE A CA  1 
ATOM   1036 C C   . PHE A 1 129 ? 11.114  10.670  2.520   1.00 7.81  ? 128  PHE A C   1 
ATOM   1037 O O   . PHE A 1 129 ? 9.969   10.500  2.932   1.00 7.85  ? 128  PHE A O   1 
ATOM   1038 C CB  . PHE A 1 129 ? 11.652  12.743  1.178   1.00 8.30  ? 128  PHE A CB  1 
ATOM   1039 C CG  . PHE A 1 129 ? 10.266  12.782  0.613   1.00 8.60  ? 128  PHE A CG  1 
ATOM   1040 C CD1 . PHE A 1 129 ? 9.372   13.772  1.001   1.00 6.89  ? 128  PHE A CD1 1 
ATOM   1041 C CD2 . PHE A 1 129 ? 9.861   11.839  -0.329  1.00 7.18  ? 128  PHE A CD2 1 
ATOM   1042 C CE1 . PHE A 1 129 ? 8.092   13.828  0.458   1.00 8.14  ? 128  PHE A CE1 1 
ATOM   1043 C CE2 . PHE A 1 129 ? 8.588   11.886  -0.875  1.00 8.59  ? 128  PHE A CE2 1 
ATOM   1044 C CZ  . PHE A 1 129 ? 7.699   12.886  -0.479  1.00 8.68  ? 128  PHE A CZ  1 
ATOM   1045 N N   . LEU A 1 130 ? 11.853  9.683   2.024   1.00 8.09  ? 129  LEU A N   1 
ATOM   1046 C CA  . LEU A 1 130 ? 11.360  8.314   1.951   1.00 6.81  ? 129  LEU A CA  1 
ATOM   1047 C C   . LEU A 1 130 ? 11.186  7.703   3.332   1.00 7.40  ? 129  LEU A C   1 
ATOM   1048 O O   . LEU A 1 130 ? 10.203  7.009   3.595   1.00 8.88  ? 129  LEU A O   1 
ATOM   1049 C CB  . LEU A 1 130 ? 12.327  7.436   1.153   1.00 6.38  ? 129  LEU A CB  1 
ATOM   1050 C CG  . LEU A 1 130 ? 12.112  7.125   -0.329  1.00 6.03  ? 129  LEU A CG  1 
ATOM   1051 C CD1 . LEU A 1 130 ? 10.808  7.716   -0.845  1.00 5.52  ? 129  LEU A CD1 1 
ATOM   1052 C CD2 . LEU A 1 130 ? 13.300  7.620   -1.129  1.00 6.39  ? 129  LEU A CD2 1 
ATOM   1053 N N   . GLU A 1 131 ? 12.149  7.944   4.210   1.00 9.29  ? 130  GLU A N   1 
ATOM   1054 C CA  . GLU A 1 131 ? 12.118  7.381   5.556   1.00 9.07  ? 130  GLU A CA  1 
ATOM   1055 C C   . GLU A 1 131 ? 10.858  7.657   6.350   1.00 11.39 ? 130  GLU A C   1 
ATOM   1056 O O   . GLU A 1 131 ? 10.295  6.747   6.961   1.00 12.31 ? 130  GLU A O   1 
ATOM   1057 C CB  . GLU A 1 131 ? 13.350  7.809   6.327   1.00 7.57  ? 130  GLU A CB  1 
ATOM   1058 C CG  . GLU A 1 131 ? 14.594  7.135   5.798   1.00 6.16  ? 130  GLU A CG  1 
ATOM   1059 C CD  . GLU A 1 131 ? 15.858  7.781   6.285   1.00 8.01  ? 130  GLU A CD  1 
ATOM   1060 O OE1 . GLU A 1 131 ? 15.834  8.437   7.346   1.00 12.98 ? 130  GLU A OE1 1 
ATOM   1061 O OE2 . GLU A 1 131 ? 16.878  7.646   5.594   1.00 6.71  ? 130  GLU A OE2 1 
ATOM   1062 N N   . SER A 1 132 ? 10.407  8.901   6.344   1.00 12.22 ? 131  SER A N   1 
ATOM   1063 C CA  . SER A 1 132 ? 9.193   9.237   7.062   1.00 13.37 ? 131  SER A CA  1 
ATOM   1064 C C   . SER A 1 132 ? 8.344   10.156  6.198   1.00 12.54 ? 131  SER A C   1 
ATOM   1065 O O   . SER A 1 132 ? 8.818   11.191  5.728   1.00 10.99 ? 131  SER A O   1 
ATOM   1066 C CB  . SER A 1 132 ? 9.519   9.900   8.397   1.00 13.69 ? 131  SER A CB  1 
ATOM   1067 O OG  . SER A 1 132 ? 8.389   9.840   9.252   1.00 19.52 ? 131  SER A OG  1 
ATOM   1068 N N   . PRO A 1 133 ? 7.049   9.841   6.062   1.00 11.86 ? 132  PRO A N   1 
ATOM   1069 C CA  . PRO A 1 133 ? 6.401   8.681   6.686   1.00 11.62 ? 132  PRO A CA  1 
ATOM   1070 C C   . PRO A 1 133 ? 6.315   7.387   5.863   1.00 10.69 ? 132  PRO A C   1 
ATOM   1071 O O   . PRO A 1 133 ? 5.789   6.400   6.354   1.00 11.07 ? 132  PRO A O   1 
ATOM   1072 C CB  . PRO A 1 133 ? 4.997   9.212   6.949   1.00 12.29 ? 132  PRO A CB  1 
ATOM   1073 C CG  . PRO A 1 133 ? 4.733   9.981   5.677   1.00 12.65 ? 132  PRO A CG  1 
ATOM   1074 C CD  . PRO A 1 133 ? 6.044   10.744  5.470   1.00 12.85 ? 132  PRO A CD  1 
ATOM   1075 N N   . TYR A 1 134 ? 6.848   7.371   4.645   1.00 8.46  ? 133  TYR A N   1 
ATOM   1076 C CA  . TYR A 1 134 ? 6.737   6.193   3.794   1.00 5.43  ? 133  TYR A CA  1 
ATOM   1077 C C   . TYR A 1 134 ? 7.260   4.887   4.360   1.00 3.24  ? 133  TYR A C   1 
ATOM   1078 O O   . TYR A 1 134 ? 6.482   3.953   4.551   1.00 2.00  ? 133  TYR A O   1 
ATOM   1079 C CB  . TYR A 1 134 ? 7.301   6.489   2.413   1.00 8.03  ? 133  TYR A CB  1 
ATOM   1080 C CG  . TYR A 1 134 ? 6.703   7.755   1.865   1.00 9.92  ? 133  TYR A CG  1 
ATOM   1081 C CD1 . TYR A 1 134 ? 5.433   7.759   1.298   1.00 9.30  ? 133  TYR A CD1 1 
ATOM   1082 C CD2 . TYR A 1 134 ? 7.361   8.973   2.020   1.00 10.60 ? 133  TYR A CD2 1 
ATOM   1083 C CE1 . TYR A 1 134 ? 4.832   8.941   0.911   1.00 12.51 ? 133  TYR A CE1 1 
ATOM   1084 C CE2 . TYR A 1 134 ? 6.764   10.162  1.639   1.00 12.66 ? 133  TYR A CE2 1 
ATOM   1085 C CZ  . TYR A 1 134 ? 5.501   10.141  1.088   1.00 12.13 ? 133  TYR A CZ  1 
ATOM   1086 O OH  . TYR A 1 134 ? 4.904   11.323  0.728   1.00 16.69 ? 133  TYR A OH  1 
ATOM   1087 N N   . LEU A 1 135 ? 8.551   4.835   4.679   1.00 3.29  ? 134  LEU A N   1 
ATOM   1088 C CA  . LEU A 1 135 ? 9.142   3.627   5.242   1.00 3.56  ? 134  LEU A CA  1 
ATOM   1089 C C   . LEU A 1 135 ? 8.557   3.239   6.604   1.00 3.57  ? 134  LEU A C   1 
ATOM   1090 O O   . LEU A 1 135 ? 8.345   2.053   6.874   1.00 3.54  ? 134  LEU A O   1 
ATOM   1091 C CB  . LEU A 1 135 ? 10.665  3.767   5.342   1.00 6.38  ? 134  LEU A CB  1 
ATOM   1092 C CG  . LEU A 1 135 ? 11.520  3.208   4.197   1.00 5.62  ? 134  LEU A CG  1 
ATOM   1093 C CD1 . LEU A 1 135 ? 11.117  3.779   2.865   1.00 6.12  ? 134  LEU A CD1 1 
ATOM   1094 C CD2 . LEU A 1 135 ? 12.965  3.534   4.484   1.00 7.70  ? 134  LEU A CD2 1 
ATOM   1095 N N   . SER A 1 136 ? 8.315   4.227   7.466   1.00 4.55  ? 135  SER A N   1 
ATOM   1096 C CA  . SER A 1 136 ? 7.759   3.971   8.797   1.00 7.46  ? 135  SER A CA  1 
ATOM   1097 C C   . SER A 1 136 ? 6.333   3.428   8.716   1.00 6.79  ? 135  SER A C   1 
ATOM   1098 O O   . SER A 1 136 ? 5.990   2.479   9.419   1.00 3.82  ? 135  SER A O   1 
ATOM   1099 C CB  . SER A 1 136 ? 7.807   5.232   9.667   1.00 7.32  ? 135  SER A CB  1 
ATOM   1100 O OG  . SER A 1 136 ? 7.285   6.364   8.989   1.00 15.24 ? 135  SER A OG  1 
ATOM   1101 N N   . GLU A 1 137 ? 5.535   4.010   7.822   1.00 7.70  ? 136  GLU A N   1 
ATOM   1102 C CA  . GLU A 1 137 ? 4.141   3.613   7.607   1.00 9.21  ? 136  GLU A CA  1 
ATOM   1103 C C   . GLU A 1 137 ? 4.055   2.151   7.181   1.00 7.76  ? 136  GLU A C   1 
ATOM   1104 O O   . GLU A 1 137 ? 3.145   1.423   7.596   1.00 8.24  ? 136  GLU A O   1 
ATOM   1105 C CB  . GLU A 1 137 ? 3.508   4.500   6.527   1.00 13.49 ? 136  GLU A CB  1 
ATOM   1106 C CG  . GLU A 1 137 ? 1.986   4.370   6.359   1.00 20.13 ? 136  GLU A CG  1 
ATOM   1107 C CD  . GLU A 1 137 ? 1.558   3.274   5.385   1.00 22.43 ? 136  GLU A CD  1 
ATOM   1108 O OE1 . GLU A 1 137 ? 2.370   2.853   4.528   1.00 24.25 ? 136  GLU A OE1 1 
ATOM   1109 O OE2 . GLU A 1 137 ? 0.388   2.845   5.470   1.00 25.19 ? 136  GLU A OE2 1 
ATOM   1110 N N   . SER A 1 138 ? 4.988   1.733   6.330   1.00 7.20  ? 137  SER A N   1 
ATOM   1111 C CA  . SER A 1 138 ? 5.023   0.356   5.855   1.00 6.36  ? 137  SER A CA  1 
ATOM   1112 C C   . SER A 1 138 ? 5.199   -0.642  6.991   1.00 5.96  ? 137  SER A C   1 
ATOM   1113 O O   . SER A 1 138 ? 4.383   -1.544  7.145   1.00 9.40  ? 137  SER A O   1 
ATOM   1114 C CB  . SER A 1 138 ? 6.141   0.172   4.826   1.00 4.97  ? 137  SER A CB  1 
ATOM   1115 O OG  . SER A 1 138 ? 5.892   0.949   3.675   1.00 7.14  ? 137  SER A OG  1 
ATOM   1116 N N   . VAL A 1 139 ? 6.230   -0.475  7.814   1.00 4.36  ? 138  VAL A N   1 
ATOM   1117 C CA  . VAL A 1 139 ? 6.442   -1.430  8.894   1.00 4.44  ? 138  VAL A CA  1 
ATOM   1118 C C   . VAL A 1 139 ? 5.282   -1.430  9.876   1.00 5.87  ? 138  VAL A C   1 
ATOM   1119 O O   . VAL A 1 139 ? 4.959   -2.461  10.453  1.00 9.58  ? 138  VAL A O   1 
ATOM   1120 C CB  . VAL A 1 139 ? 7.782   -1.214  9.660   1.00 2.83  ? 138  VAL A CB  1 
ATOM   1121 C CG1 . VAL A 1 139 ? 8.872   -0.811  8.710   1.00 2.10  ? 138  VAL A CG1 1 
ATOM   1122 C CG2 . VAL A 1 139 ? 7.612   -0.202  10.761  1.00 9.56  ? 138  VAL A CG2 1 
ATOM   1123 N N   . GLU A 1 140 ? 4.648   -0.282  10.061  1.00 7.20  ? 139  GLU A N   1 
ATOM   1124 C CA  . GLU A 1 140 ? 3.526   -0.201  10.979  1.00 7.71  ? 139  GLU A CA  1 
ATOM   1125 C C   . GLU A 1 140 ? 2.379   -1.014  10.431  1.00 4.44  ? 139  GLU A C   1 
ATOM   1126 O O   . GLU A 1 140 ? 1.807   -1.841  11.137  1.00 2.00  ? 139  GLU A O   1 
ATOM   1127 C CB  . GLU A 1 140 ? 3.077   1.243   11.166  1.00 12.57 ? 139  GLU A CB  1 
ATOM   1128 C CG  . GLU A 1 140 ? 3.873   2.019   12.184  1.00 20.17 ? 139  GLU A CG  1 
ATOM   1129 C CD  . GLU A 1 140 ? 3.677   3.516   12.029  1.00 27.23 ? 139  GLU A CD  1 
ATOM   1130 O OE1 . GLU A 1 140 ? 2.527   3.994   12.195  1.00 28.34 ? 139  GLU A OE1 1 
ATOM   1131 O OE2 . GLU A 1 140 ? 4.675   4.208   11.715  1.00 30.30 ? 139  GLU A OE2 1 
ATOM   1132 N N   . THR A 1 141 ? 2.085   -0.807  9.155   1.00 2.00  ? 140  THR A N   1 
ATOM   1133 C CA  . THR A 1 141 ? 0.998   -1.511  8.503   1.00 2.77  ? 140  THR A CA  1 
ATOM   1134 C C   . THR A 1 141 ? 1.289   -2.993  8.370   1.00 2.00  ? 140  THR A C   1 
ATOM   1135 O O   . THR A 1 141 ? 0.415   -3.808  8.614   1.00 3.35  ? 140  THR A O   1 
ATOM   1136 C CB  . THR A 1 141 ? 0.663   -0.883  7.129   1.00 3.64  ? 140  THR A CB  1 
ATOM   1137 O OG1 . THR A 1 141 ? 0.229   0.471   7.325   1.00 6.93  ? 140  THR A OG1 1 
ATOM   1138 C CG2 . THR A 1 141 ? -0.424  -1.663  6.417   1.00 2.00  ? 140  THR A CG2 1 
ATOM   1139 N N   . ILE A 1 142 ? 2.528   -3.346  8.042   1.00 5.06  ? 141  ILE A N   1 
ATOM   1140 C CA  . ILE A 1 142 ? 2.909   -4.753  7.894   1.00 4.34  ? 141  ILE A CA  1 
ATOM   1141 C C   . ILE A 1 142 ? 2.761   -5.498  9.222   1.00 4.56  ? 141  ILE A C   1 
ATOM   1142 O O   . ILE A 1 142 ? 2.232   -6.607  9.249   1.00 5.46  ? 141  ILE A O   1 
ATOM   1143 C CB  . ILE A 1 142 ? 4.358   -4.907  7.344   1.00 4.13  ? 141  ILE A CB  1 
ATOM   1144 C CG1 . ILE A 1 142 ? 4.420   -4.437  5.886   1.00 2.23  ? 141  ILE A CG1 1 
ATOM   1145 C CG2 . ILE A 1 142 ? 4.828   -6.347  7.466   1.00 2.00  ? 141  ILE A CG2 1 
ATOM   1146 C CD1 . ILE A 1 142 ? 5.805   -4.450  5.283   1.00 2.00  ? 141  ILE A CD1 1 
ATOM   1147 N N   . LYS A 1 143 ? 3.186   -4.872  10.320  1.00 4.73  ? 142  LYS A N   1 
ATOM   1148 C CA  . LYS A 1 143 ? 3.086   -5.478  11.658  1.00 4.54  ? 142  LYS A CA  1 
ATOM   1149 C C   . LYS A 1 143 ? 1.615   -5.672  12.021  1.00 3.57  ? 142  LYS A C   1 
ATOM   1150 O O   . LYS A 1 143 ? 1.218   -6.721  12.535  1.00 2.00  ? 142  LYS A O   1 
ATOM   1151 C CB  . LYS A 1 143 ? 3.768   -4.577  12.701  1.00 4.77  ? 142  LYS A CB  1 
ATOM   1152 C CG  . LYS A 1 143 ? 3.607   -4.999  14.186  1.00 5.04  ? 142  LYS A CG  1 
ATOM   1153 C CD  . LYS A 1 143 ? 4.169   -6.385  14.489  1.00 7.73  ? 142  LYS A CD  1 
ATOM   1154 C CE  . LYS A 1 143 ? 4.221   -6.650  16.006  1.00 9.35  ? 142  LYS A CE  1 
ATOM   1155 N NZ  . LYS A 1 143 ? 2.887   -6.541  16.685  1.00 6.76  ? 142  LYS A NZ  1 
ATOM   1156 N N   . LYS A 1 144 ? 0.826   -4.646  11.717  1.00 4.03  ? 143  LYS A N   1 
ATOM   1157 C CA  . LYS A 1 144 ? -0.604  -4.609  11.969  1.00 5.55  ? 143  LYS A CA  1 
ATOM   1158 C C   . LYS A 1 144 ? -1.318  -5.686  11.159  1.00 3.74  ? 143  LYS A C   1 
ATOM   1159 O O   . LYS A 1 144 ? -2.221  -6.355  11.663  1.00 4.39  ? 143  LYS A O   1 
ATOM   1160 C CB  . LYS A 1 144 ? -1.124  -3.220  11.614  1.00 7.95  ? 143  LYS A CB  1 
ATOM   1161 C CG  . LYS A 1 144 ? -2.623  -3.044  11.666  1.00 16.08 ? 143  LYS A CG  1 
ATOM   1162 C CD  . LYS A 1 144 ? -2.999  -1.643  11.185  1.00 19.64 ? 143  LYS A CD  1 
ATOM   1163 C CE  . LYS A 1 144 ? -2.407  -1.360  9.804   1.00 22.05 ? 143  LYS A CE  1 
ATOM   1164 N NZ  . LYS A 1 144 ? -2.709  0.010   9.289   1.00 26.40 ? 143  LYS A NZ  1 
ATOM   1165 N N   . LEU A 1 145 ? -0.932  -5.842  9.899   1.00 2.64  ? 144  LEU A N   1 
ATOM   1166 C CA  . LEU A 1 145 ? -1.530  -6.864  9.061   1.00 2.34  ? 144  LEU A CA  1 
ATOM   1167 C C   . LEU A 1 145 ? -1.121  -8.224  9.610   1.00 2.27  ? 144  LEU A C   1 
ATOM   1168 O O   . LEU A 1 145 ? -1.950  -9.124  9.732   1.00 2.88  ? 144  LEU A O   1 
ATOM   1169 C CB  . LEU A 1 145 ? -1.069  -6.720  7.611   1.00 3.22  ? 144  LEU A CB  1 
ATOM   1170 C CG  . LEU A 1 145 ? -1.704  -5.604  6.784   1.00 2.00  ? 144  LEU A CG  1 
ATOM   1171 C CD1 . LEU A 1 145 ? -1.030  -5.561  5.429   1.00 2.00  ? 144  LEU A CD1 1 
ATOM   1172 C CD2 . LEU A 1 145 ? -3.197  -5.834  6.627   1.00 2.00  ? 144  LEU A CD2 1 
ATOM   1173 N N   . GLY A 1 146 ? 0.151   -8.353  9.977   1.00 2.00  ? 145  GLY A N   1 
ATOM   1174 C CA  . GLY A 1 146 ? 0.657   -9.598  10.530  1.00 3.54  ? 145  GLY A CA  1 
ATOM   1175 C C   . GLY A 1 146 ? -0.114  -10.023 11.773  1.00 3.66  ? 145  GLY A C   1 
ATOM   1176 O O   . GLY A 1 146 ? -0.374  -11.204 11.971  1.00 4.39  ? 145  GLY A O   1 
ATOM   1177 N N   . ASP A 1 147 ? -0.494  -9.052  12.599  1.00 3.74  ? 146  ASP A N   1 
ATOM   1178 C CA  . ASP A 1 147 ? -1.257  -9.318  13.815  1.00 5.15  ? 146  ASP A CA  1 
ATOM   1179 C C   . ASP A 1 147 ? -2.652  -9.820  13.460  1.00 4.80  ? 146  ASP A C   1 
ATOM   1180 O O   . ASP A 1 147 ? -3.126  -10.812 14.006  1.00 6.33  ? 146  ASP A O   1 
ATOM   1181 C CB  . ASP A 1 147 ? -1.384  -8.046  14.653  1.00 4.66  ? 146  ASP A CB  1 
ATOM   1182 C CG  . ASP A 1 147 ? -0.070  -7.630  15.304  1.00 8.54  ? 146  ASP A CG  1 
ATOM   1183 O OD1 . ASP A 1 147 ? 0.861   -8.464  15.415  1.00 5.94  ? 146  ASP A OD1 1 
ATOM   1184 O OD2 . ASP A 1 147 ? 0.015   -6.454  15.724  1.00 8.60  ? 146  ASP A OD2 1 
ATOM   1185 N N   . HIS A 1 148 ? -3.308  -9.115  12.545  1.00 5.50  ? 147  HIS A N   1 
ATOM   1186 C CA  . HIS A 1 148 ? -4.648  -9.470  12.096  1.00 5.58  ? 147  HIS A CA  1 
ATOM   1187 C C   . HIS A 1 148 ? -4.724  -10.895 11.565  1.00 5.73  ? 147  HIS A C   1 
ATOM   1188 O O   . HIS A 1 148 ? -5.653  -11.633 11.872  1.00 5.33  ? 147  HIS A O   1 
ATOM   1189 C CB  . HIS A 1 148 ? -5.114  -8.500  11.011  1.00 5.79  ? 147  HIS A CB  1 
ATOM   1190 C CG  . HIS A 1 148 ? -5.447  -7.130  11.518  1.00 8.30  ? 147  HIS A CG  1 
ATOM   1191 N ND1 . HIS A 1 148 ? -5.439  -6.804  12.858  1.00 7.65  ? 147  HIS A ND1 1 
ATOM   1192 C CD2 . HIS A 1 148 ? -5.810  -6.002  10.860  1.00 8.87  ? 147  HIS A CD2 1 
ATOM   1193 C CE1 . HIS A 1 148 ? -5.778  -5.535  13.003  1.00 5.50  ? 147  HIS A CE1 1 
ATOM   1194 N NE2 . HIS A 1 148 ? -6.009  -5.027  11.806  1.00 9.02  ? 147  HIS A NE2 1 
ATOM   1195 N N   . ILE A 1 149 ? -3.738  -11.273 10.764  1.00 5.04  ? 148  ILE A N   1 
ATOM   1196 C CA  . ILE A 1 149 ? -3.688  -12.601 10.188  1.00 3.98  ? 148  ILE A CA  1 
ATOM   1197 C C   . ILE A 1 149 ? -3.560  -13.654 11.279  1.00 4.69  ? 148  ILE A C   1 
ATOM   1198 O O   . ILE A 1 149 ? -4.197  -14.704 11.208  1.00 5.51  ? 148  ILE A O   1 
ATOM   1199 C CB  . ILE A 1 149 ? -2.538  -12.696 9.172   1.00 4.50  ? 148  ILE A CB  1 
ATOM   1200 C CG1 . ILE A 1 149 ? -2.886  -11.844 7.945   1.00 3.66  ? 148  ILE A CG1 1 
ATOM   1201 C CG2 . ILE A 1 149 ? -2.252  -14.154 8.803   1.00 2.00  ? 148  ILE A CG2 1 
ATOM   1202 C CD1 . ILE A 1 149 ? -1.743  -11.598 7.014   1.00 2.68  ? 148  ILE A CD1 1 
ATOM   1203 N N   . THR A 1 150 ? -2.753  -13.371 12.293  1.00 3.41  ? 149  THR A N   1 
ATOM   1204 C CA  . THR A 1 150 ? -2.573  -14.294 13.406  1.00 3.52  ? 149  THR A CA  1 
ATOM   1205 C C   . THR A 1 150 ? -3.896  -14.515 14.141  1.00 2.81  ? 149  THR A C   1 
ATOM   1206 O O   . THR A 1 150 ? -4.322  -15.659 14.344  1.00 5.18  ? 149  THR A O   1 
ATOM   1207 C CB  . THR A 1 150 ? -1.506  -13.769 14.390  1.00 2.31  ? 149  THR A CB  1 
ATOM   1208 O OG1 . THR A 1 150 ? -0.234  -13.747 13.733  1.00 2.72  ? 149  THR A OG1 1 
ATOM   1209 C CG2 . THR A 1 150 ? -1.407  -14.662 15.612  1.00 2.00  ? 149  THR A CG2 1 
ATOM   1210 N N   . SER A 1 151 ? -4.562  -13.423 14.497  1.00 4.40  ? 150  SER A N   1 
ATOM   1211 C CA  . SER A 1 151 ? -5.833  -13.501 15.208  1.00 3.50  ? 150  SER A CA  1 
ATOM   1212 C C   . SER A 1 151 ? -6.860  -14.242 14.361  1.00 4.94  ? 150  SER A C   1 
ATOM   1213 O O   . SER A 1 151 ? -7.582  -15.099 14.869  1.00 2.93  ? 150  SER A O   1 
ATOM   1214 C CB  . SER A 1 151 ? -6.356  -12.100 15.540  1.00 3.90  ? 150  SER A CB  1 
ATOM   1215 O OG  . SER A 1 151 ? -5.347  -11.296 16.144  1.00 10.45 ? 150  SER A OG  1 
ATOM   1216 N N   . LEU A 1 152 ? -6.908  -13.933 13.067  1.00 4.86  ? 151  LEU A N   1 
ATOM   1217 C CA  . LEU A 1 152 ? -7.871  -14.598 12.203  1.00 8.08  ? 151  LEU A CA  1 
ATOM   1218 C C   . LEU A 1 152 ? -7.585  -16.098 12.118  1.00 9.40  ? 151  LEU A C   1 
ATOM   1219 O O   . LEU A 1 152 ? -8.506  -16.919 12.236  1.00 9.83  ? 151  LEU A O   1 
ATOM   1220 C CB  . LEU A 1 152 ? -7.924  -13.941 10.813  1.00 9.05  ? 151  LEU A CB  1 
ATOM   1221 C CG  . LEU A 1 152 ? -9.064  -14.384 9.875   1.00 8.63  ? 151  LEU A CG  1 
ATOM   1222 C CD1 . LEU A 1 152 ? -10.408 -14.326 10.609  1.00 2.39  ? 151  LEU A CD1 1 
ATOM   1223 C CD2 . LEU A 1 152 ? -9.096  -13.522 8.618   1.00 3.09  ? 151  LEU A CD2 1 
ATOM   1224 N N   . LYS A 1 153 ? -6.307  -16.459 11.990  1.00 9.91  ? 152  LYS A N   1 
ATOM   1225 C CA  . LYS A 1 153 ? -5.899  -17.862 11.913  1.00 8.54  ? 152  LYS A CA  1 
ATOM   1226 C C   . LYS A 1 153 ? -6.245  -18.687 13.156  1.00 9.72  ? 152  LYS A C   1 
ATOM   1227 O O   . LYS A 1 153 ? -6.554  -19.872 13.044  1.00 8.44  ? 152  LYS A O   1 
ATOM   1228 C CB  . LYS A 1 153 ? -4.407  -17.975 11.641  1.00 8.78  ? 152  LYS A CB  1 
ATOM   1229 C CG  . LYS A 1 153 ? -4.037  -17.702 10.215  1.00 12.02 ? 152  LYS A CG  1 
ATOM   1230 C CD  . LYS A 1 153 ? -2.558  -17.905 9.991   1.00 16.41 ? 152  LYS A CD  1 
ATOM   1231 C CE  . LYS A 1 153 ? -2.279  -18.138 8.510   1.00 21.18 ? 152  LYS A CE  1 
ATOM   1232 N NZ  . LYS A 1 153 ? -2.984  -19.380 7.999   1.00 25.60 ? 152  LYS A NZ  1 
ATOM   1233 N N   . LYS A 1 154 ? -6.162  -18.071 14.332  1.00 10.91 ? 153  LYS A N   1 
ATOM   1234 C CA  . LYS A 1 154 ? -6.486  -18.751 15.586  1.00 13.09 ? 153  LYS A CA  1 
ATOM   1235 C C   . LYS A 1 154 ? -7.968  -19.120 15.647  1.00 14.25 ? 153  LYS A C   1 
ATOM   1236 O O   . LYS A 1 154 ? -8.351  -20.145 16.230  1.00 14.63 ? 153  LYS A O   1 
ATOM   1237 C CB  . LYS A 1 154 ? -6.158  -17.861 16.784  1.00 13.98 ? 153  LYS A CB  1 
ATOM   1238 C CG  . LYS A 1 154 ? -4.685  -17.660 17.039  1.00 18.49 ? 153  LYS A CG  1 
ATOM   1239 C CD  . LYS A 1 154 ? -4.462  -16.924 18.359  1.00 18.85 ? 153  LYS A CD  1 
ATOM   1240 C CE  . LYS A 1 154 ? -2.968  -16.815 18.681  1.00 21.15 ? 153  LYS A CE  1 
ATOM   1241 N NZ  . LYS A 1 154 ? -2.709  -16.126 19.974  1.00 15.87 ? 153  LYS A NZ  1 
ATOM   1242 N N   . LEU A 1 155 ? -8.801  -18.241 15.100  1.00 12.48 ? 154  LEU A N   1 
ATOM   1243 C CA  . LEU A 1 155 ? -10.235 -18.455 15.071  1.00 11.38 ? 154  LEU A CA  1 
ATOM   1244 C C   . LEU A 1 155 ? -10.612 -19.390 13.927  1.00 12.80 ? 154  LEU A C   1 
ATOM   1245 O O   . LEU A 1 155 ? -11.471 -20.260 14.076  1.00 13.14 ? 154  LEU A O   1 
ATOM   1246 C CB  . LEU A 1 155 ? -10.954 -17.108 14.922  1.00 12.51 ? 154  LEU A CB  1 
ATOM   1247 C CG  . LEU A 1 155 ? -11.286 -16.275 16.166  1.00 12.34 ? 154  LEU A CG  1 
ATOM   1248 C CD1 . LEU A 1 155 ? -10.278 -16.502 17.266  1.00 14.45 ? 154  LEU A CD1 1 
ATOM   1249 C CD2 . LEU A 1 155 ? -11.362 -14.797 15.802  1.00 9.12  ? 154  LEU A CD2 1 
ATOM   1250 N N   . TRP A 1 156 ? -9.934  -19.225 12.797  1.00 13.84 ? 155  TRP A N   1 
ATOM   1251 C CA  . TRP A 1 156 ? -10.178 -20.026 11.595  1.00 15.64 ? 155  TRP A CA  1 
ATOM   1252 C C   . TRP A 1 156 ? -10.228 -21.520 11.898  1.00 15.62 ? 155  TRP A C   1 
ATOM   1253 O O   . TRP A 1 156 ? -11.066 -22.240 11.362  1.00 12.91 ? 155  TRP A O   1 
ATOM   1254 C CB  . TRP A 1 156 ? -9.095  -19.745 10.545  1.00 13.52 ? 155  TRP A CB  1 
ATOM   1255 C CG  . TRP A 1 156 ? -9.578  -19.895 9.147   1.00 13.51 ? 155  TRP A CG  1 
ATOM   1256 C CD1 . TRP A 1 156 ? -9.448  -20.992 8.344   1.00 14.05 ? 155  TRP A CD1 1 
ATOM   1257 C CD2 . TRP A 1 156 ? -10.322 -18.929 8.392   1.00 13.27 ? 155  TRP A CD2 1 
ATOM   1258 N NE1 . TRP A 1 156 ? -10.075 -20.769 7.138   1.00 14.69 ? 155  TRP A NE1 1 
ATOM   1259 C CE2 . TRP A 1 156 ? -10.619 -19.512 7.142   1.00 13.79 ? 155  TRP A CE2 1 
ATOM   1260 C CE3 . TRP A 1 156 ? -10.770 -17.630 8.652   1.00 12.87 ? 155  TRP A CE3 1 
ATOM   1261 C CZ2 . TRP A 1 156 ? -11.345 -18.841 6.159   1.00 14.50 ? 155  TRP A CZ2 1 
ATOM   1262 C CZ3 . TRP A 1 156 ? -11.490 -16.965 7.679   1.00 12.90 ? 155  TRP A CZ3 1 
ATOM   1263 C CH2 . TRP A 1 156 ? -11.771 -17.571 6.445   1.00 15.45 ? 155  TRP A CH2 1 
ATOM   1264 N N   . SER A 1 157 ? -9.326  -21.965 12.770  1.00 18.20 ? 156  SER A N   1 
ATOM   1265 C CA  . SER A 1 157 ? -9.240  -23.367 13.178  1.00 19.93 ? 156  SER A CA  1 
ATOM   1266 C C   . SER A 1 157 ? -10.484 -23.764 13.968  1.00 21.22 ? 156  SER A C   1 
ATOM   1267 O O   . SER A 1 157 ? -10.984 -24.896 13.863  1.00 20.11 ? 156  SER A O   1 
ATOM   1268 C CB  . SER A 1 157 ? -7.978  -23.585 14.021  1.00 20.10 ? 156  SER A CB  1 
ATOM   1269 O OG  . SER A 1 157 ? -7.795  -22.514 14.946  1.00 20.48 ? 156  SER A OG  1 
ATOM   1270 N N   . SER A 1 158 ? -10.966 -22.829 14.782  1.00 21.76 ? 157  SER A N   1 
ATOM   1271 C CA  . SER A 1 158 ? -12.156 -23.076 15.573  1.00 20.59 ? 157  SER A CA  1 
ATOM   1272 C C   . SER A 1 158 ? -13.330 -23.111 14.601  1.00 18.79 ? 157  SER A C   1 
ATOM   1273 O O   . SER A 1 158 ? -13.927 -24.159 14.402  1.00 18.95 ? 157  SER A O   1 
ATOM   1274 C CB  . SER A 1 158 ? -12.336 -21.977 16.632  1.00 21.74 ? 157  SER A CB  1 
ATOM   1275 O OG  . SER A 1 158 ? -11.187 -21.875 17.475  1.00 24.72 ? 157  SER A OG  1 
ATOM   1276 N N   . HIS A 1 159 ? -13.611 -21.982 13.956  1.00 18.53 ? 158  HIS A N   1 
ATOM   1277 C CA  . HIS A 1 159 ? -14.713 -21.857 12.995  1.00 17.44 ? 158  HIS A CA  1 
ATOM   1278 C C   . HIS A 1 159 ? -14.429 -20.708 12.026  1.00 15.48 ? 158  HIS A C   1 
ATOM   1279 O O   . HIS A 1 159 ? -14.424 -19.539 12.430  1.00 12.90 ? 158  HIS A O   1 
ATOM   1280 C CB  . HIS A 1 159 ? -16.022 -21.546 13.729  1.00 21.06 ? 158  HIS A CB  1 
ATOM   1281 C CG  . HIS A 1 159 ? -16.636 -22.729 14.403  1.00 23.81 ? 158  HIS A CG  1 
ATOM   1282 N ND1 . HIS A 1 159 ? -17.296 -23.718 13.704  1.00 25.55 ? 158  HIS A ND1 1 
ATOM   1283 C CD2 . HIS A 1 159 ? -16.669 -23.099 15.706  1.00 25.45 ? 158  HIS A CD2 1 
ATOM   1284 C CE1 . HIS A 1 159 ? -17.703 -24.650 14.546  1.00 27.17 ? 158  HIS A CE1 1 
ATOM   1285 N NE2 . HIS A 1 159 ? -17.336 -24.300 15.767  1.00 27.85 ? 158  HIS A NE2 1 
ATOM   1286 N N   . PRO A 1 160 ? -14.258 -21.013 10.727  1.00 13.84 ? 159  PRO A N   1 
ATOM   1287 C CA  . PRO A 1 160 ? -13.977 -20.010 9.686   1.00 14.07 ? 159  PRO A CA  1 
ATOM   1288 C C   . PRO A 1 160 ? -15.056 -18.943 9.482   1.00 13.81 ? 159  PRO A C   1 
ATOM   1289 O O   . PRO A 1 160 ? -14.741 -17.751 9.369   1.00 14.49 ? 159  PRO A O   1 
ATOM   1290 C CB  . PRO A 1 160 ? -13.771 -20.860 8.428   1.00 11.98 ? 159  PRO A CB  1 
ATOM   1291 C CG  . PRO A 1 160 ? -14.603 -22.076 8.696   1.00 16.95 ? 159  PRO A CG  1 
ATOM   1292 C CD  . PRO A 1 160 ? -14.299 -22.369 10.154  1.00 15.64 ? 159  PRO A CD  1 
ATOM   1293 N N   . GLY A 1 161 ? -16.315 -19.375 9.424   1.00 12.69 ? 160  GLY A N   1 
ATOM   1294 C CA  . GLY A 1 161 ? -17.421 -18.453 9.234   1.00 12.69 ? 160  GLY A CA  1 
ATOM   1295 C C   . GLY A 1 161 ? -17.518 -17.481 10.392  1.00 14.04 ? 160  GLY A C   1 
ATOM   1296 O O   . GLY A 1 161 ? -17.650 -16.268 10.203  1.00 15.11 ? 160  GLY A O   1 
ATOM   1297 N N   . MET A 1 162 ? -17.375 -18.016 11.598  1.00 13.52 ? 161  MET A N   1 
ATOM   1298 C CA  . MET A 1 162 ? -17.438 -17.209 12.803  1.00 12.83 ? 161  MET A CA  1 
ATOM   1299 C C   . MET A 1 162 ? -16.179 -16.366 12.959  1.00 9.23  ? 161  MET A C   1 
ATOM   1300 O O   . MET A 1 162 ? -16.217 -15.282 13.537  1.00 7.38  ? 161  MET A O   1 
ATOM   1301 C CB  . MET A 1 162 ? -17.610 -18.106 14.030  1.00 13.50 ? 161  MET A CB  1 
ATOM   1302 C CG  . MET A 1 162 ? -18.119 -17.360 15.236  1.00 15.36 ? 161  MET A CG  1 
ATOM   1303 S SD  . MET A 1 162 ? -18.211 -18.399 16.696  1.00 21.49 ? 161  MET A SD  1 
ATOM   1304 C CE  . MET A 1 162 ? -19.478 -19.608 16.178  1.00 16.75 ? 161  MET A CE  1 
ATOM   1305 N N   . ALA A 1 163 ? -15.075 -16.863 12.415  1.00 6.94  ? 162  ALA A N   1 
ATOM   1306 C CA  . ALA A 1 163 ? -13.788 -16.187 12.495  1.00 5.12  ? 162  ALA A CA  1 
ATOM   1307 C C   . ALA A 1 163 ? -13.874 -14.803 11.885  1.00 5.86  ? 162  ALA A C   1 
ATOM   1308 O O   . ALA A 1 163 ? -13.574 -13.798 12.532  1.00 7.44  ? 162  ALA A O   1 
ATOM   1309 C CB  . ALA A 1 163 ? -12.728 -17.012 11.785  1.00 5.76  ? 162  ALA A CB  1 
ATOM   1310 N N   . GLU A 1 164 ? -14.295 -14.753 10.630  1.00 6.49  ? 163  GLU A N   1 
ATOM   1311 C CA  . GLU A 1 164 ? -14.434 -13.489 9.913   1.00 4.44  ? 163  GLU A CA  1 
ATOM   1312 C C   . GLU A 1 164 ? -15.458 -12.579 10.592  1.00 2.00  ? 163  GLU A C   1 
ATOM   1313 O O   . GLU A 1 164 ? -15.256 -11.375 10.693  1.00 2.00  ? 163  GLU A O   1 
ATOM   1314 C CB  . GLU A 1 164 ? -14.864 -13.765 8.482   1.00 5.02  ? 163  GLU A CB  1 
ATOM   1315 C CG  . GLU A 1 164 ? -13.990 -14.756 7.785   1.00 12.17 ? 163  GLU A CG  1 
ATOM   1316 C CD  . GLU A 1 164 ? -14.530 -15.157 6.444   1.00 13.60 ? 163  GLU A CD  1 
ATOM   1317 O OE1 . GLU A 1 164 ? -15.586 -15.822 6.390   1.00 16.43 ? 163  GLU A OE1 1 
ATOM   1318 O OE2 . GLU A 1 164 ? -13.889 -14.807 5.442   1.00 15.53 ? 163  GLU A OE2 1 
ATOM   1319 N N   . TYR A 1 165 ? -16.554 -13.160 11.062  1.00 2.61  ? 164  TYR A N   1 
ATOM   1320 C CA  . TYR A 1 165 ? -17.587 -12.380 11.737  1.00 2.68  ? 164  TYR A CA  1 
ATOM   1321 C C   . TYR A 1 165 ? -17.043 -11.709 13.005  1.00 2.85  ? 164  TYR A C   1 
ATOM   1322 O O   . TYR A 1 165 ? -17.200 -10.503 13.194  1.00 2.45  ? 164  TYR A O   1 
ATOM   1323 C CB  . TYR A 1 165 ? -18.793 -13.265 12.077  1.00 3.65  ? 164  TYR A CB  1 
ATOM   1324 C CG  . TYR A 1 165 ? -19.937 -12.525 12.750  1.00 4.37  ? 164  TYR A CG  1 
ATOM   1325 C CD1 . TYR A 1 165 ? -20.921 -11.903 11.990  1.00 3.44  ? 164  TYR A CD1 1 
ATOM   1326 C CD2 . TYR A 1 165 ? -20.017 -12.426 14.143  1.00 2.10  ? 164  TYR A CD2 1 
ATOM   1327 C CE1 . TYR A 1 165 ? -21.954 -11.199 12.584  1.00 7.81  ? 164  TYR A CE1 1 
ATOM   1328 C CE2 . TYR A 1 165 ? -21.049 -11.717 14.753  1.00 6.92  ? 164  TYR A CE2 1 
ATOM   1329 C CZ  . TYR A 1 165 ? -22.016 -11.106 13.962  1.00 7.48  ? 164  TYR A CZ  1 
ATOM   1330 O OH  . TYR A 1 165 ? -23.048 -10.400 14.529  1.00 8.72  ? 164  TYR A OH  1 
ATOM   1331 N N   . LEU A 1 166 ? -16.383 -12.482 13.861  1.00 5.06  ? 165  LEU A N   1 
ATOM   1332 C CA  . LEU A 1 166 ? -15.837 -11.948 15.114  1.00 6.15  ? 165  LEU A CA  1 
ATOM   1333 C C   . LEU A 1 166 ? -14.740 -10.909 14.871  1.00 6.17  ? 165  LEU A C   1 
ATOM   1334 O O   . LEU A 1 166 ? -14.719 -9.840  15.482  1.00 2.73  ? 165  LEU A O   1 
ATOM   1335 C CB  . LEU A 1 166 ? -15.286 -13.085 15.983  1.00 7.17  ? 165  LEU A CB  1 
ATOM   1336 C CG  . LEU A 1 166 ? -16.198 -13.673 17.058  1.00 9.27  ? 165  LEU A CG  1 
ATOM   1337 C CD1 . LEU A 1 166 ? -17.534 -14.059 16.474  1.00 11.80 ? 165  LEU A CD1 1 
ATOM   1338 C CD2 . LEU A 1 166 ? -15.521 -14.876 17.684  1.00 11.99 ? 165  LEU A CD2 1 
ATOM   1339 N N   . PHE A 1 167 ? -13.804 -11.272 14.011  1.00 6.62  ? 166  PHE A N   1 
ATOM   1340 C CA  . PHE A 1 167 ? -12.697 -10.416 13.649  1.00 8.27  ? 166  PHE A CA  1 
ATOM   1341 C C   . PHE A 1 167 ? -13.252 -9.107  13.107  1.00 6.92  ? 166  PHE A C   1 
ATOM   1342 O O   . PHE A 1 167 ? -12.804 -8.021  13.464  1.00 7.05  ? 166  PHE A O   1 
ATOM   1343 C CB  . PHE A 1 167 ? -11.903 -11.111 12.563  1.00 10.75 ? 166  PHE A CB  1 
ATOM   1344 C CG  . PHE A 1 167 ? -10.501 -10.659 12.472  1.00 15.48 ? 166  PHE A CG  1 
ATOM   1345 C CD1 . PHE A 1 167 ? -9.639  -10.849 13.538  1.00 15.53 ? 166  PHE A CD1 1 
ATOM   1346 C CD2 . PHE A 1 167 ? -10.038 -10.043 11.320  1.00 16.96 ? 166  PHE A CD2 1 
ATOM   1347 C CE1 . PHE A 1 167 ? -8.338  -10.433 13.460  1.00 20.84 ? 166  PHE A CE1 1 
ATOM   1348 C CE2 . PHE A 1 167 ? -8.737  -9.620  11.224  1.00 20.08 ? 166  PHE A CE2 1 
ATOM   1349 C CZ  . PHE A 1 167 ? -7.880  -9.812  12.294  1.00 23.24 ? 166  PHE A CZ  1 
ATOM   1350 N N   . ASN A 1 168 ? -14.270 -9.237  12.272  1.00 7.63  ? 167  ASN A N   1 
ATOM   1351 C CA  . ASN A 1 168 ? -14.930 -8.108  11.645  1.00 7.46  ? 167  ASN A CA  1 
ATOM   1352 C C   . ASN A 1 168 ? -15.552 -7.152  12.637  1.00 9.29  ? 167  ASN A C   1 
ATOM   1353 O O   . ASN A 1 168 ? -15.491 -5.948  12.441  1.00 8.75  ? 167  ASN A O   1 
ATOM   1354 C CB  . ASN A 1 168 ? -15.994 -8.607  10.677  1.00 4.84  ? 167  ASN A CB  1 
ATOM   1355 C CG  . ASN A 1 168 ? -16.745 -7.487  10.011  1.00 5.20  ? 167  ASN A CG  1 
ATOM   1356 O OD1 . ASN A 1 168 ? -17.940 -7.309  10.242  1.00 10.13 ? 167  ASN A OD1 1 
ATOM   1357 N ND2 . ASN A 1 168 ? -16.057 -6.721  9.175   1.00 2.00  ? 167  ASN A ND2 1 
ATOM   1358 N N   . LYS A 1 169 ? -16.145 -7.684  13.700  1.00 11.26 ? 168  LYS A N   1 
ATOM   1359 C CA  . LYS A 1 169 ? -16.787 -6.851  14.714  1.00 13.39 ? 168  LYS A CA  1 
ATOM   1360 C C   . LYS A 1 169 ? -15.834 -6.307  15.780  1.00 14.29 ? 168  LYS A C   1 
ATOM   1361 O O   . LYS A 1 169 ? -15.858 -5.117  16.100  1.00 12.87 ? 168  LYS A O   1 
ATOM   1362 C CB  . LYS A 1 169 ? -17.907 -7.628  15.425  1.00 17.77 ? 168  LYS A CB  1 
ATOM   1363 C CG  . LYS A 1 169 ? -18.832 -8.447  14.501  1.00 24.67 ? 168  LYS A CG  1 
ATOM   1364 C CD  . LYS A 1 169 ? -19.381 -7.622  13.325  1.00 26.00 ? 168  LYS A CD  1 
ATOM   1365 C CE  . LYS A 1 169 ? -20.464 -6.642  13.762  1.00 27.21 ? 168  LYS A CE  1 
ATOM   1366 N NZ  . LYS A 1 169 ? -21.731 -7.344  14.097  1.00 25.82 ? 168  LYS A NZ  1 
ATOM   1367 N N   . HIS A 1 170 ? -15.000 -7.192  16.321  1.00 14.62 ? 169  HIS A N   1 
ATOM   1368 C CA  . HIS A 1 170 ? -14.071 -6.862  17.402  1.00 14.02 ? 169  HIS A CA  1 
ATOM   1369 C C   . HIS A 1 170 ? -12.721 -6.277  17.041  1.00 15.49 ? 169  HIS A C   1 
ATOM   1370 O O   . HIS A 1 170 ? -12.289 -5.310  17.663  1.00 17.46 ? 169  HIS A O   1 
ATOM   1371 C CB  . HIS A 1 170 ? -13.847 -8.091  18.287  1.00 11.70 ? 169  HIS A CB  1 
ATOM   1372 C CG  . HIS A 1 170 ? -15.112 -8.722  18.778  1.00 9.94  ? 169  HIS A CG  1 
ATOM   1373 N ND1 . HIS A 1 170 ? -15.329 -10.084 18.742  1.00 10.38 ? 169  HIS A ND1 1 
ATOM   1374 C CD2 . HIS A 1 170 ? -16.227 -8.180  19.325  1.00 9.69  ? 169  HIS A CD2 1 
ATOM   1375 C CE1 . HIS A 1 170 ? -16.519 -10.355 19.247  1.00 9.45  ? 169  HIS A CE1 1 
ATOM   1376 N NE2 . HIS A 1 170 ? -17.086 -9.218  19.608  1.00 9.20  ? 169  HIS A NE2 1 
ATOM   1377 N N   . THR A 1 171 ? -12.015 -6.901  16.101  1.00 16.15 ? 170  THR A N   1 
ATOM   1378 C CA  . THR A 1 171 ? -10.691 -6.417  15.713  1.00 16.74 ? 170  THR A CA  1 
ATOM   1379 C C   . THR A 1 171 ? -10.719 -5.256  14.722  1.00 17.53 ? 170  THR A C   1 
ATOM   1380 O O   . THR A 1 171 ? -10.090 -4.218  14.941  1.00 14.66 ? 170  THR A O   1 
ATOM   1381 C CB  . THR A 1 171 ? -9.827  -7.556  15.140  1.00 18.39 ? 170  THR A CB  1 
ATOM   1382 O OG1 . THR A 1 171 ? -9.640  -8.561  16.146  1.00 20.88 ? 170  THR A OG1 1 
ATOM   1383 C CG2 . THR A 1 171 ? -8.461  -7.029  14.692  1.00 16.79 ? 170  THR A CG2 1 
ATOM   1384 N N   . LEU A 1 172 ? -11.413 -5.448  13.608  1.00 19.21 ? 171  LEU A N   1 
ATOM   1385 C CA  . LEU A 1 172 ? -11.501 -4.403  12.594  1.00 19.46 ? 171  LEU A CA  1 
ATOM   1386 C C   . LEU A 1 172 ? -12.598 -3.399  12.944  1.00 20.79 ? 171  LEU A C   1 
ATOM   1387 O O   . LEU A 1 172 ? -12.962 -2.545  12.134  1.00 19.86 ? 171  LEU A O   1 
ATOM   1388 C CB  . LEU A 1 172 ? -11.729 -5.025  11.209  1.00 17.56 ? 171  LEU A CB  1 
ATOM   1389 C CG  . LEU A 1 172 ? -10.505 -5.478  10.399  1.00 14.88 ? 171  LEU A CG  1 
ATOM   1390 C CD1 . LEU A 1 172 ? -9.543  -6.289  11.232  1.00 18.26 ? 171  LEU A CD1 1 
ATOM   1391 C CD2 . LEU A 1 172 ? -10.965 -6.290  9.217   1.00 15.60 ? 171  LEU A CD2 1 
ATOM   1392 N N   . GLY A 1 173 ? -13.096 -3.494  14.171  1.00 22.45 ? 172  GLY A N   1 
ATOM   1393 C CA  . GLY A 1 173 ? -14.142 -2.605  14.620  1.00 25.47 ? 172  GLY A CA  1 
ATOM   1394 C C   . GLY A 1 173 ? -13.685 -1.813  15.827  1.00 28.42 ? 172  GLY A C   1 
ATOM   1395 O O   . GLY A 1 173 ? -12.462 -1.828  16.123  1.00 29.21 ? 172  GLY A O   1 
ATOM   1396 O OXT . GLY A 1 173 ? -14.551 -1.173  16.471  1.00 31.05 ? 172  GLY A OXT 1 
HETATM 1397 N N   . BET B 2 .   ? -7.867  4.836   -6.724  1.00 48.85 ? 200  BET A N   1 
HETATM 1398 C CA  . BET B 2 .   ? -8.050  4.068   -5.586  1.00 49.93 ? 200  BET A CA  1 
HETATM 1399 C C   . BET B 2 .   ? -8.263  4.929   -4.333  1.00 50.60 ? 200  BET A C   1 
HETATM 1400 O O   . BET B 2 .   ? -9.419  4.986   -3.855  1.00 50.03 ? 200  BET A O   1 
HETATM 1401 O OXT . BET B 2 .   ? -7.278  5.099   -3.580  1.00 50.36 ? 200  BET A OXT 1 
HETATM 1402 C C1  . BET B 2 .   ? -7.636  4.007   -7.793  1.00 47.20 ? 200  BET A C1  1 
HETATM 1403 C C2  . BET B 2 .   ? -9.007  5.561   -6.963  1.00 48.96 ? 200  BET A C2  1 
HETATM 1404 C C3  . BET B 2 .   ? -6.796  5.668   -6.551  1.00 48.29 ? 200  BET A C3  1 
HETATM 1405 O O   . HOH C 3 .   ? 13.780  22.692  -4.789  1.00 8.92  ? 1005 HOH A O   1 
HETATM 1406 O O   . HOH C 3 .   ? 17.900  20.135  -4.213  1.00 2.00  ? 1006 HOH A O   1 
HETATM 1407 O O   . HOH C 3 .   ? 22.175  13.232  -7.405  1.00 15.07 ? 1007 HOH A O   1 
HETATM 1408 O O   . HOH C 3 .   ? 20.030  17.652  -10.764 1.00 14.73 ? 1008 HOH A O   1 
HETATM 1409 O O   . HOH C 3 .   ? 25.393  -0.881  -16.981 1.00 43.58 ? 1011 HOH A O   1 
HETATM 1410 O O   . HOH C 3 .   ? 19.069  12.314  -6.531  1.00 10.74 ? 1012 HOH A O   1 
HETATM 1411 O O   . HOH C 3 .   ? 0.448   -0.926  -13.154 1.00 5.91  ? 1021 HOH A O   1 
HETATM 1412 O O   . HOH C 3 .   ? -12.281 -0.064  -13.725 1.00 2.00  ? 1028 HOH A O   1 
HETATM 1413 O O   . HOH C 3 .   ? -10.281 -6.667  -9.244  1.00 23.54 ? 1032 HOH A O   1 
HETATM 1414 O O   . HOH C 3 .   ? -18.653 -1.159  -2.276  1.00 12.82 ? 1035 HOH A O   1 
HETATM 1415 O O   . HOH C 3 .   ? -19.628 -6.727  -6.753  1.00 22.41 ? 1039 HOH A O   1 
HETATM 1416 O O   . HOH C 3 .   ? 4.422   3.307   2.718   1.00 13.81 ? 1058 HOH A O   1 
HETATM 1417 O O   . HOH C 3 .   ? 5.391   15.363  -0.774  1.00 10.04 ? 1067 HOH A O   1 
HETATM 1418 O O   . HOH C 3 .   ? 10.383  17.342  0.548   1.00 18.37 ? 1071 HOH A O   1 
HETATM 1419 O O   . HOH C 3 .   ? 16.156  19.830  -6.742  1.00 5.75  ? 1072 HOH A O   1 
HETATM 1420 O O   . HOH C 3 .   ? 8.908   21.676  -10.734 1.00 2.00  ? 1073 HOH A O   1 
HETATM 1421 O O   . HOH C 3 .   ? 1.786   -1.493  -19.906 1.00 20.08 ? 1082 HOH A O   1 
HETATM 1422 O O   . HOH C 3 .   ? -13.182 -6.233  -9.808  1.00 24.21 ? 1088 HOH A O   1 
HETATM 1423 O O   . HOH C 3 .   ? -1.078  -21.411 9.245   1.00 23.23 ? 1097 HOH A O   1 
HETATM 1424 O O   . HOH C 3 .   ? 6.107   -7.900  -9.790  1.00 21.01 ? 1105 HOH A O   1 
HETATM 1425 O O   . HOH C 3 .   ? 17.973  -0.930  -5.213  1.00 15.99 ? 1112 HOH A O   1 
HETATM 1426 O O   . HOH C 3 .   ? 18.773  18.857  -1.651  1.00 11.76 ? 1122 HOH A O   1 
HETATM 1427 O O   . HOH C 3 .   ? 13.338  15.532  2.815   1.00 2.00  ? 1124 HOH A O   1 
HETATM 1428 O O   . HOH C 3 .   ? 16.260  13.173  9.264   1.00 19.48 ? 1127 HOH A O   1 
HETATM 1429 O O   . HOH C 3 .   ? 17.874  10.178  6.083   1.00 6.70  ? 1130 HOH A O   1 
HETATM 1430 O O   . HOH C 3 .   ? 4.465   -0.974  2.300   1.00 11.20 ? 1137 HOH A O   1 
HETATM 1431 O O   . HOH C 3 .   ? 5.275   -3.733  18.438  1.00 28.21 ? 1142 HOH A O   1 
HETATM 1432 O O   . HOH C 3 .   ? 1.108   -6.383  19.587  1.00 25.58 ? 1146 HOH A O   1 
HETATM 1433 O O   . HOH C 3 .   ? 1.315   -14.908 6.711   1.00 18.67 ? 1152 HOH A O   1 
HETATM 1434 O O   . HOH C 3 .   ? -15.914 -13.950 3.426   1.00 16.44 ? 1163 HOH A O   1 
HETATM 1435 O O   . HOH C 3 .   ? -16.786 -9.656  -9.173  1.00 12.88 ? 2039 HOH A O   1 
# 
loop_
_pdbx_poly_seq_scheme.asym_id 
_pdbx_poly_seq_scheme.entity_id 
_pdbx_poly_seq_scheme.seq_id 
_pdbx_poly_seq_scheme.mon_id 
_pdbx_poly_seq_scheme.ndb_seq_num 
_pdbx_poly_seq_scheme.pdb_seq_num 
_pdbx_poly_seq_scheme.auth_seq_num 
_pdbx_poly_seq_scheme.pdb_mon_id 
_pdbx_poly_seq_scheme.auth_mon_id 
_pdbx_poly_seq_scheme.pdb_strand_id 
_pdbx_poly_seq_scheme.pdb_ins_code 
_pdbx_poly_seq_scheme.hetero 
A 1 1   MET 1   0   ?   ?   ?   A . n 
A 1 2   GLU 2   1   ?   ?   ?   A . n 
A 1 3   SER 3   2   2   SER SER A . n 
A 1 4   GLN 4   3   3   GLN GLN A . n 
A 1 5   VAL 5   4   4   VAL VAL A . n 
A 1 6   ARG 6   5   5   ARG ARG A . n 
A 1 7   GLN 7   6   6   GLN GLN A . n 
A 1 8   ASN 8   7   7   ASN ASN A . n 
A 1 9   PHE 9   8   8   PHE PHE A . n 
A 1 10  HIS 10  9   9   HIS HIS A . n 
A 1 11  GLN 11  10  10  GLN GLN A . n 
A 1 12  ASP 12  11  11  ASP ASP A . n 
A 1 13  CYS 13  12  12  CYS CYS A . n 
A 1 14  GLU 14  13  13  GLU GLU A . n 
A 1 15  ALA 15  14  14  ALA ALA A . n 
A 1 16  GLY 16  15  15  GLY GLY A . n 
A 1 17  LEU 17  16  16  LEU LEU A . n 
A 1 18  ASN 18  17  17  ASN ASN A . n 
A 1 19  ARG 19  18  18  ARG ARG A . n 
A 1 20  THR 20  19  19  THR THR A . n 
A 1 21  VAL 21  20  20  VAL VAL A . n 
A 1 22  ASN 22  21  21  ASN ASN A . n 
A 1 23  LEU 23  22  22  LEU LEU A . n 
A 1 24  LYS 24  23  23  LYS LYS A . n 
A 1 25  PHE 25  24  24  PHE PHE A . n 
A 1 26  TYR 26  25  25  TYR TYR A . n 
A 1 27  SER 27  26  26  SER SER A . n 
A 1 28  SER 28  27  27  SER SER A . n 
A 1 29  TYR 29  28  28  TYR TYR A . n 
A 1 30  VAL 30  29  29  VAL VAL A . n 
A 1 31  TYR 31  30  30  TYR TYR A . n 
A 1 32  LEU 32  31  31  LEU LEU A . n 
A 1 33  SER 33  32  32  SER SER A . n 
A 1 34  MET 34  33  33  MET MET A . n 
A 1 35  ALA 35  34  34  ALA ALA A . n 
A 1 36  SER 36  35  35  SER SER A . n 
A 1 37  TYR 37  36  36  TYR TYR A . n 
A 1 38  PHE 38  37  37  PHE PHE A . n 
A 1 39  ASN 39  38  38  ASN ASN A . n 
A 1 40  ARG 40  39  39  ARG ARG A . n 
A 1 41  ASP 41  40  40  ASP ASP A . n 
A 1 42  ASP 42  41  41  ASP ASP A . n 
A 1 43  VAL 43  42  42  VAL VAL A . n 
A 1 44  ALA 44  43  43  ALA ALA A . n 
A 1 45  LEU 45  44  44  LEU LEU A . n 
A 1 46  SER 46  45  45  SER SER A . n 
A 1 47  ASN 47  46  46  ASN ASN A . n 
A 1 48  PHE 48  47  47  PHE PHE A . n 
A 1 49  ALA 49  48  48  ALA ALA A . n 
A 1 50  LYS 50  49  49  LYS LYS A . n 
A 1 51  PHE 51  50  50  PHE PHE A . n 
A 1 52  PHE 52  51  51  PHE PHE A . n 
A 1 53  ARG 53  52  52  ARG ARG A . n 
A 1 54  GLU 54  53  53  GLU GLU A . n 
A 1 55  ARG 55  54  54  ARG ARG A . n 
A 1 56  SER 56  55  55  SER SER A . n 
A 1 57  GLU 57  56  56  GLU GLU A . n 
A 1 58  GLU 58  57  57  GLU GLU A . n 
A 1 59  GLU 59  58  58  GLU GLU A . n 
A 1 60  LYS 60  59  59  LYS LYS A . n 
A 1 61  GLU 61  60  60  GLU GLU A . n 
A 1 62  HIS 62  61  61  HIS HIS A . n 
A 1 63  ALA 63  62  62  ALA ALA A . n 
A 1 64  GLU 64  63  63  GLU GLU A . n 
A 1 65  LYS 65  64  64  LYS LYS A . n 
A 1 66  LEU 66  65  65  LEU LEU A . n 
A 1 67  ILE 67  66  66  ILE ILE A . n 
A 1 68  GLU 68  67  67  GLU GLU A . n 
A 1 69  TYR 69  68  68  TYR TYR A . n 
A 1 70  GLN 70  69  69  GLN GLN A . n 
A 1 71  ASN 71  70  70  ASN ASN A . n 
A 1 72  GLN 72  71  71  GLN GLN A . n 
A 1 73  ARG 73  72  72  ARG ARG A . n 
A 1 74  GLY 74  73  73  GLY GLY A . n 
A 1 75  GLY 75  74  74  GLY GLY A . n 
A 1 76  ARG 76  75  75  ARG ARG A . n 
A 1 77  VAL 77  76  76  VAL VAL A . n 
A 1 78  PHE 78  77  77  PHE PHE A . n 
A 1 79  LEU 79  78  78  LEU LEU A . n 
A 1 80  GLN 80  79  79  GLN GLN A . n 
A 1 81  SER 81  80  80  SER SER A . n 
A 1 82  VAL 82  81  81  VAL VAL A . n 
A 1 83  GLU 83  82  82  GLU GLU A . n 
A 1 84  LYS 84  83  83  LYS LYS A . n 
A 1 85  PRO 85  84  84  PRO PRO A . n 
A 1 86  GLU 86  85  85  GLU GLU A . n 
A 1 87  ARG 87  86  86  ARG ARG A . n 
A 1 88  ASP 88  87  87  ASP ASP A . n 
A 1 89  ASP 89  88  88  ASP ASP A . n 
A 1 90  TRP 90  89  89  TRP TRP A . n 
A 1 91  ALA 91  90  90  ALA ALA A . n 
A 1 92  ASN 92  91  91  ASN ASN A . n 
A 1 93  GLY 93  92  92  GLY GLY A . n 
A 1 94  LEU 94  93  93  LEU LEU A . n 
A 1 95  GLU 95  94  94  GLU GLU A . n 
A 1 96  ALA 96  95  95  ALA ALA A . n 
A 1 97  LEU 97  96  96  LEU LEU A . n 
A 1 98  GLN 98  97  97  GLN GLN A . n 
A 1 99  THR 99  98  98  THR THR A . n 
A 1 100 ALA 100 99  99  ALA ALA A . n 
A 1 101 LEU 101 100 100 LEU LEU A . n 
A 1 102 LYS 102 101 101 LYS LYS A . n 
A 1 103 LEU 103 102 102 LEU LEU A . n 
A 1 104 GLN 104 103 103 GLN GLN A . n 
A 1 105 LYS 105 104 104 LYS LYS A . n 
A 1 106 SER 106 105 105 SER SER A . n 
A 1 107 VAL 107 106 106 VAL VAL A . n 
A 1 108 ASN 108 107 107 ASN ASN A . n 
A 1 109 GLN 109 108 108 GLN GLN A . n 
A 1 110 ALA 110 109 109 ALA ALA A . n 
A 1 111 LEU 111 110 110 LEU LEU A . n 
A 1 112 LEU 112 111 111 LEU LEU A . n 
A 1 113 ASP 113 112 112 ASP ASP A . n 
A 1 114 LEU 114 113 113 LEU LEU A . n 
A 1 115 HIS 115 114 114 HIS HIS A . n 
A 1 116 ALA 116 115 115 ALA ALA A . n 
A 1 117 VAL 117 116 116 VAL VAL A . n 
A 1 118 ALA 118 117 117 ALA ALA A . n 
A 1 119 ALA 119 118 118 ALA ALA A . n 
A 1 120 ASP 120 119 119 ASP ASP A . n 
A 1 121 LYS 121 120 120 LYS LYS A . n 
A 1 122 SER 122 121 121 SER SER A . n 
A 1 123 ASP 123 122 122 ASP ASP A . n 
A 1 124 PRO 124 123 123 PRO PRO A . n 
A 1 125 HIS 125 124 124 HIS HIS A . n 
A 1 126 MET 126 125 125 MET MET A . n 
A 1 127 THR 127 126 126 THR THR A . n 
A 1 128 ASP 128 127 127 ASP ASP A . n 
A 1 129 PHE 129 128 128 PHE PHE A . n 
A 1 130 LEU 130 129 129 LEU LEU A . n 
A 1 131 GLU 131 130 130 GLU GLU A . n 
A 1 132 SER 132 131 131 SER SER A . n 
A 1 133 PRO 133 132 132 PRO PRO A . n 
A 1 134 TYR 134 133 133 TYR TYR A . n 
A 1 135 LEU 135 134 134 LEU LEU A . n 
A 1 136 SER 136 135 135 SER SER A . n 
A 1 137 GLU 137 136 136 GLU GLU A . n 
A 1 138 SER 138 137 137 SER SER A . n 
A 1 139 VAL 139 138 138 VAL VAL A . n 
A 1 140 GLU 140 139 139 GLU GLU A . n 
A 1 141 THR 141 140 140 THR THR A . n 
A 1 142 ILE 142 141 141 ILE ILE A . n 
A 1 143 LYS 143 142 142 LYS LYS A . n 
A 1 144 LYS 144 143 143 LYS LYS A . n 
A 1 145 LEU 145 144 144 LEU LEU A . n 
A 1 146 GLY 146 145 145 GLY GLY A . n 
A 1 147 ASP 147 146 146 ASP ASP A . n 
A 1 148 HIS 148 147 147 HIS HIS A . n 
A 1 149 ILE 149 148 148 ILE ILE A . n 
A 1 150 THR 150 149 149 THR THR A . n 
A 1 151 SER 151 150 150 SER SER A . n 
A 1 152 LEU 152 151 151 LEU LEU A . n 
A 1 153 LYS 153 152 152 LYS LYS A . n 
A 1 154 LYS 154 153 153 LYS LYS A . n 
A 1 155 LEU 155 154 154 LEU LEU A . n 
A 1 156 TRP 156 155 155 TRP TRP A . n 
A 1 157 SER 157 156 156 SER SER A . n 
A 1 158 SER 158 157 157 SER SER A . n 
A 1 159 HIS 159 158 158 HIS HIS A . n 
A 1 160 PRO 160 159 159 PRO PRO A . n 
A 1 161 GLY 161 160 160 GLY GLY A . n 
A 1 162 MET 162 161 161 MET MET A . n 
A 1 163 ALA 163 162 162 ALA ALA A . n 
A 1 164 GLU 164 163 163 GLU GLU A . n 
A 1 165 TYR 165 164 164 TYR TYR A . n 
A 1 166 LEU 166 165 165 LEU LEU A . n 
A 1 167 PHE 167 166 166 PHE PHE A . n 
A 1 168 ASN 168 167 167 ASN ASN A . n 
A 1 169 LYS 169 168 168 LYS LYS A . n 
A 1 170 HIS 170 169 169 HIS HIS A . n 
A 1 171 THR 171 170 170 THR THR A . n 
A 1 172 LEU 172 171 171 LEU LEU A . n 
A 1 173 GLY 173 172 172 GLY GLY A . n 
# 
loop_
_pdbx_nonpoly_scheme.asym_id 
_pdbx_nonpoly_scheme.entity_id 
_pdbx_nonpoly_scheme.mon_id 
_pdbx_nonpoly_scheme.ndb_seq_num 
_pdbx_nonpoly_scheme.pdb_seq_num 
_pdbx_nonpoly_scheme.auth_seq_num 
_pdbx_nonpoly_scheme.pdb_mon_id 
_pdbx_nonpoly_scheme.auth_mon_id 
_pdbx_nonpoly_scheme.pdb_strand_id 
_pdbx_nonpoly_scheme.pdb_ins_code 
B 2 BET 1  200  200  BET BET A . 
C 3 HOH 1  1005 1005 HOH HOH A . 
C 3 HOH 2  1006 1006 HOH HOH A . 
C 3 HOH 3  1007 1007 HOH HOH A . 
C 3 HOH 4  1008 1008 HOH HOH A . 
C 3 HOH 5  1011 1011 HOH HOH A . 
C 3 HOH 6  1012 1012 HOH HOH A . 
C 3 HOH 7  1021 1021 HOH HOH A . 
C 3 HOH 8  1028 1028 HOH HOH A . 
C 3 HOH 9  1032 1032 HOH HOH A . 
C 3 HOH 10 1035 1035 HOH HOH A . 
C 3 HOH 11 1039 1039 HOH HOH A . 
C 3 HOH 12 1058 1058 HOH HOH A . 
C 3 HOH 13 1067 1067 HOH HOH A . 
C 3 HOH 14 1071 1071 HOH HOH A . 
C 3 HOH 15 1072 1072 HOH HOH A . 
C 3 HOH 16 1073 1073 HOH HOH A . 
C 3 HOH 17 1082 1082 HOH HOH A . 
C 3 HOH 18 1088 1088 HOH HOH A . 
C 3 HOH 19 1097 1097 HOH HOH A . 
C 3 HOH 20 1105 1105 HOH HOH A . 
C 3 HOH 21 1112 1112 HOH HOH A . 
C 3 HOH 22 1122 1122 HOH HOH A . 
C 3 HOH 23 1124 1124 HOH HOH A . 
C 3 HOH 24 1127 1127 HOH HOH A . 
C 3 HOH 25 1130 1130 HOH HOH A . 
C 3 HOH 26 1137 1137 HOH HOH A . 
C 3 HOH 27 1142 1142 HOH HOH A . 
C 3 HOH 28 1146 1146 HOH HOH A . 
C 3 HOH 29 1152 1152 HOH HOH A . 
C 3 HOH 30 1163 1163 HOH HOH A . 
C 3 HOH 31 2039 2039 HOH HOH A . 
# 
_pdbx_struct_assembly.id                   1 
_pdbx_struct_assembly.details              author_and_software_defined_assembly 
_pdbx_struct_assembly.method_details       PISA,PQS 
_pdbx_struct_assembly.oligomeric_details   24-meric 
_pdbx_struct_assembly.oligomeric_count     24 
# 
_pdbx_struct_assembly_gen.assembly_id       1 
_pdbx_struct_assembly_gen.oper_expression   1,2,3,4,5,6,7,8,9,10,11,12,13,14,15,16,17,18,19,20,21,22,23,24 
_pdbx_struct_assembly_gen.asym_id_list      A,B,C 
# 
loop_
_pdbx_struct_assembly_prop.biol_id 
_pdbx_struct_assembly_prop.type 
_pdbx_struct_assembly_prop.value 
_pdbx_struct_assembly_prop.details 
1 'ABSA (A^2)' 95090  ? 
1 MORE         -232   ? 
1 'SSA (A^2)'  126760 ? 
# 
loop_
_pdbx_struct_oper_list.id 
_pdbx_struct_oper_list.type 
_pdbx_struct_oper_list.name 
_pdbx_struct_oper_list.symmetry_operation 
_pdbx_struct_oper_list.matrix[1][1] 
_pdbx_struct_oper_list.matrix[1][2] 
_pdbx_struct_oper_list.matrix[1][3] 
_pdbx_struct_oper_list.vector[1] 
_pdbx_struct_oper_list.matrix[2][1] 
_pdbx_struct_oper_list.matrix[2][2] 
_pdbx_struct_oper_list.matrix[2][3] 
_pdbx_struct_oper_list.vector[2] 
_pdbx_struct_oper_list.matrix[3][1] 
_pdbx_struct_oper_list.matrix[3][2] 
_pdbx_struct_oper_list.matrix[3][3] 
_pdbx_struct_oper_list.vector[3] 
1  'identity operation'         1_555  x,y,z    1.0000000000  0.0000000000  0.0000000000  0.0000000000   0.0000000000  1.0000000000  0.0000000000  0.0000000000   0.0000000000  0.0000000000  1.0000000000  0.0000000000   
2  'crystal symmetry operation' 2_555  -x,-y,z  -0.7662582367 0.1557208065  -0.6233773697 -23.3371089876 0.1557208065  -0.8962574371 -0.4152994544 77.9947156693  -0.6233773697 -0.4152994544 0.6625156738  10.7327332459  
3  'crystal symmetry operation' 3_555  -x,y,-z  -0.9918244981 -0.1244922540 -0.0280329040 -37.6771159792 -0.1244922540 0.8957027292  0.4268703546  -12.6276385363 -0.0280329040 0.4268703546  -0.9038782311 45.0903641707  
4  'crystal symmetry operation' 4_555  x,-y,-z  0.7580827348  -0.0312285525 0.6514102737  -24.5414072069 -0.0312285525 -0.9994452920 -0.0115709002 64.7192160964  0.6514102737  -0.0115709002 -0.7586374428 69.3371191010  
5  'crystal symmetry operation' 5_555  z,x,y    0.4023233816  -0.1203608578 -0.9075511889 19.5280000571  -0.9039300994 -0.2093137598 -0.3729586108 31.6646034360  -0.1450733332 0.9704128059  -0.1930096218 2.6670242543   
6  'crystal symmetry operation' 6_555  z,-x,-y  0.2387205782  0.5474299490  -0.8020803803 -8.9890802489  0.8925433344  0.2017277974  0.4033265327  32.4314862221  0.3825949317  -0.8121738402 -0.4404483756 79.6681665366  
7  'crystal symmetry operation' 7_555  -z,-x,y  -0.3586088962 -0.5453003913 0.7576589885  -35.0323248584 0.9330530718  -0.2341555848 0.2730991162  51.5483815463  0.0284890286  0.8048718192  0.5927644810  -12.8239272251 
8  'crystal symmetry operation' 8_555  -z,x,-y  -0.2824350636 0.1182313001  0.9519725807  -61.0622271234 -0.9216663068 0.2417415472  -0.3034670381 14.4418220250  -0.2660106270 -0.9631107849 0.0406935165  55.6489529519  
9  'crystal symmetry operation' 9_555  y,z,x    0.4023233816  -0.9039300994 -0.1450733332 21.1529312109  -0.1203608578 -0.2093137598 0.9704128059  6.3901295454   -0.9075511889 -0.3729586108 -0.1930096218 30.0470075205  
10 'crystal symmetry operation' 10_555 -y,z,-x  -0.3586088962 0.9330530718  0.0284890286  -60.2949378682 -0.5453003913 -0.2341555848 0.8048718192  3.2888186070   0.7576589885  0.2730991162  0.5927644810  20.0663069385  
11 'crystal symmetry operation' 11_555 y,-z,-x  -0.2824350636 -0.9216663068 -0.2660106270 10.8676396323  0.1182313001  0.2417415472  -0.9631107849 57.3243848584  0.9519725807  -0.3034670381 0.0406935165  60.2476313123  
12 'crystal symmetry operation' 12_555 -y,-z,x  0.2387205782  0.8925433344  0.3825949317  -57.2812651488 0.5474299490  0.2017277974  -0.8121738402 63.0829602185  -0.8020803803 0.4033265327  -0.4404483756 14.7992707464  
13 'crystal symmetry operation' 13_555 y,x,-z   0.0030174363  -0.9917233852 0.1283574007  6.9117263822   -0.9917233852 -0.0194434940 -0.1269120868 15.9131120978  0.1283574007  -0.1269120868 -0.9835739423 68.9389413965  
14 'crystal symmetry operation' 14_555 -y,-x,-z -0.2367591996 0.8360025787  0.4950199691  -69.1302495683 0.8360025787  -0.0842990688 0.5422115412  36.1784654623  0.4950199691  0.5422115412  -0.6789417316 45.4885418752  
15 'crystal symmetry operation' 15_555 y,-x,z   0.1168708816  -0.8338730210 -0.5394413609 25.1088444610  0.9895938275  0.0518712814  0.1342141078  47.8014023061  -0.0839360088 -0.5495135621 0.8312578369  21.3556974363  
16 'crystal symmetry operation' 16_555 -y,x,z   0.1168708816  0.9895938275  -0.0839360088 -48.4459534486 -0.8338730210 0.0518712814  -0.5495135621 30.1933133632  -0.5394413609 0.1342141078  0.8312578369  -10.6229641904 
17 'crystal symmetry operation' 17_555 x,z,-y   0.8790413674  0.3317778345  0.3423590848  -24.0895445314 -0.3630063870 0.0002773540  0.9317866097  -4.4074103667  0.3090511890  -0.9433575100 0.1206812786  64.8036682654  
18 'crystal symmetry operation' 18_555 -x,z,y   -0.8353268820 -0.3026548621 -0.4589433894 -15.0524621258 -0.3026548621 -0.4437466985 0.8434980154  14.0863585192  -0.4589433894 0.8434980154  0.2790735805  -14.6903538064 
19 'crystal symmetry operation' 19_555 -x,-z,-y -0.9227558528 0.3338834146  -0.1924668843 -45.9617628410 0.3338834146  0.4431919906  -0.8319271152 51.2807186138  -0.1924668843 -0.8319271152 -0.5204361378 70.5134512231  
20 'crystal symmetry operation' 20_555 x,-z,y   0.8790413674  -0.3630063870 0.3090511890  -0.4518626755  0.3317778345  0.0002773540  -0.9433575100 69.1266264631  0.3423590848  0.9317866097  0.1206812786  4.5334508356   
21 'crystal symmetry operation' 21_555 z,y,-x   0.0040877510  0.1569818011  -0.9875930358 4.4950688834   -0.2814740551 0.9478513646  0.1494996554  -9.0023193211  0.9595601318  0.2773706992  0.0480608845  41.2896383473  
22 'crystal symmetry operation' 22_555 z,-y,x   0.6369562089  0.2700872901  -0.7220385334 6.0438509247   0.2700872901  -0.9554373270 -0.1191317335 73.0984089791  -0.7220385334 -0.1191317335 -0.6815188819 41.0455524435  
23 'crystal symmetry operation' 23_555 -z,y,x   0.0040877510  -0.2814740551 0.9595601318  -42.1721848626 0.1569818011  0.9478513646  0.2773706992  -3.6253192152  -0.9875930358 0.1494996554  0.0480608845  3.8007258234   
24 'crystal symmetry operation' 24_555 -z,-y,-x -0.6451317108 -0.1455950361 0.7500714374  -53.9223671193 -0.1455950361 -0.9402654022 -0.3077386211 69.6155227865  0.7500714374  -0.3077386211 0.5853971130  39.0242999034 
# 
loop_
_pdbx_audit_revision_history.ordinal 
_pdbx_audit_revision_history.data_content_type 
_pdbx_audit_revision_history.major_revision 
_pdbx_audit_revision_history.minor_revision 
_pdbx_audit_revision_history.revision_date 
1 'Structure model' 1 0 1995-11-14 
2 'Structure model' 1 1 2008-03-24 
3 'Structure model' 1 2 2011-07-13 
4 'Structure model' 1 3 2021-11-03 
5 'Structure model' 2 0 2023-11-15 
# 
_pdbx_audit_revision_details.ordinal             1 
_pdbx_audit_revision_details.revision_ordinal    1 
_pdbx_audit_revision_details.data_content_type   'Structure model' 
_pdbx_audit_revision_details.provider            repository 
_pdbx_audit_revision_details.type                'Initial release' 
_pdbx_audit_revision_details.description         ? 
_pdbx_audit_revision_details.details             ? 
# 
loop_
_pdbx_audit_revision_group.ordinal 
_pdbx_audit_revision_group.revision_ordinal 
_pdbx_audit_revision_group.data_content_type 
_pdbx_audit_revision_group.group 
1 2 'Structure model' 'Version format compliance' 
2 3 'Structure model' 'Derived calculations'      
3 3 'Structure model' 'Version format compliance' 
4 4 'Structure model' 'Database references'       
5 4 'Structure model' 'Derived calculations'      
6 4 'Structure model' Other                       
7 5 'Structure model' 'Atomic model'              
8 5 'Structure model' 'Data collection'           
# 
loop_
_pdbx_audit_revision_category.ordinal 
_pdbx_audit_revision_category.revision_ordinal 
_pdbx_audit_revision_category.data_content_type 
_pdbx_audit_revision_category.category 
1 4 'Structure model' database_2           
2 4 'Structure model' pdbx_database_status 
3 4 'Structure model' struct_ref_seq_dif   
4 4 'Structure model' struct_site          
5 5 'Structure model' atom_site            
6 5 'Structure model' chem_comp_atom       
7 5 'Structure model' chem_comp_bond       
# 
loop_
_pdbx_audit_revision_item.ordinal 
_pdbx_audit_revision_item.revision_ordinal 
_pdbx_audit_revision_item.data_content_type 
_pdbx_audit_revision_item.item 
1 4 'Structure model' '_database_2.pdbx_DOI'                
2 4 'Structure model' '_database_2.pdbx_database_accession' 
3 4 'Structure model' '_pdbx_database_status.process_site'  
4 4 'Structure model' '_struct_ref_seq_dif.details'         
5 4 'Structure model' '_struct_site.pdbx_auth_asym_id'      
6 4 'Structure model' '_struct_site.pdbx_auth_comp_id'      
7 4 'Structure model' '_struct_site.pdbx_auth_seq_id'       
8 5 'Structure model' '_atom_site.auth_atom_id'             
9 5 'Structure model' '_atom_site.label_atom_id'            
# 
loop_
_software.name 
_software.classification 
_software.version 
_software.citation_id 
_software.pdbx_ordinal 
X-PLOR 'model building' . ? 1 
X-PLOR refinement       . ? 2 
XENGEN 'data reduction' . ? 3 
X-PLOR phasing          . ? 4 
# 
loop_
_pdbx_validate_torsion.id 
_pdbx_validate_torsion.PDB_model_num 
_pdbx_validate_torsion.auth_comp_id 
_pdbx_validate_torsion.auth_asym_id 
_pdbx_validate_torsion.auth_seq_id 
_pdbx_validate_torsion.PDB_ins_code 
_pdbx_validate_torsion.label_alt_id 
_pdbx_validate_torsion.phi 
_pdbx_validate_torsion.psi 
1 1 LEU A 44 ? ? -104.23 75.72  
2 1 ALA A 90 ? ? 56.90   -67.94 
# 
loop_
_pdbx_unobs_or_zero_occ_residues.id 
_pdbx_unobs_or_zero_occ_residues.PDB_model_num 
_pdbx_unobs_or_zero_occ_residues.polymer_flag 
_pdbx_unobs_or_zero_occ_residues.occupancy_flag 
_pdbx_unobs_or_zero_occ_residues.auth_asym_id 
_pdbx_unobs_or_zero_occ_residues.auth_comp_id 
_pdbx_unobs_or_zero_occ_residues.auth_seq_id 
_pdbx_unobs_or_zero_occ_residues.PDB_ins_code 
_pdbx_unobs_or_zero_occ_residues.label_asym_id 
_pdbx_unobs_or_zero_occ_residues.label_comp_id 
_pdbx_unobs_or_zero_occ_residues.label_seq_id 
1 1 Y 1 A MET 0 ? A MET 1 
2 1 Y 1 A GLU 1 ? A GLU 2 
# 
loop_
_chem_comp_atom.comp_id 
_chem_comp_atom.atom_id 
_chem_comp_atom.type_symbol 
_chem_comp_atom.pdbx_aromatic_flag 
_chem_comp_atom.pdbx_stereo_config 
_chem_comp_atom.pdbx_ordinal 
ALA N    N N N 1   
ALA CA   C N S 2   
ALA C    C N N 3   
ALA O    O N N 4   
ALA CB   C N N 5   
ALA OXT  O N N 6   
ALA H    H N N 7   
ALA H2   H N N 8   
ALA HA   H N N 9   
ALA HB1  H N N 10  
ALA HB2  H N N 11  
ALA HB3  H N N 12  
ALA HXT  H N N 13  
ARG N    N N N 14  
ARG CA   C N S 15  
ARG C    C N N 16  
ARG O    O N N 17  
ARG CB   C N N 18  
ARG CG   C N N 19  
ARG CD   C N N 20  
ARG NE   N N N 21  
ARG CZ   C N N 22  
ARG NH1  N N N 23  
ARG NH2  N N N 24  
ARG OXT  O N N 25  
ARG H    H N N 26  
ARG H2   H N N 27  
ARG HA   H N N 28  
ARG HB2  H N N 29  
ARG HB3  H N N 30  
ARG HG2  H N N 31  
ARG HG3  H N N 32  
ARG HD2  H N N 33  
ARG HD3  H N N 34  
ARG HE   H N N 35  
ARG HH11 H N N 36  
ARG HH12 H N N 37  
ARG HH21 H N N 38  
ARG HH22 H N N 39  
ARG HXT  H N N 40  
ASN N    N N N 41  
ASN CA   C N S 42  
ASN C    C N N 43  
ASN O    O N N 44  
ASN CB   C N N 45  
ASN CG   C N N 46  
ASN OD1  O N N 47  
ASN ND2  N N N 48  
ASN OXT  O N N 49  
ASN H    H N N 50  
ASN H2   H N N 51  
ASN HA   H N N 52  
ASN HB2  H N N 53  
ASN HB3  H N N 54  
ASN HD21 H N N 55  
ASN HD22 H N N 56  
ASN HXT  H N N 57  
ASP N    N N N 58  
ASP CA   C N S 59  
ASP C    C N N 60  
ASP O    O N N 61  
ASP CB   C N N 62  
ASP CG   C N N 63  
ASP OD1  O N N 64  
ASP OD2  O N N 65  
ASP OXT  O N N 66  
ASP H    H N N 67  
ASP H2   H N N 68  
ASP HA   H N N 69  
ASP HB2  H N N 70  
ASP HB3  H N N 71  
ASP HD2  H N N 72  
ASP HXT  H N N 73  
BET N    N N N 74  
BET CA   C N N 75  
BET C    C N N 76  
BET O    O N N 77  
BET OXT  O N N 78  
BET C1   C N N 79  
BET C2   C N N 80  
BET C3   C N N 81  
BET HA2  H N N 82  
BET HA3  H N N 83  
BET HXT  H N N 84  
BET H11  H N N 85  
BET H12  H N N 86  
BET H13  H N N 87  
BET H21  H N N 88  
BET H22  H N N 89  
BET H23  H N N 90  
BET H31  H N N 91  
BET H32  H N N 92  
BET H33  H N N 93  
CYS N    N N N 94  
CYS CA   C N R 95  
CYS C    C N N 96  
CYS O    O N N 97  
CYS CB   C N N 98  
CYS SG   S N N 99  
CYS OXT  O N N 100 
CYS H    H N N 101 
CYS H2   H N N 102 
CYS HA   H N N 103 
CYS HB2  H N N 104 
CYS HB3  H N N 105 
CYS HG   H N N 106 
CYS HXT  H N N 107 
GLN N    N N N 108 
GLN CA   C N S 109 
GLN C    C N N 110 
GLN O    O N N 111 
GLN CB   C N N 112 
GLN CG   C N N 113 
GLN CD   C N N 114 
GLN OE1  O N N 115 
GLN NE2  N N N 116 
GLN OXT  O N N 117 
GLN H    H N N 118 
GLN H2   H N N 119 
GLN HA   H N N 120 
GLN HB2  H N N 121 
GLN HB3  H N N 122 
GLN HG2  H N N 123 
GLN HG3  H N N 124 
GLN HE21 H N N 125 
GLN HE22 H N N 126 
GLN HXT  H N N 127 
GLU N    N N N 128 
GLU CA   C N S 129 
GLU C    C N N 130 
GLU O    O N N 131 
GLU CB   C N N 132 
GLU CG   C N N 133 
GLU CD   C N N 134 
GLU OE1  O N N 135 
GLU OE2  O N N 136 
GLU OXT  O N N 137 
GLU H    H N N 138 
GLU H2   H N N 139 
GLU HA   H N N 140 
GLU HB2  H N N 141 
GLU HB3  H N N 142 
GLU HG2  H N N 143 
GLU HG3  H N N 144 
GLU HE2  H N N 145 
GLU HXT  H N N 146 
GLY N    N N N 147 
GLY CA   C N N 148 
GLY C    C N N 149 
GLY O    O N N 150 
GLY OXT  O N N 151 
GLY H    H N N 152 
GLY H2   H N N 153 
GLY HA2  H N N 154 
GLY HA3  H N N 155 
GLY HXT  H N N 156 
HIS N    N N N 157 
HIS CA   C N S 158 
HIS C    C N N 159 
HIS O    O N N 160 
HIS CB   C N N 161 
HIS CG   C Y N 162 
HIS ND1  N Y N 163 
HIS CD2  C Y N 164 
HIS CE1  C Y N 165 
HIS NE2  N Y N 166 
HIS OXT  O N N 167 
HIS H    H N N 168 
HIS H2   H N N 169 
HIS HA   H N N 170 
HIS HB2  H N N 171 
HIS HB3  H N N 172 
HIS HD1  H N N 173 
HIS HD2  H N N 174 
HIS HE1  H N N 175 
HIS HE2  H N N 176 
HIS HXT  H N N 177 
HOH O    O N N 178 
HOH H1   H N N 179 
HOH H2   H N N 180 
ILE N    N N N 181 
ILE CA   C N S 182 
ILE C    C N N 183 
ILE O    O N N 184 
ILE CB   C N S 185 
ILE CG1  C N N 186 
ILE CG2  C N N 187 
ILE CD1  C N N 188 
ILE OXT  O N N 189 
ILE H    H N N 190 
ILE H2   H N N 191 
ILE HA   H N N 192 
ILE HB   H N N 193 
ILE HG12 H N N 194 
ILE HG13 H N N 195 
ILE HG21 H N N 196 
ILE HG22 H N N 197 
ILE HG23 H N N 198 
ILE HD11 H N N 199 
ILE HD12 H N N 200 
ILE HD13 H N N 201 
ILE HXT  H N N 202 
LEU N    N N N 203 
LEU CA   C N S 204 
LEU C    C N N 205 
LEU O    O N N 206 
LEU CB   C N N 207 
LEU CG   C N N 208 
LEU CD1  C N N 209 
LEU CD2  C N N 210 
LEU OXT  O N N 211 
LEU H    H N N 212 
LEU H2   H N N 213 
LEU HA   H N N 214 
LEU HB2  H N N 215 
LEU HB3  H N N 216 
LEU HG   H N N 217 
LEU HD11 H N N 218 
LEU HD12 H N N 219 
LEU HD13 H N N 220 
LEU HD21 H N N 221 
LEU HD22 H N N 222 
LEU HD23 H N N 223 
LEU HXT  H N N 224 
LYS N    N N N 225 
LYS CA   C N S 226 
LYS C    C N N 227 
LYS O    O N N 228 
LYS CB   C N N 229 
LYS CG   C N N 230 
LYS CD   C N N 231 
LYS CE   C N N 232 
LYS NZ   N N N 233 
LYS OXT  O N N 234 
LYS H    H N N 235 
LYS H2   H N N 236 
LYS HA   H N N 237 
LYS HB2  H N N 238 
LYS HB3  H N N 239 
LYS HG2  H N N 240 
LYS HG3  H N N 241 
LYS HD2  H N N 242 
LYS HD3  H N N 243 
LYS HE2  H N N 244 
LYS HE3  H N N 245 
LYS HZ1  H N N 246 
LYS HZ2  H N N 247 
LYS HZ3  H N N 248 
LYS HXT  H N N 249 
MET N    N N N 250 
MET CA   C N S 251 
MET C    C N N 252 
MET O    O N N 253 
MET CB   C N N 254 
MET CG   C N N 255 
MET SD   S N N 256 
MET CE   C N N 257 
MET OXT  O N N 258 
MET H    H N N 259 
MET H2   H N N 260 
MET HA   H N N 261 
MET HB2  H N N 262 
MET HB3  H N N 263 
MET HG2  H N N 264 
MET HG3  H N N 265 
MET HE1  H N N 266 
MET HE2  H N N 267 
MET HE3  H N N 268 
MET HXT  H N N 269 
PHE N    N N N 270 
PHE CA   C N S 271 
PHE C    C N N 272 
PHE O    O N N 273 
PHE CB   C N N 274 
PHE CG   C Y N 275 
PHE CD1  C Y N 276 
PHE CD2  C Y N 277 
PHE CE1  C Y N 278 
PHE CE2  C Y N 279 
PHE CZ   C Y N 280 
PHE OXT  O N N 281 
PHE H    H N N 282 
PHE H2   H N N 283 
PHE HA   H N N 284 
PHE HB2  H N N 285 
PHE HB3  H N N 286 
PHE HD1  H N N 287 
PHE HD2  H N N 288 
PHE HE1  H N N 289 
PHE HE2  H N N 290 
PHE HZ   H N N 291 
PHE HXT  H N N 292 
PRO N    N N N 293 
PRO CA   C N S 294 
PRO C    C N N 295 
PRO O    O N N 296 
PRO CB   C N N 297 
PRO CG   C N N 298 
PRO CD   C N N 299 
PRO OXT  O N N 300 
PRO H    H N N 301 
PRO HA   H N N 302 
PRO HB2  H N N 303 
PRO HB3  H N N 304 
PRO HG2  H N N 305 
PRO HG3  H N N 306 
PRO HD2  H N N 307 
PRO HD3  H N N 308 
PRO HXT  H N N 309 
SER N    N N N 310 
SER CA   C N S 311 
SER C    C N N 312 
SER O    O N N 313 
SER CB   C N N 314 
SER OG   O N N 315 
SER OXT  O N N 316 
SER H    H N N 317 
SER H2   H N N 318 
SER HA   H N N 319 
SER HB2  H N N 320 
SER HB3  H N N 321 
SER HG   H N N 322 
SER HXT  H N N 323 
THR N    N N N 324 
THR CA   C N S 325 
THR C    C N N 326 
THR O    O N N 327 
THR CB   C N R 328 
THR OG1  O N N 329 
THR CG2  C N N 330 
THR OXT  O N N 331 
THR H    H N N 332 
THR H2   H N N 333 
THR HA   H N N 334 
THR HB   H N N 335 
THR HG1  H N N 336 
THR HG21 H N N 337 
THR HG22 H N N 338 
THR HG23 H N N 339 
THR HXT  H N N 340 
TRP N    N N N 341 
TRP CA   C N S 342 
TRP C    C N N 343 
TRP O    O N N 344 
TRP CB   C N N 345 
TRP CG   C Y N 346 
TRP CD1  C Y N 347 
TRP CD2  C Y N 348 
TRP NE1  N Y N 349 
TRP CE2  C Y N 350 
TRP CE3  C Y N 351 
TRP CZ2  C Y N 352 
TRP CZ3  C Y N 353 
TRP CH2  C Y N 354 
TRP OXT  O N N 355 
TRP H    H N N 356 
TRP H2   H N N 357 
TRP HA   H N N 358 
TRP HB2  H N N 359 
TRP HB3  H N N 360 
TRP HD1  H N N 361 
TRP HE1  H N N 362 
TRP HE3  H N N 363 
TRP HZ2  H N N 364 
TRP HZ3  H N N 365 
TRP HH2  H N N 366 
TRP HXT  H N N 367 
TYR N    N N N 368 
TYR CA   C N S 369 
TYR C    C N N 370 
TYR O    O N N 371 
TYR CB   C N N 372 
TYR CG   C Y N 373 
TYR CD1  C Y N 374 
TYR CD2  C Y N 375 
TYR CE1  C Y N 376 
TYR CE2  C Y N 377 
TYR CZ   C Y N 378 
TYR OH   O N N 379 
TYR OXT  O N N 380 
TYR H    H N N 381 
TYR H2   H N N 382 
TYR HA   H N N 383 
TYR HB2  H N N 384 
TYR HB3  H N N 385 
TYR HD1  H N N 386 
TYR HD2  H N N 387 
TYR HE1  H N N 388 
TYR HE2  H N N 389 
TYR HH   H N N 390 
TYR HXT  H N N 391 
VAL N    N N N 392 
VAL CA   C N S 393 
VAL C    C N N 394 
VAL O    O N N 395 
VAL CB   C N N 396 
VAL CG1  C N N 397 
VAL CG2  C N N 398 
VAL OXT  O N N 399 
VAL H    H N N 400 
VAL H2   H N N 401 
VAL HA   H N N 402 
VAL HB   H N N 403 
VAL HG11 H N N 404 
VAL HG12 H N N 405 
VAL HG13 H N N 406 
VAL HG21 H N N 407 
VAL HG22 H N N 408 
VAL HG23 H N N 409 
VAL HXT  H N N 410 
# 
loop_
_chem_comp_bond.comp_id 
_chem_comp_bond.atom_id_1 
_chem_comp_bond.atom_id_2 
_chem_comp_bond.value_order 
_chem_comp_bond.pdbx_aromatic_flag 
_chem_comp_bond.pdbx_stereo_config 
_chem_comp_bond.pdbx_ordinal 
ALA N   CA   sing N N 1   
ALA N   H    sing N N 2   
ALA N   H2   sing N N 3   
ALA CA  C    sing N N 4   
ALA CA  CB   sing N N 5   
ALA CA  HA   sing N N 6   
ALA C   O    doub N N 7   
ALA C   OXT  sing N N 8   
ALA CB  HB1  sing N N 9   
ALA CB  HB2  sing N N 10  
ALA CB  HB3  sing N N 11  
ALA OXT HXT  sing N N 12  
ARG N   CA   sing N N 13  
ARG N   H    sing N N 14  
ARG N   H2   sing N N 15  
ARG CA  C    sing N N 16  
ARG CA  CB   sing N N 17  
ARG CA  HA   sing N N 18  
ARG C   O    doub N N 19  
ARG C   OXT  sing N N 20  
ARG CB  CG   sing N N 21  
ARG CB  HB2  sing N N 22  
ARG CB  HB3  sing N N 23  
ARG CG  CD   sing N N 24  
ARG CG  HG2  sing N N 25  
ARG CG  HG3  sing N N 26  
ARG CD  NE   sing N N 27  
ARG CD  HD2  sing N N 28  
ARG CD  HD3  sing N N 29  
ARG NE  CZ   sing N N 30  
ARG NE  HE   sing N N 31  
ARG CZ  NH1  sing N N 32  
ARG CZ  NH2  doub N N 33  
ARG NH1 HH11 sing N N 34  
ARG NH1 HH12 sing N N 35  
ARG NH2 HH21 sing N N 36  
ARG NH2 HH22 sing N N 37  
ARG OXT HXT  sing N N 38  
ASN N   CA   sing N N 39  
ASN N   H    sing N N 40  
ASN N   H2   sing N N 41  
ASN CA  C    sing N N 42  
ASN CA  CB   sing N N 43  
ASN CA  HA   sing N N 44  
ASN C   O    doub N N 45  
ASN C   OXT  sing N N 46  
ASN CB  CG   sing N N 47  
ASN CB  HB2  sing N N 48  
ASN CB  HB3  sing N N 49  
ASN CG  OD1  doub N N 50  
ASN CG  ND2  sing N N 51  
ASN ND2 HD21 sing N N 52  
ASN ND2 HD22 sing N N 53  
ASN OXT HXT  sing N N 54  
ASP N   CA   sing N N 55  
ASP N   H    sing N N 56  
ASP N   H2   sing N N 57  
ASP CA  C    sing N N 58  
ASP CA  CB   sing N N 59  
ASP CA  HA   sing N N 60  
ASP C   O    doub N N 61  
ASP C   OXT  sing N N 62  
ASP CB  CG   sing N N 63  
ASP CB  HB2  sing N N 64  
ASP CB  HB3  sing N N 65  
ASP CG  OD1  doub N N 66  
ASP CG  OD2  sing N N 67  
ASP OD2 HD2  sing N N 68  
ASP OXT HXT  sing N N 69  
BET N   CA   sing N N 70  
BET N   C1   sing N N 71  
BET N   C2   sing N N 72  
BET N   C3   sing N N 73  
BET CA  C    sing N N 74  
BET CA  HA2  sing N N 75  
BET CA  HA3  sing N N 76  
BET C   O    doub N N 77  
BET C   OXT  sing N N 78  
BET OXT HXT  sing N N 79  
BET C1  H11  sing N N 80  
BET C1  H12  sing N N 81  
BET C1  H13  sing N N 82  
BET C2  H21  sing N N 83  
BET C2  H22  sing N N 84  
BET C2  H23  sing N N 85  
BET C3  H31  sing N N 86  
BET C3  H32  sing N N 87  
BET C3  H33  sing N N 88  
CYS N   CA   sing N N 89  
CYS N   H    sing N N 90  
CYS N   H2   sing N N 91  
CYS CA  C    sing N N 92  
CYS CA  CB   sing N N 93  
CYS CA  HA   sing N N 94  
CYS C   O    doub N N 95  
CYS C   OXT  sing N N 96  
CYS CB  SG   sing N N 97  
CYS CB  HB2  sing N N 98  
CYS CB  HB3  sing N N 99  
CYS SG  HG   sing N N 100 
CYS OXT HXT  sing N N 101 
GLN N   CA   sing N N 102 
GLN N   H    sing N N 103 
GLN N   H2   sing N N 104 
GLN CA  C    sing N N 105 
GLN CA  CB   sing N N 106 
GLN CA  HA   sing N N 107 
GLN C   O    doub N N 108 
GLN C   OXT  sing N N 109 
GLN CB  CG   sing N N 110 
GLN CB  HB2  sing N N 111 
GLN CB  HB3  sing N N 112 
GLN CG  CD   sing N N 113 
GLN CG  HG2  sing N N 114 
GLN CG  HG3  sing N N 115 
GLN CD  OE1  doub N N 116 
GLN CD  NE2  sing N N 117 
GLN NE2 HE21 sing N N 118 
GLN NE2 HE22 sing N N 119 
GLN OXT HXT  sing N N 120 
GLU N   CA   sing N N 121 
GLU N   H    sing N N 122 
GLU N   H2   sing N N 123 
GLU CA  C    sing N N 124 
GLU CA  CB   sing N N 125 
GLU CA  HA   sing N N 126 
GLU C   O    doub N N 127 
GLU C   OXT  sing N N 128 
GLU CB  CG   sing N N 129 
GLU CB  HB2  sing N N 130 
GLU CB  HB3  sing N N 131 
GLU CG  CD   sing N N 132 
GLU CG  HG2  sing N N 133 
GLU CG  HG3  sing N N 134 
GLU CD  OE1  doub N N 135 
GLU CD  OE2  sing N N 136 
GLU OE2 HE2  sing N N 137 
GLU OXT HXT  sing N N 138 
GLY N   CA   sing N N 139 
GLY N   H    sing N N 140 
GLY N   H2   sing N N 141 
GLY CA  C    sing N N 142 
GLY CA  HA2  sing N N 143 
GLY CA  HA3  sing N N 144 
GLY C   O    doub N N 145 
GLY C   OXT  sing N N 146 
GLY OXT HXT  sing N N 147 
HIS N   CA   sing N N 148 
HIS N   H    sing N N 149 
HIS N   H2   sing N N 150 
HIS CA  C    sing N N 151 
HIS CA  CB   sing N N 152 
HIS CA  HA   sing N N 153 
HIS C   O    doub N N 154 
HIS C   OXT  sing N N 155 
HIS CB  CG   sing N N 156 
HIS CB  HB2  sing N N 157 
HIS CB  HB3  sing N N 158 
HIS CG  ND1  sing Y N 159 
HIS CG  CD2  doub Y N 160 
HIS ND1 CE1  doub Y N 161 
HIS ND1 HD1  sing N N 162 
HIS CD2 NE2  sing Y N 163 
HIS CD2 HD2  sing N N 164 
HIS CE1 NE2  sing Y N 165 
HIS CE1 HE1  sing N N 166 
HIS NE2 HE2  sing N N 167 
HIS OXT HXT  sing N N 168 
HOH O   H1   sing N N 169 
HOH O   H2   sing N N 170 
ILE N   CA   sing N N 171 
ILE N   H    sing N N 172 
ILE N   H2   sing N N 173 
ILE CA  C    sing N N 174 
ILE CA  CB   sing N N 175 
ILE CA  HA   sing N N 176 
ILE C   O    doub N N 177 
ILE C   OXT  sing N N 178 
ILE CB  CG1  sing N N 179 
ILE CB  CG2  sing N N 180 
ILE CB  HB   sing N N 181 
ILE CG1 CD1  sing N N 182 
ILE CG1 HG12 sing N N 183 
ILE CG1 HG13 sing N N 184 
ILE CG2 HG21 sing N N 185 
ILE CG2 HG22 sing N N 186 
ILE CG2 HG23 sing N N 187 
ILE CD1 HD11 sing N N 188 
ILE CD1 HD12 sing N N 189 
ILE CD1 HD13 sing N N 190 
ILE OXT HXT  sing N N 191 
LEU N   CA   sing N N 192 
LEU N   H    sing N N 193 
LEU N   H2   sing N N 194 
LEU CA  C    sing N N 195 
LEU CA  CB   sing N N 196 
LEU CA  HA   sing N N 197 
LEU C   O    doub N N 198 
LEU C   OXT  sing N N 199 
LEU CB  CG   sing N N 200 
LEU CB  HB2  sing N N 201 
LEU CB  HB3  sing N N 202 
LEU CG  CD1  sing N N 203 
LEU CG  CD2  sing N N 204 
LEU CG  HG   sing N N 205 
LEU CD1 HD11 sing N N 206 
LEU CD1 HD12 sing N N 207 
LEU CD1 HD13 sing N N 208 
LEU CD2 HD21 sing N N 209 
LEU CD2 HD22 sing N N 210 
LEU CD2 HD23 sing N N 211 
LEU OXT HXT  sing N N 212 
LYS N   CA   sing N N 213 
LYS N   H    sing N N 214 
LYS N   H2   sing N N 215 
LYS CA  C    sing N N 216 
LYS CA  CB   sing N N 217 
LYS CA  HA   sing N N 218 
LYS C   O    doub N N 219 
LYS C   OXT  sing N N 220 
LYS CB  CG   sing N N 221 
LYS CB  HB2  sing N N 222 
LYS CB  HB3  sing N N 223 
LYS CG  CD   sing N N 224 
LYS CG  HG2  sing N N 225 
LYS CG  HG3  sing N N 226 
LYS CD  CE   sing N N 227 
LYS CD  HD2  sing N N 228 
LYS CD  HD3  sing N N 229 
LYS CE  NZ   sing N N 230 
LYS CE  HE2  sing N N 231 
LYS CE  HE3  sing N N 232 
LYS NZ  HZ1  sing N N 233 
LYS NZ  HZ2  sing N N 234 
LYS NZ  HZ3  sing N N 235 
LYS OXT HXT  sing N N 236 
MET N   CA   sing N N 237 
MET N   H    sing N N 238 
MET N   H2   sing N N 239 
MET CA  C    sing N N 240 
MET CA  CB   sing N N 241 
MET CA  HA   sing N N 242 
MET C   O    doub N N 243 
MET C   OXT  sing N N 244 
MET CB  CG   sing N N 245 
MET CB  HB2  sing N N 246 
MET CB  HB3  sing N N 247 
MET CG  SD   sing N N 248 
MET CG  HG2  sing N N 249 
MET CG  HG3  sing N N 250 
MET SD  CE   sing N N 251 
MET CE  HE1  sing N N 252 
MET CE  HE2  sing N N 253 
MET CE  HE3  sing N N 254 
MET OXT HXT  sing N N 255 
PHE N   CA   sing N N 256 
PHE N   H    sing N N 257 
PHE N   H2   sing N N 258 
PHE CA  C    sing N N 259 
PHE CA  CB   sing N N 260 
PHE CA  HA   sing N N 261 
PHE C   O    doub N N 262 
PHE C   OXT  sing N N 263 
PHE CB  CG   sing N N 264 
PHE CB  HB2  sing N N 265 
PHE CB  HB3  sing N N 266 
PHE CG  CD1  doub Y N 267 
PHE CG  CD2  sing Y N 268 
PHE CD1 CE1  sing Y N 269 
PHE CD1 HD1  sing N N 270 
PHE CD2 CE2  doub Y N 271 
PHE CD2 HD2  sing N N 272 
PHE CE1 CZ   doub Y N 273 
PHE CE1 HE1  sing N N 274 
PHE CE2 CZ   sing Y N 275 
PHE CE2 HE2  sing N N 276 
PHE CZ  HZ   sing N N 277 
PHE OXT HXT  sing N N 278 
PRO N   CA   sing N N 279 
PRO N   CD   sing N N 280 
PRO N   H    sing N N 281 
PRO CA  C    sing N N 282 
PRO CA  CB   sing N N 283 
PRO CA  HA   sing N N 284 
PRO C   O    doub N N 285 
PRO C   OXT  sing N N 286 
PRO CB  CG   sing N N 287 
PRO CB  HB2  sing N N 288 
PRO CB  HB3  sing N N 289 
PRO CG  CD   sing N N 290 
PRO CG  HG2  sing N N 291 
PRO CG  HG3  sing N N 292 
PRO CD  HD2  sing N N 293 
PRO CD  HD3  sing N N 294 
PRO OXT HXT  sing N N 295 
SER N   CA   sing N N 296 
SER N   H    sing N N 297 
SER N   H2   sing N N 298 
SER CA  C    sing N N 299 
SER CA  CB   sing N N 300 
SER CA  HA   sing N N 301 
SER C   O    doub N N 302 
SER C   OXT  sing N N 303 
SER CB  OG   sing N N 304 
SER CB  HB2  sing N N 305 
SER CB  HB3  sing N N 306 
SER OG  HG   sing N N 307 
SER OXT HXT  sing N N 308 
THR N   CA   sing N N 309 
THR N   H    sing N N 310 
THR N   H2   sing N N 311 
THR CA  C    sing N N 312 
THR CA  CB   sing N N 313 
THR CA  HA   sing N N 314 
THR C   O    doub N N 315 
THR C   OXT  sing N N 316 
THR CB  OG1  sing N N 317 
THR CB  CG2  sing N N 318 
THR CB  HB   sing N N 319 
THR OG1 HG1  sing N N 320 
THR CG2 HG21 sing N N 321 
THR CG2 HG22 sing N N 322 
THR CG2 HG23 sing N N 323 
THR OXT HXT  sing N N 324 
TRP N   CA   sing N N 325 
TRP N   H    sing N N 326 
TRP N   H2   sing N N 327 
TRP CA  C    sing N N 328 
TRP CA  CB   sing N N 329 
TRP CA  HA   sing N N 330 
TRP C   O    doub N N 331 
TRP C   OXT  sing N N 332 
TRP CB  CG   sing N N 333 
TRP CB  HB2  sing N N 334 
TRP CB  HB3  sing N N 335 
TRP CG  CD1  doub Y N 336 
TRP CG  CD2  sing Y N 337 
TRP CD1 NE1  sing Y N 338 
TRP CD1 HD1  sing N N 339 
TRP CD2 CE2  doub Y N 340 
TRP CD2 CE3  sing Y N 341 
TRP NE1 CE2  sing Y N 342 
TRP NE1 HE1  sing N N 343 
TRP CE2 CZ2  sing Y N 344 
TRP CE3 CZ3  doub Y N 345 
TRP CE3 HE3  sing N N 346 
TRP CZ2 CH2  doub Y N 347 
TRP CZ2 HZ2  sing N N 348 
TRP CZ3 CH2  sing Y N 349 
TRP CZ3 HZ3  sing N N 350 
TRP CH2 HH2  sing N N 351 
TRP OXT HXT  sing N N 352 
TYR N   CA   sing N N 353 
TYR N   H    sing N N 354 
TYR N   H2   sing N N 355 
TYR CA  C    sing N N 356 
TYR CA  CB   sing N N 357 
TYR CA  HA   sing N N 358 
TYR C   O    doub N N 359 
TYR C   OXT  sing N N 360 
TYR CB  CG   sing N N 361 
TYR CB  HB2  sing N N 362 
TYR CB  HB3  sing N N 363 
TYR CG  CD1  doub Y N 364 
TYR CG  CD2  sing Y N 365 
TYR CD1 CE1  sing Y N 366 
TYR CD1 HD1  sing N N 367 
TYR CD2 CE2  doub Y N 368 
TYR CD2 HD2  sing N N 369 
TYR CE1 CZ   doub Y N 370 
TYR CE1 HE1  sing N N 371 
TYR CE2 CZ   sing Y N 372 
TYR CE2 HE2  sing N N 373 
TYR CZ  OH   sing N N 374 
TYR OH  HH   sing N N 375 
TYR OXT HXT  sing N N 376 
VAL N   CA   sing N N 377 
VAL N   H    sing N N 378 
VAL N   H2   sing N N 379 
VAL CA  C    sing N N 380 
VAL CA  CB   sing N N 381 
VAL CA  HA   sing N N 382 
VAL C   O    doub N N 383 
VAL C   OXT  sing N N 384 
VAL CB  CG1  sing N N 385 
VAL CB  CG2  sing N N 386 
VAL CB  HB   sing N N 387 
VAL CG1 HG11 sing N N 388 
VAL CG1 HG12 sing N N 389 
VAL CG1 HG13 sing N N 390 
VAL CG2 HG21 sing N N 391 
VAL CG2 HG22 sing N N 392 
VAL CG2 HG23 sing N N 393 
VAL OXT HXT  sing N N 394 
# 
loop_
_pdbx_entity_nonpoly.entity_id 
_pdbx_entity_nonpoly.name 
_pdbx_entity_nonpoly.comp_id 
2 'TRIMETHYL GLYCINE' BET 
3 water               HOH 
# 
